data_7ZQS
#
_entry.id   7ZQS
#
_cell.length_a   1.00
_cell.length_b   1.00
_cell.length_c   1.00
_cell.angle_alpha   90.00
_cell.angle_beta   90.00
_cell.angle_gamma   90.00
#
_symmetry.space_group_name_H-M   'P 1'
#
loop_
_entity.id
_entity.type
_entity.pdbx_description
1 polymer 'DNA (30-MER)'
2 polymer 'Transferrin receptor protein 1'
3 branched 2-acetamido-2-deoxy-beta-D-glucopyranose-(1-4)-2-acetamido-2-deoxy-beta-D-glucopyranose
4 non-polymer 'MAGNESIUM ION'
5 non-polymer 2-acetamido-2-deoxy-beta-D-glucopyranose
#
loop_
_entity_poly.entity_id
_entity_poly.type
_entity_poly.pdbx_seq_one_letter_code
_entity_poly.pdbx_strand_id
1 'polydeoxyribonucleotide'
;(DG)(DC)(DA)(DG)(DC)(DA)(DG)(DC)(DG)(DT)(DA)(DA)(DA)(DG)(DG)(DG)(DG)(DG)(DT)(DG)
(DT)(DT)(DT)(DG)(DT)(DG)(DC)(DG)(DG)(DT)(DG)(DT)(DG)(DG)(DA)(DG)(DT)(DG)(DC)(DG)
(DC)(DG)(DT)(DG)(DC)(DT)(DG)(DC)(DT)(DG)(DC)
;
A,C
2 'polypeptide(L)'
;MMDQARSAFSNLFGGEPLSYTRFSLARQVDGDNSHVEMKLAVDEEENADNNTKANVTKPKRCSGSICYGTIAVIVFFLIG
FMIGYLGYCKGVEPKTECERLAGTESPVREEPGEDFPAARRLYWDDLKRKLSEKLDSTDFTGTIKLLNENSYVPREAGSQ
KDENLALYVENQFREFKLSKVWRDQHFVKIQVKDSAQNSVIIVDKNGRLVYLVENPGGYVAYSKAATVTGKLVHANFGTK
KDFEDLYTPVNGSIVIVRAGKITFAEKVANAESLNAIGVLIYMDQTKFPIVNAELSFFGHAHLGTGDPYTPGFPSFNHTQ
FPPSRSSGLPNIPVQTISRAAAEKLFGNMEGDCPSDWKTDSTCRMVTSESKNVKLTVSNVLKEIKILNIFGVIKGFVEPD
HYVVVGAQRDAWGPGAAKSGVGTALLLKLAQMFSDMVLKDGFQPSRSIIFASWSAGDFGSVGATEWLEGYLSSLHLKAFT
YINLDKAVLGTSNFKVSASPLLYTLIEKTMQNVKHPVTGQFLYQDSNWASKVEKLTLDNAAFPFLAYSGIPAVSFCFCED
TDYPYLGTTMDTYKELIERIPELNKVARAAAEVAGQFVIKLTHDVELNLDYERYNSQLLSFVRDLNQYRADIKEMGLSLQ
WLYSARGDFFRATSRLTTDFGNAEKTDRFVMKKLNDRVMRVEYHFLSPYVSPKESPFRHVFWGSGSHTLPALLENLKLRK
QNNGAFNETLFRNQLALATWTIQGAANALSGDVWDIDNEF
;
B,D
#
# COMPACT_ATOMS: atom_id res chain seq x y z
N ARG B 120 -14.72 -1.55 37.43
CA ARG B 120 -14.48 -0.14 37.14
C ARG B 120 -15.11 0.75 38.20
N ARG B 121 -14.26 1.47 38.94
CA ARG B 121 -14.77 2.38 39.97
C ARG B 121 -15.58 3.51 39.36
N LEU B 122 -15.13 4.03 38.23
CA LEU B 122 -15.81 5.13 37.54
C LEU B 122 -16.51 4.59 36.30
N TYR B 123 -17.82 4.81 36.22
CA TYR B 123 -18.60 4.43 35.05
C TYR B 123 -18.86 5.66 34.19
N TRP B 124 -19.67 5.47 33.15
CA TRP B 124 -19.89 6.54 32.18
C TRP B 124 -20.56 7.75 32.82
N ASP B 125 -21.53 7.52 33.69
CA ASP B 125 -22.26 8.63 34.29
C ASP B 125 -21.36 9.46 35.21
N ASP B 126 -20.64 8.78 36.11
CA ASP B 126 -19.75 9.49 37.02
C ASP B 126 -18.66 10.23 36.26
N LEU B 127 -18.11 9.60 35.23
CA LEU B 127 -17.01 10.19 34.50
C LEU B 127 -17.48 11.37 33.64
N LYS B 128 -18.69 11.26 33.08
CA LYS B 128 -19.30 12.40 32.39
C LYS B 128 -19.54 13.56 33.35
N ARG B 129 -20.01 13.26 34.57
CA ARG B 129 -20.20 14.31 35.55
C ARG B 129 -18.87 14.97 35.92
N LYS B 130 -17.81 14.17 36.07
CA LYS B 130 -16.50 14.73 36.36
C LYS B 130 -16.03 15.63 35.23
N LEU B 131 -16.22 15.21 33.99
CA LEU B 131 -15.84 16.05 32.85
C LEU B 131 -16.62 17.35 32.85
N SER B 132 -17.93 17.27 33.13
CA SER B 132 -18.76 18.47 33.14
C SER B 132 -18.31 19.44 34.22
N GLU B 133 -17.99 18.93 35.42
CA GLU B 133 -17.58 19.83 36.49
C GLU B 133 -16.16 20.35 36.29
N LYS B 134 -15.31 19.61 35.56
CA LYS B 134 -14.02 20.17 35.15
C LYS B 134 -14.23 21.31 34.15
N LEU B 135 -15.15 21.11 33.21
CA LEU B 135 -15.42 22.13 32.20
C LEU B 135 -16.00 23.40 32.82
N ASP B 136 -16.89 23.23 33.81
CA ASP B 136 -17.55 24.38 34.40
C ASP B 136 -16.59 25.32 35.10
N SER B 137 -15.40 24.86 35.46
CA SER B 137 -14.38 25.70 36.09
C SER B 137 -13.19 25.96 35.19
N THR B 138 -13.41 26.02 33.87
CA THR B 138 -12.34 26.21 32.91
C THR B 138 -12.54 27.54 32.20
N ASP B 139 -11.46 28.29 32.01
CA ASP B 139 -11.50 29.61 31.39
C ASP B 139 -10.95 29.50 29.98
N PHE B 140 -11.84 29.25 29.01
CA PHE B 140 -11.41 29.18 27.61
C PHE B 140 -11.16 30.55 27.04
N THR B 141 -11.97 31.54 27.44
CA THR B 141 -11.79 32.90 26.95
C THR B 141 -10.42 33.45 27.33
N GLY B 142 -10.00 33.21 28.58
CA GLY B 142 -8.68 33.64 28.99
C GLY B 142 -7.57 32.99 28.20
N THR B 143 -7.71 31.70 27.90
CA THR B 143 -6.70 30.99 27.13
C THR B 143 -6.61 31.54 25.71
N ILE B 144 -7.76 31.78 25.07
CA ILE B 144 -7.74 32.34 23.72
C ILE B 144 -7.13 33.74 23.72
N LYS B 145 -7.50 34.55 24.70
CA LYS B 145 -6.94 35.90 24.80
C LYS B 145 -5.43 35.85 24.99
N LEU B 146 -4.95 34.92 25.82
CA LEU B 146 -3.52 34.76 26.00
C LEU B 146 -2.83 34.32 24.72
N LEU B 147 -3.45 33.40 23.99
CA LEU B 147 -2.87 32.94 22.74
C LEU B 147 -2.88 34.02 21.66
N ASN B 148 -3.71 35.05 21.81
CA ASN B 148 -3.71 36.18 20.88
C ASN B 148 -2.91 37.35 21.40
N GLU B 149 -1.93 37.11 22.28
CA GLU B 149 -1.07 38.17 22.75
C GLU B 149 0.01 38.49 21.72
N ASN B 150 0.63 39.65 21.89
CA ASN B 150 1.67 40.09 20.95
C ASN B 150 2.86 39.16 20.92
N SER B 151 3.06 38.35 21.97
CA SER B 151 4.15 37.39 21.98
C SER B 151 3.89 36.19 21.07
N TYR B 152 2.68 36.08 20.51
CA TYR B 152 2.32 34.92 19.71
C TYR B 152 1.67 35.26 18.38
N VAL B 153 1.42 36.53 18.07
CA VAL B 153 0.85 36.92 16.78
C VAL B 153 1.67 38.05 16.18
N PRO B 154 1.84 38.10 14.84
CA PRO B 154 1.39 37.11 13.87
C PRO B 154 2.19 35.83 13.96
N ARG B 155 1.62 34.72 13.50
CA ARG B 155 2.10 33.39 13.86
C ARG B 155 2.30 32.53 12.63
N GLU B 156 2.96 33.07 11.61
CA GLU B 156 3.17 32.32 10.38
C GLU B 156 4.03 31.09 10.65
N ALA B 157 3.83 30.06 9.83
CA ALA B 157 4.55 28.80 10.01
C ALA B 157 6.05 29.00 9.94
N GLY B 158 6.76 28.42 10.90
CA GLY B 158 8.20 28.50 10.94
C GLY B 158 8.77 29.80 11.46
N SER B 159 7.92 30.74 11.86
CA SER B 159 8.41 32.02 12.36
C SER B 159 8.87 31.89 13.81
N GLN B 160 9.30 33.02 14.38
CA GLN B 160 9.73 33.01 15.77
C GLN B 160 8.54 32.94 16.70
N LYS B 161 7.44 33.61 16.36
CA LYS B 161 6.24 33.56 17.19
C LYS B 161 5.64 32.15 17.21
N ASP B 162 5.66 31.47 16.07
CA ASP B 162 5.19 30.09 16.02
C ASP B 162 6.03 29.20 16.94
N GLU B 163 7.34 29.36 16.92
CA GLU B 163 8.21 28.57 17.79
C GLU B 163 7.98 28.94 19.25
N ASN B 164 7.74 30.21 19.55
CA ASN B 164 7.45 30.63 20.92
C ASN B 164 6.18 29.97 21.42
N LEU B 165 5.13 29.95 20.60
CA LEU B 165 3.90 29.30 21.01
C LEU B 165 4.07 27.78 21.12
N ALA B 166 4.91 27.19 20.26
CA ALA B 166 5.20 25.77 20.40
C ALA B 166 5.89 25.47 21.72
N LEU B 167 6.85 26.31 22.10
CA LEU B 167 7.50 26.14 23.40
C LEU B 167 6.52 26.33 24.55
N TYR B 168 5.60 27.29 24.42
CA TYR B 168 4.59 27.49 25.45
C TYR B 168 3.70 26.25 25.57
N VAL B 169 3.29 25.70 24.44
CA VAL B 169 2.44 24.50 24.46
C VAL B 169 3.17 23.33 25.08
N GLU B 170 4.46 23.18 24.75
CA GLU B 170 5.25 22.10 25.33
C GLU B 170 5.40 22.27 26.84
N ASN B 171 5.66 23.48 27.30
CA ASN B 171 5.78 23.72 28.73
C ASN B 171 4.45 23.52 29.44
N GLN B 172 3.33 23.83 28.78
CA GLN B 172 2.02 23.56 29.36
C GLN B 172 1.77 22.06 29.47
N PHE B 173 2.10 21.32 28.42
CA PHE B 173 1.94 19.87 28.47
C PHE B 173 2.79 19.26 29.57
N ARG B 174 4.00 19.78 29.76
CA ARG B 174 4.84 19.31 30.86
C ARG B 174 4.25 19.72 32.20
N GLU B 175 3.65 20.91 32.28
CA GLU B 175 3.04 21.34 33.53
C GLU B 175 1.82 20.52 33.87
N PHE B 176 1.09 20.04 32.86
CA PHE B 176 -0.07 19.19 33.10
C PHE B 176 0.33 17.81 33.62
N LYS B 177 1.62 17.49 33.61
CA LYS B 177 2.13 16.18 34.02
C LYS B 177 1.55 15.07 33.16
N LEU B 178 1.53 15.28 31.85
CA LEU B 178 1.19 14.22 30.92
C LEU B 178 2.26 13.13 30.99
N SER B 179 1.90 11.95 30.48
CA SER B 179 2.80 10.81 30.58
C SER B 179 4.12 11.08 29.87
N LYS B 180 4.06 11.64 28.66
CA LYS B 180 5.26 12.00 27.93
C LYS B 180 4.96 13.16 27.01
N VAL B 181 5.91 14.08 26.91
CA VAL B 181 5.84 15.23 26.01
C VAL B 181 7.05 15.18 25.10
N TRP B 182 6.83 15.25 23.79
CA TRP B 182 7.93 15.18 22.85
C TRP B 182 7.67 16.09 21.66
N ARG B 183 8.75 16.41 20.96
CA ARG B 183 8.76 17.36 19.85
C ARG B 183 8.95 16.61 18.54
N ASP B 184 8.73 17.32 17.43
CA ASP B 184 8.89 16.74 16.11
C ASP B 184 9.24 17.86 15.13
N GLN B 185 10.48 17.87 14.66
CA GLN B 185 10.96 18.90 13.75
C GLN B 185 10.90 18.42 12.31
N HIS B 186 10.32 19.23 11.45
CA HIS B 186 10.31 19.00 10.01
C HIS B 186 10.86 20.22 9.31
N PHE B 187 11.51 20.00 8.18
CA PHE B 187 12.00 21.08 7.33
C PHE B 187 11.23 21.04 6.02
N VAL B 188 10.32 21.99 5.85
CA VAL B 188 9.38 21.99 4.73
C VAL B 188 9.61 23.23 3.89
N LYS B 189 9.20 23.15 2.63
CA LYS B 189 9.30 24.27 1.71
C LYS B 189 7.94 24.93 1.57
N ILE B 190 7.90 26.24 1.83
CA ILE B 190 6.68 27.02 1.73
C ILE B 190 6.97 28.24 0.87
N GLN B 191 5.91 28.84 0.34
CA GLN B 191 6.05 30.05 -0.47
C GLN B 191 5.76 31.28 0.38
N VAL B 192 6.57 32.31 0.17
CA VAL B 192 6.41 33.58 0.86
C VAL B 192 6.50 34.70 -0.16
N LYS B 193 6.03 35.88 0.22
CA LYS B 193 6.10 37.03 -0.66
C LYS B 193 7.54 37.46 -0.88
N ASP B 194 7.87 37.79 -2.12
CA ASP B 194 9.20 38.30 -2.44
C ASP B 194 9.34 39.74 -1.99
N SER B 195 10.56 40.26 -2.10
CA SER B 195 10.76 41.70 -1.92
C SER B 195 10.01 42.48 -3.00
N ALA B 196 10.04 41.99 -4.24
CA ALA B 196 9.23 42.58 -5.29
C ALA B 196 7.76 42.28 -5.03
N GLN B 197 6.91 43.28 -5.23
CA GLN B 197 5.50 43.15 -4.91
C GLN B 197 4.74 42.49 -6.05
N ASN B 198 3.85 41.56 -5.69
CA ASN B 198 2.88 41.06 -6.66
C ASN B 198 1.95 42.19 -7.05
N SER B 199 1.56 42.22 -8.33
CA SER B 199 0.75 43.32 -8.84
C SER B 199 -0.28 42.80 -9.82
N VAL B 200 -1.44 43.43 -9.80
CA VAL B 200 -2.48 43.24 -10.80
C VAL B 200 -2.67 44.57 -11.50
N ILE B 201 -2.50 44.58 -12.82
CA ILE B 201 -2.42 45.82 -13.59
C ILE B 201 -3.33 45.72 -14.80
N ILE B 202 -4.10 46.78 -15.05
CA ILE B 202 -4.87 46.91 -16.29
C ILE B 202 -3.95 47.44 -17.37
N VAL B 203 -3.88 46.74 -18.49
CA VAL B 203 -3.02 47.12 -19.61
C VAL B 203 -3.86 47.23 -20.87
N ASP B 204 -3.38 48.03 -21.81
CA ASP B 204 -4.08 48.22 -23.07
C ASP B 204 -3.86 47.00 -23.97
N LYS B 205 -4.39 47.08 -25.19
CA LYS B 205 -4.23 45.99 -26.14
C LYS B 205 -2.77 45.82 -26.54
N ASN B 206 -1.97 46.89 -26.47
CA ASN B 206 -0.57 46.85 -26.81
C ASN B 206 0.34 46.63 -25.61
N GLY B 207 -0.23 46.40 -24.43
CA GLY B 207 0.55 46.17 -23.23
C GLY B 207 0.95 47.40 -22.46
N ARG B 208 0.60 48.59 -22.93
CA ARG B 208 0.96 49.82 -22.23
C ARG B 208 0.18 49.93 -20.92
N LEU B 209 0.82 50.58 -19.95
CA LEU B 209 0.19 50.81 -18.65
C LEU B 209 -1.06 51.68 -18.80
N VAL B 210 -2.14 51.28 -18.13
CA VAL B 210 -3.34 52.10 -18.05
C VAL B 210 -3.42 52.69 -16.66
N TYR B 211 -3.56 51.84 -15.64
CA TYR B 211 -3.47 52.25 -14.26
C TYR B 211 -3.37 51.02 -13.38
N LEU B 212 -2.58 51.15 -12.30
CA LEU B 212 -2.40 50.04 -11.37
C LEU B 212 -3.68 49.77 -10.61
N VAL B 213 -4.02 48.49 -10.44
CA VAL B 213 -5.21 48.12 -9.69
C VAL B 213 -4.88 47.99 -8.21
N GLU B 214 -3.98 47.07 -7.87
CA GLU B 214 -3.62 46.84 -6.48
C GLU B 214 -2.32 46.07 -6.40
N ASN B 215 -1.51 46.42 -5.39
CA ASN B 215 -0.39 45.60 -4.95
C ASN B 215 -0.87 44.83 -3.73
N PRO B 216 -1.38 43.61 -3.89
CA PRO B 216 -2.04 42.93 -2.76
C PRO B 216 -1.10 42.69 -1.59
N GLY B 217 -1.65 42.83 -0.38
CA GLY B 217 -0.90 42.49 0.81
C GLY B 217 -0.87 41.01 1.12
N GLY B 218 -1.88 40.27 0.68
CA GLY B 218 -1.90 38.83 0.81
C GLY B 218 -1.42 38.14 -0.45
N TYR B 219 -1.38 36.82 -0.38
CA TYR B 219 -0.89 36.02 -1.49
C TYR B 219 -1.43 34.60 -1.37
N VAL B 220 -1.29 33.84 -2.44
CA VAL B 220 -1.64 32.43 -2.46
C VAL B 220 -0.34 31.64 -2.47
N ALA B 221 -0.11 30.88 -1.40
CA ALA B 221 1.08 30.05 -1.33
C ALA B 221 1.04 28.96 -2.40
N TYR B 222 2.22 28.61 -2.90
CA TYR B 222 2.43 27.60 -3.94
C TYR B 222 1.87 28.02 -5.28
N SER B 223 1.49 29.28 -5.44
CA SER B 223 1.20 29.81 -6.76
C SER B 223 2.50 29.92 -7.57
N LYS B 224 2.43 29.62 -8.86
CA LYS B 224 3.60 29.73 -9.70
C LYS B 224 4.02 31.19 -9.84
N ALA B 225 5.30 31.46 -9.66
CA ALA B 225 5.84 32.81 -9.80
C ALA B 225 6.00 33.10 -11.29
N ALA B 226 5.05 33.84 -11.85
CA ALA B 226 5.06 34.13 -13.28
C ALA B 226 4.25 35.39 -13.55
N THR B 227 4.45 35.95 -14.73
CA THR B 227 3.69 37.10 -15.21
C THR B 227 2.84 36.67 -16.39
N VAL B 228 1.54 36.91 -16.29
CA VAL B 228 0.59 36.53 -17.33
C VAL B 228 -0.25 37.75 -17.70
N THR B 229 -0.52 37.90 -18.99
CA THR B 229 -1.33 38.99 -19.50
C THR B 229 -2.42 38.42 -20.41
N GLY B 230 -3.63 38.95 -20.29
CA GLY B 230 -4.70 38.49 -21.14
C GLY B 230 -6.04 39.00 -20.66
N LYS B 231 -7.09 38.45 -21.26
CA LYS B 231 -8.44 38.83 -20.91
C LYS B 231 -8.80 38.30 -19.52
N LEU B 232 -9.64 39.06 -18.80
CA LEU B 232 -10.11 38.65 -17.49
C LEU B 232 -11.60 38.33 -17.59
N VAL B 233 -11.97 37.11 -17.20
CA VAL B 233 -13.33 36.63 -17.29
C VAL B 233 -13.75 36.12 -15.92
N HIS B 234 -15.04 36.21 -15.60
CA HIS B 234 -15.54 35.92 -14.27
C HIS B 234 -16.18 34.54 -14.22
N ALA B 235 -15.66 33.68 -13.36
CA ALA B 235 -16.34 32.47 -12.94
C ALA B 235 -16.90 32.70 -11.54
N ASN B 236 -18.03 32.06 -11.24
CA ASN B 236 -18.71 32.34 -9.99
C ASN B 236 -17.85 31.98 -8.78
N PHE B 237 -17.58 30.69 -8.59
CA PHE B 237 -16.78 30.22 -7.47
C PHE B 237 -15.61 29.37 -7.91
N GLY B 238 -15.44 29.13 -9.21
CA GLY B 238 -14.41 28.24 -9.68
C GLY B 238 -14.79 26.78 -9.67
N THR B 239 -16.02 26.45 -9.28
CA THR B 239 -16.46 25.06 -9.32
C THR B 239 -16.63 24.60 -10.77
N LYS B 240 -16.61 23.28 -10.95
CA LYS B 240 -16.69 22.72 -12.30
C LYS B 240 -18.01 23.09 -12.97
N LYS B 241 -19.10 23.14 -12.19
CA LYS B 241 -20.37 23.57 -12.75
C LYS B 241 -20.32 25.02 -13.20
N ASP B 242 -19.64 25.88 -12.45
CA ASP B 242 -19.51 27.28 -12.83
C ASP B 242 -18.76 27.43 -14.14
N PHE B 243 -17.69 26.64 -14.32
CA PHE B 243 -16.93 26.73 -15.56
C PHE B 243 -17.69 26.13 -16.74
N GLU B 244 -18.37 25.01 -16.51
CA GLU B 244 -19.11 24.36 -17.60
C GLU B 244 -20.24 25.24 -18.10
N ASP B 245 -20.97 25.88 -17.19
CA ASP B 245 -22.13 26.70 -17.54
C ASP B 245 -21.76 28.15 -17.85
N LEU B 246 -20.51 28.39 -18.25
CA LEU B 246 -20.03 29.75 -18.50
C LEU B 246 -20.00 30.01 -20.00
N TYR B 247 -20.56 31.16 -20.41
CA TYR B 247 -20.68 31.46 -21.84
C TYR B 247 -19.30 31.69 -22.47
N THR B 248 -18.48 32.52 -21.85
CA THR B 248 -17.17 32.83 -22.42
C THR B 248 -16.19 31.69 -22.14
N PRO B 249 -15.53 31.15 -23.15
CA PRO B 249 -14.55 30.08 -22.90
C PRO B 249 -13.34 30.61 -22.16
N VAL B 250 -13.00 29.94 -21.06
CA VAL B 250 -11.86 30.35 -20.24
C VAL B 250 -10.60 29.61 -20.68
N ASN B 251 -9.96 30.11 -21.73
CA ASN B 251 -8.67 29.59 -22.18
C ASN B 251 -7.80 30.76 -22.63
N GLY B 252 -6.53 30.72 -22.24
CA GLY B 252 -5.64 31.82 -22.50
C GLY B 252 -6.08 33.12 -21.86
N SER B 253 -6.92 33.03 -20.83
CA SER B 253 -7.45 34.20 -20.15
C SER B 253 -7.38 33.98 -18.65
N ILE B 254 -7.31 35.08 -17.92
CA ILE B 254 -7.29 35.05 -16.46
C ILE B 254 -8.72 34.99 -15.96
N VAL B 255 -9.00 34.07 -15.04
CA VAL B 255 -10.32 33.92 -14.45
C VAL B 255 -10.31 34.57 -13.08
N ILE B 256 -11.36 35.30 -12.76
CA ILE B 256 -11.56 35.87 -11.43
C ILE B 256 -12.72 35.14 -10.78
N VAL B 257 -12.49 34.63 -9.57
CA VAL B 257 -13.48 33.82 -8.87
C VAL B 257 -13.69 34.38 -7.48
N ARG B 258 -14.86 34.09 -6.92
CA ARG B 258 -15.16 34.49 -5.55
C ARG B 258 -14.66 33.43 -4.59
N ALA B 259 -14.14 33.88 -3.45
CA ALA B 259 -13.69 32.96 -2.43
C ALA B 259 -14.88 32.23 -1.82
N GLY B 260 -14.69 30.95 -1.54
CA GLY B 260 -15.68 30.16 -0.84
C GLY B 260 -16.23 29.01 -1.66
N LYS B 261 -16.93 28.13 -0.95
CA LYS B 261 -17.68 26.99 -1.47
C LYS B 261 -16.76 25.86 -1.94
N ILE B 262 -15.47 26.16 -2.09
CA ILE B 262 -14.43 25.18 -2.44
C ILE B 262 -13.10 25.81 -2.08
N THR B 263 -12.08 24.97 -1.93
CA THR B 263 -10.75 25.45 -1.57
C THR B 263 -10.14 26.23 -2.73
N PHE B 264 -9.14 27.06 -2.40
CA PHE B 264 -8.42 27.79 -3.44
C PHE B 264 -7.76 26.83 -4.41
N ALA B 265 -7.23 25.72 -3.89
CA ALA B 265 -6.58 24.74 -4.76
C ALA B 265 -7.56 24.17 -5.77
N GLU B 266 -8.80 23.90 -5.34
CA GLU B 266 -9.81 23.39 -6.27
C GLU B 266 -10.13 24.42 -7.36
N LYS B 267 -10.26 25.69 -6.96
CA LYS B 267 -10.51 26.74 -7.96
C LYS B 267 -9.38 26.78 -8.99
N VAL B 268 -8.14 26.76 -8.50
CA VAL B 268 -7.00 26.87 -9.41
C VAL B 268 -6.91 25.65 -10.31
N ALA B 269 -7.16 24.46 -9.76
CA ALA B 269 -7.12 23.26 -10.59
C ALA B 269 -8.21 23.28 -11.65
N ASN B 270 -9.42 23.72 -11.29
CA ASN B 270 -10.49 23.79 -12.27
C ASN B 270 -10.16 24.79 -13.37
N ALA B 271 -9.60 25.95 -13.00
CA ALA B 271 -9.23 26.93 -14.01
C ALA B 271 -8.10 26.41 -14.89
N GLU B 272 -7.14 25.70 -14.30
CA GLU B 272 -5.98 25.24 -15.06
C GLU B 272 -6.36 24.11 -16.01
N SER B 273 -7.31 23.27 -15.62
CA SER B 273 -7.74 22.17 -16.49
C SER B 273 -8.40 22.69 -17.76
N LEU B 274 -8.87 23.94 -17.76
CA LEU B 274 -9.43 24.56 -18.95
C LEU B 274 -8.45 25.51 -19.63
N ASN B 275 -7.18 25.45 -19.27
CA ASN B 275 -6.11 26.23 -19.88
C ASN B 275 -6.26 27.73 -19.63
N ALA B 276 -6.66 28.11 -18.42
CA ALA B 276 -6.58 29.50 -18.01
C ALA B 276 -5.16 29.84 -17.58
N ILE B 277 -4.73 31.06 -17.88
CA ILE B 277 -3.36 31.45 -17.60
C ILE B 277 -3.16 32.03 -16.21
N GLY B 278 -4.23 32.36 -15.51
CA GLY B 278 -4.11 32.91 -14.16
C GLY B 278 -5.44 32.92 -13.45
N VAL B 279 -5.37 33.06 -12.14
CA VAL B 279 -6.56 33.09 -11.28
C VAL B 279 -6.46 34.29 -10.35
N LEU B 280 -7.55 35.03 -10.22
CA LEU B 280 -7.68 36.08 -9.24
C LEU B 280 -8.82 35.71 -8.28
N ILE B 281 -8.55 35.81 -6.98
CA ILE B 281 -9.51 35.43 -5.96
C ILE B 281 -9.83 36.65 -5.11
N TYR B 282 -11.11 36.85 -4.82
CA TYR B 282 -11.55 37.96 -4.00
C TYR B 282 -12.75 37.53 -3.17
N MET B 283 -13.01 38.29 -2.11
CA MET B 283 -14.14 38.04 -1.21
C MET B 283 -15.22 39.08 -1.52
N ASP B 284 -16.32 38.62 -2.11
CA ASP B 284 -17.40 39.52 -2.50
C ASP B 284 -18.18 39.98 -1.27
N GLN B 285 -18.88 41.12 -1.43
CA GLN B 285 -19.60 41.71 -0.32
C GLN B 285 -20.71 40.80 0.18
N THR B 286 -21.42 40.14 -0.75
CA THR B 286 -22.59 39.36 -0.36
C THR B 286 -22.20 38.18 0.53
N LYS B 287 -21.20 37.40 0.11
CA LYS B 287 -20.82 36.23 0.88
C LYS B 287 -19.89 36.57 2.05
N PHE B 288 -19.16 37.68 1.96
CA PHE B 288 -18.25 38.11 3.01
C PHE B 288 -18.56 39.56 3.37
N PRO B 289 -19.55 39.77 4.23
CA PRO B 289 -19.96 41.14 4.56
C PRO B 289 -18.96 41.87 5.43
N ILE B 290 -17.73 42.00 4.97
CA ILE B 290 -16.70 42.74 5.70
C ILE B 290 -16.88 44.22 5.41
N VAL B 291 -16.76 45.05 6.46
CA VAL B 291 -17.05 46.47 6.32
C VAL B 291 -16.07 47.14 5.36
N ASN B 292 -14.77 46.90 5.55
CA ASN B 292 -13.75 47.53 4.72
C ASN B 292 -13.44 46.66 3.51
N ALA B 293 -13.29 47.30 2.36
CA ALA B 293 -13.05 46.60 1.11
C ALA B 293 -11.57 46.42 0.79
N GLU B 294 -10.68 46.99 1.61
CA GLU B 294 -9.24 46.91 1.35
C GLU B 294 -8.60 45.69 2.00
N LEU B 295 -9.38 44.84 2.67
CA LEU B 295 -8.80 43.72 3.42
C LEU B 295 -8.18 42.70 2.49
N SER B 296 -6.97 42.26 2.82
CA SER B 296 -6.25 41.26 2.05
C SER B 296 -6.19 39.95 2.83
N PHE B 297 -6.28 38.85 2.10
CA PHE B 297 -6.39 37.53 2.72
C PHE B 297 -5.38 36.58 2.09
N PHE B 298 -5.27 35.40 2.71
CA PHE B 298 -4.23 34.43 2.40
C PHE B 298 -4.84 33.06 2.11
N GLY B 299 -4.17 32.30 1.27
CA GLY B 299 -4.55 30.93 1.01
C GLY B 299 -3.41 30.20 0.35
N HIS B 300 -3.65 28.92 0.06
CA HIS B 300 -2.69 28.11 -0.67
C HIS B 300 -3.40 27.35 -1.78
N ALA B 301 -2.71 27.16 -2.89
CA ALA B 301 -3.28 26.57 -4.09
C ALA B 301 -2.80 25.15 -4.34
N HIS B 302 -2.19 24.51 -3.36
CA HIS B 302 -1.73 23.13 -3.53
C HIS B 302 -2.91 22.19 -3.39
N LEU B 303 -3.18 21.41 -4.43
CA LEU B 303 -4.29 20.46 -4.43
C LEU B 303 -3.85 19.19 -3.71
N GLY B 304 -3.72 19.30 -2.40
CA GLY B 304 -3.26 18.19 -1.59
C GLY B 304 -2.93 18.66 -0.19
N THR B 305 -2.22 17.82 0.54
CA THR B 305 -1.80 18.13 1.89
C THR B 305 -0.31 17.84 2.03
N GLY B 306 0.28 18.40 3.08
CA GLY B 306 1.68 18.19 3.35
C GLY B 306 2.59 19.08 2.55
N ASP B 307 3.87 18.81 2.65
CA ASP B 307 4.86 19.53 1.87
C ASP B 307 4.72 19.15 0.41
N PRO B 308 4.43 20.10 -0.49
CA PRO B 308 4.27 19.73 -1.90
C PRO B 308 5.54 19.30 -2.57
N TYR B 309 6.70 19.51 -1.95
CA TYR B 309 7.98 19.13 -2.54
C TYR B 309 8.54 17.85 -1.93
N THR B 310 7.82 17.22 -1.02
CA THR B 310 8.12 15.87 -0.54
C THR B 310 6.84 15.05 -0.57
N PRO B 311 6.34 14.73 -1.76
CA PRO B 311 5.05 14.04 -1.88
C PRO B 311 5.19 12.58 -1.46
N GLY B 312 4.44 12.19 -0.43
CA GLY B 312 4.39 10.81 -0.01
C GLY B 312 5.43 10.39 1.00
N PHE B 313 6.46 11.19 1.22
CA PHE B 313 7.48 10.78 2.17
C PHE B 313 7.71 11.87 3.22
N PRO B 314 8.26 11.51 4.39
CA PRO B 314 8.10 12.35 5.58
C PRO B 314 8.73 13.73 5.55
N SER B 315 9.60 14.04 4.58
CA SER B 315 10.34 15.31 4.59
C SER B 315 11.16 15.45 5.87
N PHE B 316 11.88 14.41 6.21
CA PHE B 316 12.89 14.45 7.26
C PHE B 316 14.26 14.64 6.65
N ASN B 317 15.23 14.95 7.51
CA ASN B 317 16.61 15.03 7.06
C ASN B 317 17.09 13.69 6.52
N HIS B 318 16.50 12.60 6.98
CA HIS B 318 16.89 11.27 6.52
C HIS B 318 16.69 11.12 5.02
N THR B 319 15.60 11.66 4.49
CA THR B 319 15.34 11.59 3.06
C THR B 319 16.33 12.42 2.25
N GLN B 320 17.01 13.37 2.90
CA GLN B 320 17.94 14.30 2.25
C GLN B 320 17.28 15.14 1.18
N PHE B 321 15.94 15.16 1.18
CA PHE B 321 15.13 16.04 0.33
C PHE B 321 15.45 15.83 -1.14
N PRO B 322 15.05 14.71 -1.73
CA PRO B 322 15.32 14.46 -3.14
C PRO B 322 14.52 15.40 -4.01
N PRO B 323 14.89 15.55 -5.29
CA PRO B 323 14.09 16.39 -6.18
C PRO B 323 12.75 15.74 -6.51
N SER B 324 11.69 16.25 -5.90
CA SER B 324 10.36 15.72 -6.11
C SER B 324 9.37 16.87 -6.12
N ARG B 325 8.21 16.63 -6.73
CA ARG B 325 7.23 17.69 -6.91
C ARG B 325 5.85 17.05 -6.98
N SER B 326 4.93 17.53 -6.16
CA SER B 326 3.58 16.99 -6.16
C SER B 326 2.83 17.43 -7.40
N SER B 327 1.96 16.54 -7.90
CA SER B 327 1.16 16.86 -9.07
C SER B 327 0.07 17.88 -8.76
N GLY B 328 -0.19 18.14 -7.48
CA GLY B 328 -1.19 19.12 -7.09
C GLY B 328 -0.73 20.56 -7.12
N LEU B 329 0.53 20.81 -7.45
CA LEU B 329 1.02 22.17 -7.53
C LEU B 329 0.52 22.84 -8.80
N PRO B 330 -0.01 24.05 -8.72
CA PRO B 330 -0.49 24.73 -9.92
C PRO B 330 0.66 25.21 -10.79
N ASN B 331 0.36 25.41 -12.07
CA ASN B 331 1.32 25.93 -13.04
C ASN B 331 0.93 27.31 -13.55
N ILE B 332 0.03 28.00 -12.86
CA ILE B 332 -0.40 29.33 -13.27
C ILE B 332 -0.33 30.26 -12.07
N PRO B 333 -0.10 31.56 -12.28
CA PRO B 333 -0.10 32.50 -11.14
C PRO B 333 -1.47 32.57 -10.50
N VAL B 334 -1.48 32.68 -9.17
CA VAL B 334 -2.71 32.81 -8.39
C VAL B 334 -2.50 33.94 -7.40
N GLN B 335 -3.50 34.81 -7.27
CA GLN B 335 -3.37 35.98 -6.41
C GLN B 335 -4.70 36.29 -5.76
N THR B 336 -4.66 36.63 -4.48
CA THR B 336 -5.82 37.11 -3.75
C THR B 336 -5.83 38.64 -3.77
N ILE B 337 -6.95 39.22 -4.16
CA ILE B 337 -7.08 40.66 -4.25
C ILE B 337 -8.21 41.12 -3.34
N SER B 338 -8.14 42.37 -2.91
CA SER B 338 -9.17 42.92 -2.06
C SER B 338 -10.44 43.19 -2.85
N ARG B 339 -11.53 43.44 -2.13
CA ARG B 339 -12.81 43.72 -2.79
C ARG B 339 -12.76 45.02 -3.56
N ALA B 340 -12.01 46.01 -3.06
CA ALA B 340 -11.86 47.26 -3.81
C ALA B 340 -11.16 47.03 -5.13
N ALA B 341 -10.12 46.19 -5.14
CA ALA B 341 -9.45 45.86 -6.38
C ALA B 341 -10.38 45.13 -7.34
N ALA B 342 -11.20 44.22 -6.83
CA ALA B 342 -12.15 43.52 -7.68
C ALA B 342 -13.18 44.47 -8.26
N GLU B 343 -13.63 45.44 -7.47
CA GLU B 343 -14.57 46.44 -8.00
C GLU B 343 -13.91 47.32 -9.05
N LYS B 344 -12.63 47.65 -8.86
CA LYS B 344 -11.89 48.39 -9.87
C LYS B 344 -11.81 47.59 -11.17
N LEU B 345 -11.55 46.29 -11.06
CA LEU B 345 -11.50 45.44 -12.25
C LEU B 345 -12.87 45.36 -12.92
N PHE B 346 -13.93 45.24 -12.12
CA PHE B 346 -15.29 45.18 -12.68
C PHE B 346 -15.66 46.49 -13.36
N GLY B 347 -15.07 47.60 -12.91
CA GLY B 347 -15.29 48.86 -13.60
C GLY B 347 -14.78 48.87 -15.02
N ASN B 348 -13.87 47.96 -15.36
CA ASN B 348 -13.35 47.83 -16.70
C ASN B 348 -13.96 46.66 -17.47
N MET B 349 -15.03 46.06 -16.95
CA MET B 349 -15.68 44.93 -17.59
C MET B 349 -17.03 45.33 -18.17
N GLU B 350 -17.61 44.42 -18.95
CA GLU B 350 -18.83 44.69 -19.70
C GLU B 350 -19.99 43.80 -19.29
N GLY B 351 -19.81 42.49 -19.26
CA GLY B 351 -20.93 41.59 -19.08
C GLY B 351 -21.58 41.73 -17.72
N ASP B 352 -22.85 41.34 -17.65
CA ASP B 352 -23.63 41.39 -16.43
C ASP B 352 -23.79 39.98 -15.86
N CYS B 353 -23.50 39.81 -14.58
CA CYS B 353 -23.53 38.49 -13.98
C CYS B 353 -24.96 37.98 -13.89
N PRO B 354 -25.17 36.67 -14.03
CA PRO B 354 -26.52 36.13 -13.91
C PRO B 354 -27.05 36.26 -12.49
N SER B 355 -28.38 36.36 -12.38
CA SER B 355 -29.01 36.43 -11.06
C SER B 355 -28.87 35.13 -10.29
N ASP B 356 -28.57 34.01 -10.97
CA ASP B 356 -28.34 32.76 -10.26
C ASP B 356 -27.15 32.87 -9.31
N TRP B 357 -26.16 33.67 -9.67
CA TRP B 357 -25.06 33.98 -8.76
C TRP B 357 -25.53 35.06 -7.80
N LYS B 358 -25.84 34.66 -6.56
CA LYS B 358 -26.29 35.63 -5.59
C LYS B 358 -25.12 36.50 -5.13
N THR B 359 -24.65 37.37 -6.01
CA THR B 359 -23.48 38.21 -5.76
C THR B 359 -23.88 39.68 -5.84
N ASP B 360 -22.88 40.55 -5.72
CA ASP B 360 -23.12 41.98 -5.71
C ASP B 360 -23.59 42.46 -7.07
N SER B 361 -24.25 43.62 -7.07
CA SER B 361 -24.67 44.23 -8.33
C SER B 361 -23.51 44.83 -9.09
N THR B 362 -22.41 45.14 -8.41
CA THR B 362 -21.23 45.68 -9.08
C THR B 362 -20.47 44.63 -9.87
N CYS B 363 -20.71 43.35 -9.61
CA CYS B 363 -19.97 42.29 -10.26
C CYS B 363 -20.24 42.30 -11.77
N ARG B 364 -19.20 42.01 -12.55
CA ARG B 364 -19.29 42.01 -14.00
C ARG B 364 -18.65 40.73 -14.53
N MET B 365 -18.92 40.44 -15.80
CA MET B 365 -18.57 39.13 -16.36
C MET B 365 -17.23 39.11 -17.09
N VAL B 366 -17.08 39.92 -18.14
CA VAL B 366 -15.95 39.81 -19.05
C VAL B 366 -15.34 41.18 -19.27
N THR B 367 -14.01 41.22 -19.36
CA THR B 367 -13.30 42.47 -19.62
C THR B 367 -13.66 43.02 -21.00
N SER B 368 -13.65 44.34 -21.12
CA SER B 368 -13.89 44.97 -22.41
C SER B 368 -12.82 44.54 -23.41
N GLU B 369 -13.19 44.57 -24.70
CA GLU B 369 -12.31 44.08 -25.74
C GLU B 369 -11.06 44.93 -25.90
N SER B 370 -11.04 46.15 -25.37
CA SER B 370 -9.91 47.05 -25.52
C SER B 370 -9.01 47.10 -24.29
N LYS B 371 -9.21 46.21 -23.33
CA LYS B 371 -8.44 46.21 -22.11
C LYS B 371 -8.00 44.79 -21.76
N ASN B 372 -6.88 44.70 -21.03
CA ASN B 372 -6.35 43.43 -20.57
C ASN B 372 -5.81 43.60 -19.17
N VAL B 373 -5.63 42.47 -18.48
CA VAL B 373 -5.15 42.44 -17.11
C VAL B 373 -3.81 41.72 -17.08
N LYS B 374 -2.80 42.39 -16.53
CA LYS B 374 -1.48 41.78 -16.33
C LYS B 374 -1.34 41.38 -14.86
N LEU B 375 -1.20 40.09 -14.62
CA LEU B 375 -1.06 39.55 -13.27
C LEU B 375 0.39 39.17 -13.05
N THR B 376 1.05 39.83 -12.10
CA THR B 376 2.43 39.55 -11.76
C THR B 376 2.48 38.88 -10.39
N VAL B 377 3.02 37.67 -10.34
CA VAL B 377 3.20 36.92 -9.11
C VAL B 377 4.65 36.52 -9.02
N SER B 378 5.28 36.79 -7.87
CA SER B 378 6.71 36.53 -7.71
C SER B 378 7.03 35.85 -6.37
N ASN B 379 6.14 35.00 -5.86
CA ASN B 379 6.39 34.33 -4.60
C ASN B 379 7.60 33.42 -4.71
N VAL B 380 8.37 33.33 -3.63
CA VAL B 380 9.61 32.57 -3.59
C VAL B 380 9.49 31.45 -2.55
N LEU B 381 10.05 30.29 -2.88
CA LEU B 381 10.08 29.18 -1.94
C LEU B 381 11.03 29.49 -0.79
N LYS B 382 10.63 29.08 0.41
CA LYS B 382 11.48 29.20 1.59
C LYS B 382 11.40 27.90 2.37
N GLU B 383 12.54 27.42 2.85
CA GLU B 383 12.57 26.24 3.70
C GLU B 383 12.58 26.69 5.15
N ILE B 384 11.66 26.14 5.94
CA ILE B 384 11.46 26.55 7.32
C ILE B 384 11.41 25.31 8.20
N LYS B 385 11.64 25.52 9.50
CA LYS B 385 11.52 24.44 10.48
C LYS B 385 10.19 24.59 11.21
N ILE B 386 9.38 23.53 11.16
CA ILE B 386 8.09 23.50 11.84
C ILE B 386 8.16 22.48 12.96
N LEU B 387 7.54 22.81 14.09
CA LEU B 387 7.51 21.93 15.24
C LEU B 387 6.11 21.39 15.45
N ASN B 388 6.01 20.07 15.61
CA ASN B 388 4.80 19.43 16.11
C ASN B 388 5.04 19.06 17.57
N ILE B 389 4.22 19.61 18.46
CA ILE B 389 4.34 19.37 19.90
C ILE B 389 3.30 18.34 20.29
N PHE B 390 3.74 17.30 21.01
CA PHE B 390 2.87 16.21 21.39
C PHE B 390 2.89 16.01 22.90
N GLY B 391 1.75 15.59 23.43
CA GLY B 391 1.67 15.09 24.78
C GLY B 391 0.75 13.88 24.80
N VAL B 392 1.08 12.93 25.67
CA VAL B 392 0.36 11.67 25.73
C VAL B 392 -0.09 11.40 27.17
N ILE B 393 -1.29 10.88 27.31
CA ILE B 393 -1.78 10.31 28.56
C ILE B 393 -1.90 8.82 28.33
N LYS B 394 -0.91 8.06 28.80
CA LYS B 394 -0.83 6.64 28.49
C LYS B 394 -1.97 5.88 29.14
N GLY B 395 -2.54 4.93 28.40
CA GLY B 395 -3.65 4.16 28.89
C GLY B 395 -3.24 3.15 29.95
N PHE B 396 -4.24 2.57 30.60
CA PHE B 396 -4.01 1.64 31.69
C PHE B 396 -4.20 0.18 31.30
N VAL B 397 -4.86 -0.09 30.18
CA VAL B 397 -5.12 -1.44 29.71
C VAL B 397 -4.44 -1.72 28.38
N GLU B 398 -4.64 -0.85 27.40
CA GLU B 398 -4.07 -1.00 26.07
C GLU B 398 -3.38 0.30 25.68
N PRO B 399 -2.24 0.61 26.29
CA PRO B 399 -1.57 1.88 26.01
C PRO B 399 -1.13 2.03 24.57
N ASP B 400 -0.85 0.93 23.86
CA ASP B 400 -0.32 1.02 22.50
C ASP B 400 -1.35 1.51 21.50
N HIS B 401 -2.63 1.56 21.88
CA HIS B 401 -3.68 2.13 21.05
C HIS B 401 -4.10 3.47 21.62
N TYR B 402 -4.34 4.45 20.75
CA TYR B 402 -4.55 5.80 21.23
C TYR B 402 -5.47 6.58 20.30
N VAL B 403 -6.10 7.60 20.87
CA VAL B 403 -6.84 8.60 20.13
C VAL B 403 -5.97 9.84 20.02
N VAL B 404 -5.86 10.38 18.80
CA VAL B 404 -5.09 11.59 18.56
C VAL B 404 -6.05 12.77 18.52
N VAL B 405 -5.77 13.77 19.35
CA VAL B 405 -6.52 15.02 19.34
C VAL B 405 -5.56 16.10 18.86
N GLY B 406 -5.91 16.76 17.76
CA GLY B 406 -5.01 17.69 17.11
C GLY B 406 -5.63 19.05 16.91
N ALA B 407 -4.76 20.05 16.81
CA ALA B 407 -5.18 21.42 16.56
C ALA B 407 -4.03 22.18 15.89
N GLN B 408 -4.35 22.90 14.82
CA GLN B 408 -3.36 23.71 14.14
C GLN B 408 -2.92 24.86 15.02
N ARG B 409 -1.62 25.14 15.03
CA ARG B 409 -1.06 26.22 15.82
C ARG B 409 -0.74 27.46 15.00
N ASP B 410 -0.24 27.29 13.78
CA ASP B 410 0.18 28.41 12.96
C ASP B 410 -1.01 29.12 12.33
N ALA B 411 -0.77 30.36 11.90
CA ALA B 411 -1.77 31.16 11.22
C ALA B 411 -1.08 32.32 10.53
N TRP B 412 -1.60 32.70 9.36
CA TRP B 412 -0.99 33.79 8.61
C TRP B 412 -1.11 35.11 9.36
N GLY B 413 -2.32 35.43 9.83
CA GLY B 413 -2.53 36.63 10.60
C GLY B 413 -2.53 36.34 12.08
N PRO B 414 -3.34 37.09 12.85
CA PRO B 414 -3.50 36.74 14.27
C PRO B 414 -4.07 35.35 14.48
N GLY B 415 -4.97 34.91 13.61
CA GLY B 415 -5.49 33.56 13.66
C GLY B 415 -6.22 33.19 14.92
N ALA B 416 -7.10 34.06 15.42
CA ALA B 416 -7.84 33.76 16.63
C ALA B 416 -8.79 32.58 16.40
N ALA B 417 -9.58 32.62 15.34
CA ALA B 417 -10.48 31.51 15.04
C ALA B 417 -9.79 30.44 14.22
N LYS B 418 -8.78 30.82 13.42
CA LYS B 418 -8.07 29.84 12.61
C LYS B 418 -7.28 28.86 13.46
N SER B 419 -6.54 29.38 14.44
CA SER B 419 -5.68 28.52 15.27
C SER B 419 -5.77 28.80 16.76
N GLY B 420 -6.20 29.98 17.19
CA GLY B 420 -6.24 30.26 18.62
C GLY B 420 -7.25 29.42 19.37
N VAL B 421 -8.46 29.30 18.80
CA VAL B 421 -9.51 28.52 19.46
C VAL B 421 -9.12 27.06 19.56
N GLY B 422 -8.60 26.50 18.46
CA GLY B 422 -8.22 25.10 18.48
C GLY B 422 -7.10 24.81 19.45
N THR B 423 -6.09 25.67 19.49
CA THR B 423 -4.98 25.47 20.42
C THR B 423 -5.44 25.62 21.87
N ALA B 424 -6.33 26.58 22.13
CA ALA B 424 -6.88 26.74 23.47
C ALA B 424 -7.67 25.50 23.88
N LEU B 425 -8.48 24.96 22.97
CA LEU B 425 -9.23 23.75 23.26
C LEU B 425 -8.30 22.58 23.53
N LEU B 426 -7.24 22.45 22.74
CA LEU B 426 -6.27 21.38 22.95
C LEU B 426 -5.63 21.48 24.33
N LEU B 427 -5.17 22.68 24.69
CA LEU B 427 -4.53 22.87 25.98
C LEU B 427 -5.49 22.57 27.13
N LYS B 428 -6.73 23.06 27.03
CA LYS B 428 -7.68 22.87 28.11
C LYS B 428 -8.11 21.40 28.22
N LEU B 429 -8.28 20.73 27.08
CA LEU B 429 -8.61 19.31 27.12
C LEU B 429 -7.49 18.50 27.74
N ALA B 430 -6.23 18.81 27.37
CA ALA B 430 -5.11 18.11 27.98
C ALA B 430 -5.07 18.34 29.48
N GLN B 431 -5.30 19.58 29.91
CA GLN B 431 -5.30 19.88 31.34
C GLN B 431 -6.39 19.11 32.07
N MET B 432 -7.61 19.12 31.53
CA MET B 432 -8.73 18.47 32.20
C MET B 432 -8.53 16.96 32.26
N PHE B 433 -8.04 16.35 31.17
CA PHE B 433 -7.87 14.91 31.16
C PHE B 433 -6.72 14.48 32.07
N SER B 434 -5.64 15.26 32.11
CA SER B 434 -4.58 14.97 33.07
C SER B 434 -5.09 15.10 34.49
N ASP B 435 -5.92 16.10 34.77
CA ASP B 435 -6.49 16.26 36.10
C ASP B 435 -7.37 15.08 36.47
N MET B 436 -8.20 14.60 35.54
CA MET B 436 -9.07 13.47 35.86
C MET B 436 -8.28 12.19 36.05
N VAL B 437 -7.26 11.96 35.22
CA VAL B 437 -6.45 10.75 35.37
C VAL B 437 -5.65 10.79 36.67
N LEU B 438 -5.16 11.97 37.05
CA LEU B 438 -4.27 12.07 38.19
C LEU B 438 -5.01 12.30 39.50
N LYS B 439 -6.16 12.95 39.46
CA LYS B 439 -6.87 13.30 40.69
C LYS B 439 -8.23 12.64 40.83
N ASP B 440 -8.98 12.49 39.74
CA ASP B 440 -10.33 11.94 39.82
C ASP B 440 -10.37 10.43 39.67
N GLY B 441 -9.25 9.78 39.38
CA GLY B 441 -9.23 8.34 39.26
C GLY B 441 -9.64 7.80 37.91
N PHE B 442 -9.84 8.66 36.92
CA PHE B 442 -10.13 8.19 35.57
C PHE B 442 -8.98 7.32 35.08
N GLN B 443 -9.31 6.15 34.55
CA GLN B 443 -8.32 5.17 34.10
C GLN B 443 -8.60 4.84 32.65
N PRO B 444 -8.03 5.59 31.71
CA PRO B 444 -8.24 5.29 30.29
C PRO B 444 -7.71 3.91 29.93
N SER B 445 -8.49 3.18 29.13
CA SER B 445 -8.01 1.91 28.61
C SER B 445 -7.00 2.13 27.50
N ARG B 446 -7.25 3.12 26.66
CA ARG B 446 -6.34 3.50 25.58
C ARG B 446 -5.62 4.79 25.93
N SER B 447 -4.67 5.18 25.08
CA SER B 447 -3.94 6.41 25.31
C SER B 447 -4.61 7.57 24.59
N ILE B 448 -4.20 8.78 24.97
CA ILE B 448 -4.68 10.01 24.34
C ILE B 448 -3.46 10.83 23.95
N ILE B 449 -3.35 11.17 22.67
CA ILE B 449 -2.26 11.98 22.16
C ILE B 449 -2.82 13.36 21.82
N PHE B 450 -2.21 14.40 22.37
CA PHE B 450 -2.56 15.77 22.08
C PHE B 450 -1.49 16.37 21.18
N ALA B 451 -1.86 16.68 19.94
CA ALA B 451 -0.92 17.11 18.92
C ALA B 451 -1.17 18.57 18.55
N SER B 452 -0.11 19.36 18.50
CA SER B 452 -0.17 20.76 18.13
C SER B 452 0.57 20.92 16.81
N TRP B 453 -0.18 20.85 15.71
CA TRP B 453 0.41 20.87 14.38
C TRP B 453 0.92 22.26 14.02
N SER B 454 1.86 22.30 13.10
CA SER B 454 2.37 23.53 12.53
C SER B 454 2.23 23.48 11.01
N ALA B 455 2.34 24.66 10.40
CA ALA B 455 2.22 24.82 8.95
C ALA B 455 0.89 24.29 8.44
N GLY B 456 -0.17 24.44 9.23
CA GLY B 456 -1.48 23.99 8.80
C GLY B 456 -2.09 24.88 7.74
N ASP B 457 -1.65 26.14 7.66
CA ASP B 457 -2.19 27.06 6.67
C ASP B 457 -1.74 26.72 5.26
N PHE B 458 -0.70 25.91 5.11
CA PHE B 458 -0.20 25.48 3.81
C PHE B 458 -0.71 24.10 3.42
N GLY B 459 -1.82 23.67 3.99
CA GLY B 459 -2.42 22.40 3.64
C GLY B 459 -2.11 21.31 4.63
N SER B 460 -2.26 21.60 5.92
CA SER B 460 -2.03 20.62 6.99
C SER B 460 -0.66 19.96 6.84
N VAL B 461 0.36 20.80 6.65
CA VAL B 461 1.69 20.29 6.35
C VAL B 461 2.24 19.48 7.52
N GLY B 462 2.12 20.01 8.74
CA GLY B 462 2.66 19.31 9.89
C GLY B 462 1.98 17.97 10.14
N ALA B 463 0.65 17.96 10.09
CA ALA B 463 -0.08 16.72 10.32
C ALA B 463 0.23 15.68 9.26
N THR B 464 0.28 16.11 8.00
CA THR B 464 0.54 15.17 6.91
C THR B 464 1.97 14.63 6.97
N GLU B 465 2.93 15.49 7.29
CA GLU B 465 4.31 15.02 7.40
C GLU B 465 4.49 14.10 8.60
N TRP B 466 3.74 14.33 9.68
CA TRP B 466 3.75 13.39 10.80
C TRP B 466 3.15 12.05 10.40
N LEU B 467 2.04 12.08 9.65
CA LEU B 467 1.41 10.85 9.21
C LEU B 467 2.33 10.07 8.27
N GLU B 468 3.03 10.77 7.38
CA GLU B 468 3.94 10.12 6.47
C GLU B 468 5.18 9.59 7.19
N GLY B 469 5.65 10.32 8.19
CA GLY B 469 6.84 9.88 8.91
C GLY B 469 6.61 8.62 9.72
N TYR B 470 5.46 8.52 10.37
CA TYR B 470 5.19 7.45 11.30
C TYR B 470 4.03 6.57 10.85
N LEU B 471 3.90 6.35 9.54
CA LEU B 471 2.79 5.56 9.02
C LEU B 471 2.83 4.14 9.55
N SER B 472 4.02 3.54 9.60
CA SER B 472 4.15 2.18 10.11
C SER B 472 3.86 2.11 11.60
N SER B 473 4.24 3.14 12.35
CA SER B 473 3.98 3.16 13.79
C SER B 473 2.53 3.46 14.11
N LEU B 474 1.87 4.29 13.31
CA LEU B 474 0.46 4.62 13.54
C LEU B 474 -0.49 3.58 12.95
N HIS B 475 0.02 2.66 12.14
CA HIS B 475 -0.83 1.68 11.46
C HIS B 475 -1.56 0.79 12.45
N LEU B 476 -2.89 0.90 12.47
CA LEU B 476 -3.78 0.15 13.35
C LEU B 476 -3.50 0.40 14.83
N LYS B 477 -2.76 1.46 15.16
CA LYS B 477 -2.56 1.88 16.54
C LYS B 477 -3.37 3.11 16.88
N ALA B 478 -3.29 4.15 16.06
CA ALA B 478 -4.20 5.28 16.17
C ALA B 478 -5.52 4.91 15.52
N PHE B 479 -6.61 4.90 16.29
CA PHE B 479 -7.89 4.48 15.78
C PHE B 479 -8.91 5.59 15.67
N THR B 480 -8.56 6.82 16.03
CA THR B 480 -9.44 7.96 15.84
C THR B 480 -8.64 9.24 15.96
N TYR B 481 -8.95 10.21 15.10
CA TYR B 481 -8.39 11.55 15.18
C TYR B 481 -9.51 12.54 15.39
N ILE B 482 -9.36 13.40 16.39
CA ILE B 482 -10.31 14.45 16.70
C ILE B 482 -9.67 15.78 16.37
N ASN B 483 -10.31 16.56 15.50
CA ASN B 483 -9.77 17.83 15.03
C ASN B 483 -10.48 18.98 15.72
N LEU B 484 -9.71 19.85 16.35
CA LEU B 484 -10.26 20.98 17.08
C LEU B 484 -10.13 22.30 16.32
N ASP B 485 -9.64 22.26 15.07
CA ASP B 485 -9.45 23.50 14.32
C ASP B 485 -10.79 24.12 13.97
N LYS B 486 -10.94 25.41 14.27
CA LYS B 486 -12.14 26.17 13.94
C LYS B 486 -13.38 25.50 14.50
N ALA B 487 -13.30 25.02 15.74
CA ALA B 487 -14.45 24.39 16.37
C ALA B 487 -15.48 25.41 16.82
N VAL B 488 -15.03 26.59 17.23
CA VAL B 488 -15.92 27.68 17.59
C VAL B 488 -15.82 28.72 16.48
N LEU B 489 -16.84 28.77 15.63
CA LEU B 489 -16.79 29.63 14.46
C LEU B 489 -18.09 30.39 14.31
N GLY B 490 -18.87 30.50 15.37
CA GLY B 490 -20.24 30.94 15.32
C GLY B 490 -21.01 30.23 16.41
N THR B 491 -22.33 30.44 16.42
CA THR B 491 -23.15 29.79 17.44
C THR B 491 -24.47 29.22 16.95
N SER B 492 -24.91 29.51 15.71
CA SER B 492 -26.24 29.10 15.29
C SER B 492 -26.34 27.59 15.09
N ASN B 493 -25.38 27.00 14.38
CA ASN B 493 -25.46 25.61 13.98
C ASN B 493 -24.30 24.82 14.56
N PHE B 494 -24.54 23.52 14.74
CA PHE B 494 -23.49 22.57 15.07
C PHE B 494 -23.28 21.65 13.87
N LYS B 495 -22.11 21.74 13.26
CA LYS B 495 -21.82 21.06 12.01
C LYS B 495 -20.75 20.00 12.22
N VAL B 496 -20.96 18.83 11.65
CA VAL B 496 -20.05 17.69 11.81
C VAL B 496 -19.68 17.16 10.43
N SER B 497 -18.38 16.96 10.23
CA SER B 497 -17.87 16.21 9.08
C SER B 497 -16.92 15.16 9.63
N ALA B 498 -17.24 13.89 9.41
CA ALA B 498 -16.52 12.82 10.07
C ALA B 498 -16.66 11.53 9.28
N SER B 499 -15.88 10.53 9.69
CA SER B 499 -16.03 9.20 9.14
C SER B 499 -17.33 8.57 9.63
N PRO B 500 -17.96 7.72 8.83
CA PRO B 500 -19.20 7.07 9.30
C PRO B 500 -19.01 6.23 10.55
N LEU B 501 -17.81 5.70 10.79
CA LEU B 501 -17.57 4.91 12.00
C LEU B 501 -17.85 5.70 13.25
N LEU B 502 -17.74 7.03 13.18
CA LEU B 502 -17.96 7.89 14.33
C LEU B 502 -19.36 8.47 14.40
N TYR B 503 -20.25 8.09 13.49
CA TYR B 503 -21.58 8.69 13.46
C TYR B 503 -22.38 8.35 14.71
N THR B 504 -22.32 7.09 15.16
CA THR B 504 -23.07 6.71 16.35
C THR B 504 -22.54 7.43 17.59
N LEU B 505 -21.22 7.54 17.71
CA LEU B 505 -20.63 8.28 18.82
C LEU B 505 -21.04 9.74 18.78
N ILE B 506 -21.04 10.33 17.59
CA ILE B 506 -21.42 11.74 17.45
C ILE B 506 -22.88 11.92 17.84
N GLU B 507 -23.75 11.00 17.41
CA GLU B 507 -25.16 11.09 17.73
C GLU B 507 -25.39 10.96 19.22
N LYS B 508 -24.67 10.03 19.87
CA LYS B 508 -24.81 9.86 21.31
C LYS B 508 -24.32 11.09 22.06
N THR B 509 -23.21 11.68 21.60
CA THR B 509 -22.71 12.90 22.22
C THR B 509 -23.68 14.06 22.05
N MET B 510 -24.28 14.17 20.86
CA MET B 510 -25.22 15.25 20.60
C MET B 510 -26.44 15.17 21.52
N GLN B 511 -26.88 13.95 21.83
CA GLN B 511 -28.03 13.76 22.70
C GLN B 511 -27.71 14.06 24.15
N ASN B 512 -26.42 14.22 24.50
CA ASN B 512 -26.01 14.52 25.87
C ASN B 512 -25.62 15.98 26.06
N VAL B 513 -24.89 16.56 25.11
CA VAL B 513 -24.36 17.90 25.26
C VAL B 513 -25.44 18.92 24.93
N LYS B 514 -25.66 19.87 25.82
CA LYS B 514 -26.60 20.95 25.57
C LYS B 514 -25.99 22.00 24.66
N HIS B 515 -26.86 22.69 23.93
CA HIS B 515 -26.39 23.79 23.09
C HIS B 515 -25.87 24.92 23.96
N PRO B 516 -24.79 25.59 23.56
CA PRO B 516 -24.24 26.65 24.42
C PRO B 516 -25.21 27.79 24.69
N VAL B 517 -26.04 28.17 23.71
CA VAL B 517 -26.93 29.31 23.88
C VAL B 517 -28.30 28.83 24.35
N THR B 518 -28.96 28.01 23.51
CA THR B 518 -30.24 27.44 23.88
C THR B 518 -30.05 26.24 24.78
N GLY B 519 -30.99 26.03 25.70
CA GLY B 519 -30.89 24.92 26.62
C GLY B 519 -31.10 23.56 25.99
N GLN B 520 -31.51 23.52 24.73
CA GLN B 520 -31.78 22.25 24.06
C GLN B 520 -30.49 21.48 23.79
N PHE B 521 -30.63 20.18 23.63
CA PHE B 521 -29.49 19.35 23.25
C PHE B 521 -29.11 19.61 21.79
N LEU B 522 -27.88 19.22 21.45
CA LEU B 522 -27.42 19.40 20.08
C LEU B 522 -28.20 18.52 19.10
N TYR B 523 -28.66 17.36 19.55
CA TYR B 523 -29.40 16.44 18.70
C TYR B 523 -30.83 16.93 18.58
N GLN B 524 -31.12 17.62 17.47
CA GLN B 524 -32.46 18.08 17.16
C GLN B 524 -33.00 17.48 15.86
N ASP B 525 -32.13 17.23 14.89
CA ASP B 525 -32.53 16.68 13.60
C ASP B 525 -32.23 15.19 13.58
N SER B 526 -33.26 14.37 13.42
CA SER B 526 -33.07 12.93 13.39
C SER B 526 -32.29 12.49 12.16
N ASN B 527 -32.39 13.23 11.06
CA ASN B 527 -31.71 12.89 9.81
C ASN B 527 -30.41 13.66 9.62
N TRP B 528 -29.70 13.96 10.71
CA TRP B 528 -28.45 14.71 10.61
C TRP B 528 -27.39 13.94 9.84
N ALA B 529 -27.40 12.61 9.97
CA ALA B 529 -26.33 11.81 9.38
C ALA B 529 -26.36 11.86 7.85
N SER B 530 -27.53 12.08 7.26
CA SER B 530 -27.65 12.14 5.82
C SER B 530 -27.27 13.51 5.25
N LYS B 531 -27.02 14.49 6.10
CA LYS B 531 -26.62 15.83 5.67
C LYS B 531 -25.17 16.13 6.00
N VAL B 532 -24.40 15.15 6.47
CA VAL B 532 -23.01 15.39 6.85
C VAL B 532 -22.19 15.61 5.59
N GLU B 533 -21.43 16.72 5.56
CA GLU B 533 -20.58 17.00 4.42
C GLU B 533 -19.32 16.15 4.47
N LYS B 534 -18.85 15.76 3.29
CA LYS B 534 -17.59 15.04 3.18
C LYS B 534 -16.43 15.93 3.63
N LEU B 535 -15.45 15.33 4.30
CA LEU B 535 -14.25 16.07 4.67
C LEU B 535 -13.50 16.52 3.42
N THR B 536 -12.97 17.74 3.47
CA THR B 536 -12.30 18.34 2.33
C THR B 536 -10.83 18.59 2.65
N LEU B 537 -10.09 19.00 1.63
CA LEU B 537 -8.65 19.17 1.75
C LEU B 537 -8.28 20.21 2.80
N ASP B 538 -9.14 21.21 3.01
CA ASP B 538 -8.83 22.27 3.97
C ASP B 538 -8.90 21.81 5.41
N ASN B 539 -9.38 20.60 5.68
CA ASN B 539 -9.52 20.09 7.03
C ASN B 539 -8.37 19.16 7.36
N ALA B 540 -7.77 19.35 8.54
CA ALA B 540 -6.66 18.51 8.96
C ALA B 540 -7.07 17.07 9.23
N ALA B 541 -8.36 16.80 9.40
CA ALA B 541 -8.81 15.42 9.57
C ALA B 541 -8.81 14.65 8.25
N PHE B 542 -8.84 15.36 7.12
CA PHE B 542 -8.84 14.70 5.82
C PHE B 542 -7.59 13.85 5.59
N PRO B 543 -6.37 14.30 5.88
CA PRO B 543 -5.22 13.38 5.75
C PRO B 543 -5.33 12.16 6.63
N PHE B 544 -5.89 12.30 7.84
CA PHE B 544 -6.01 11.17 8.74
C PHE B 544 -6.99 10.14 8.19
N LEU B 545 -8.10 10.60 7.62
CA LEU B 545 -9.11 9.67 7.13
C LEU B 545 -8.72 9.11 5.76
N ALA B 546 -8.52 9.99 4.78
CA ALA B 546 -8.32 9.56 3.40
C ALA B 546 -6.97 8.90 3.16
N TYR B 547 -5.92 9.33 3.86
CA TYR B 547 -4.58 8.81 3.61
C TYR B 547 -4.22 7.67 4.56
N SER B 548 -4.30 7.92 5.86
CA SER B 548 -3.88 6.93 6.85
C SER B 548 -4.95 5.91 7.18
N GLY B 549 -6.20 6.14 6.77
CA GLY B 549 -7.26 5.22 7.11
C GLY B 549 -7.64 5.24 8.57
N ILE B 550 -7.35 6.33 9.27
CA ILE B 550 -7.72 6.50 10.67
C ILE B 550 -9.04 7.26 10.71
N PRO B 551 -10.08 6.73 11.36
CA PRO B 551 -11.33 7.47 11.46
C PRO B 551 -11.11 8.85 12.06
N ALA B 552 -11.73 9.87 11.46
CA ALA B 552 -11.50 11.24 11.85
C ALA B 552 -12.82 11.97 12.00
N VAL B 553 -12.85 12.92 12.93
CA VAL B 553 -14.04 13.73 13.18
C VAL B 553 -13.64 15.19 13.26
N SER B 554 -14.38 16.04 12.57
CA SER B 554 -14.25 17.49 12.67
C SER B 554 -15.62 18.08 12.92
N PHE B 555 -15.72 18.92 13.94
CA PHE B 555 -16.99 19.55 14.30
C PHE B 555 -16.76 21.04 14.48
N CYS B 556 -17.83 21.81 14.37
CA CYS B 556 -17.75 23.25 14.57
C CYS B 556 -19.11 23.79 14.99
N PHE B 557 -19.07 24.87 15.76
CA PHE B 557 -20.25 25.70 16.01
C PHE B 557 -20.16 26.88 15.06
N CYS B 558 -21.01 26.88 14.03
CA CYS B 558 -20.88 27.83 12.94
C CYS B 558 -22.23 28.45 12.63
N GLU B 559 -22.20 29.54 11.88
CA GLU B 559 -23.40 30.17 11.37
C GLU B 559 -23.74 29.59 10.00
N ASP B 560 -24.77 30.15 9.36
CA ASP B 560 -25.14 29.70 8.03
C ASP B 560 -24.16 30.17 6.97
N THR B 561 -23.32 31.16 7.28
CA THR B 561 -22.36 31.71 6.34
C THR B 561 -20.95 31.46 6.83
N ASP B 562 -19.99 31.50 5.90
CA ASP B 562 -18.59 31.31 6.26
C ASP B 562 -18.12 32.46 7.15
N TYR B 563 -17.14 32.17 7.99
CA TYR B 563 -16.55 33.19 8.84
C TYR B 563 -15.83 34.20 7.96
N PRO B 564 -16.17 35.48 8.02
CA PRO B 564 -15.60 36.42 7.04
C PRO B 564 -14.14 36.74 7.27
N TYR B 565 -13.71 36.82 8.53
CA TYR B 565 -12.35 37.20 8.84
C TYR B 565 -11.37 36.03 8.82
N LEU B 566 -11.85 34.83 8.53
CA LEU B 566 -11.01 33.64 8.60
C LEU B 566 -9.99 33.67 7.48
N GLY B 567 -8.71 33.72 7.85
CA GLY B 567 -7.64 33.78 6.89
C GLY B 567 -7.16 35.18 6.55
N THR B 568 -7.63 36.20 7.26
CA THR B 568 -7.26 37.58 7.02
C THR B 568 -6.48 38.13 8.19
N THR B 569 -6.14 39.43 8.11
CA THR B 569 -5.48 40.09 9.22
C THR B 569 -6.44 40.61 10.27
N MET B 570 -7.75 40.52 10.02
CA MET B 570 -8.75 40.91 11.00
C MET B 570 -9.27 39.74 11.81
N ASP B 571 -8.66 38.56 11.68
CA ASP B 571 -9.04 37.41 12.49
C ASP B 571 -8.46 37.54 13.89
N THR B 572 -8.74 38.65 14.55
CA THR B 572 -8.24 38.92 15.88
C THR B 572 -9.18 38.37 16.92
N TYR B 573 -8.72 38.36 18.17
CA TYR B 573 -9.58 37.91 19.27
C TYR B 573 -10.71 38.90 19.51
N LYS B 574 -10.47 40.19 19.28
CA LYS B 574 -11.51 41.18 19.46
C LYS B 574 -12.68 40.94 18.51
N GLU B 575 -12.39 40.63 17.25
CA GLU B 575 -13.45 40.33 16.30
C GLU B 575 -14.21 39.07 16.69
N LEU B 576 -13.49 38.05 17.19
CA LEU B 576 -14.15 36.81 17.59
C LEU B 576 -15.07 37.04 18.78
N ILE B 577 -14.62 37.82 19.77
CA ILE B 577 -15.44 38.05 20.94
C ILE B 577 -16.60 39.01 20.62
N GLU B 578 -16.43 39.86 19.60
CA GLU B 578 -17.54 40.70 19.19
C GLU B 578 -18.59 39.91 18.42
N ARG B 579 -18.15 39.03 17.53
CA ARG B 579 -19.09 38.24 16.74
C ARG B 579 -19.75 37.15 17.56
N ILE B 580 -19.04 36.62 18.55
CA ILE B 580 -19.58 35.55 19.39
C ILE B 580 -19.50 35.97 20.86
N PRO B 581 -20.42 36.81 21.33
CA PRO B 581 -20.52 37.03 22.78
C PRO B 581 -20.89 35.73 23.46
N GLU B 582 -20.46 35.59 24.72
CA GLU B 582 -20.49 34.31 25.43
C GLU B 582 -19.68 33.26 24.68
N LEU B 583 -18.51 33.67 24.17
CA LEU B 583 -17.59 32.74 23.52
C LEU B 583 -17.12 31.67 24.50
N ASN B 584 -17.08 31.99 25.79
CA ASN B 584 -16.65 31.02 26.79
C ASN B 584 -17.57 29.81 26.80
N LYS B 585 -18.89 30.02 26.73
CA LYS B 585 -19.83 28.91 26.77
C LYS B 585 -19.77 28.07 25.51
N VAL B 586 -19.60 28.71 24.34
CA VAL B 586 -19.49 27.95 23.10
C VAL B 586 -18.21 27.12 23.09
N ALA B 587 -17.11 27.70 23.56
CA ALA B 587 -15.86 26.93 23.66
C ALA B 587 -16.00 25.81 24.68
N ARG B 588 -16.74 26.05 25.76
CA ARG B 588 -16.99 25.00 26.73
C ARG B 588 -17.79 23.85 26.12
N ALA B 589 -18.78 24.18 25.30
CA ALA B 589 -19.56 23.13 24.63
C ALA B 589 -18.70 22.35 23.64
N ALA B 590 -17.84 23.05 22.88
CA ALA B 590 -16.96 22.35 21.95
C ALA B 590 -16.00 21.43 22.70
N ALA B 591 -15.41 21.92 23.79
CA ALA B 591 -14.54 21.08 24.60
C ALA B 591 -15.32 19.93 25.24
N GLU B 592 -16.61 20.15 25.53
CA GLU B 592 -17.43 19.09 26.10
C GLU B 592 -17.65 17.97 25.11
N VAL B 593 -18.00 18.32 23.86
CA VAL B 593 -18.22 17.27 22.87
C VAL B 593 -16.91 16.55 22.55
N ALA B 594 -15.80 17.30 22.49
CA ALA B 594 -14.51 16.65 22.24
C ALA B 594 -14.09 15.75 23.40
N GLY B 595 -14.30 16.21 24.64
CA GLY B 595 -13.94 15.40 25.79
C GLY B 595 -14.80 14.16 25.92
N GLN B 596 -16.08 14.28 25.61
CA GLN B 596 -16.94 13.10 25.60
C GLN B 596 -16.54 12.13 24.50
N PHE B 597 -16.13 12.66 23.34
CA PHE B 597 -15.54 11.82 22.31
C PHE B 597 -14.37 11.03 22.86
N VAL B 598 -13.43 11.73 23.50
CA VAL B 598 -12.22 11.08 23.99
C VAL B 598 -12.56 10.03 25.06
N ILE B 599 -13.44 10.40 26.00
CA ILE B 599 -13.79 9.50 27.08
C ILE B 599 -14.47 8.24 26.55
N LYS B 600 -15.43 8.41 25.63
CA LYS B 600 -16.17 7.25 25.17
C LYS B 600 -15.36 6.41 24.20
N LEU B 601 -14.38 7.01 23.52
CA LEU B 601 -13.48 6.24 22.68
C LEU B 601 -12.38 5.55 23.47
N THR B 602 -12.12 6.01 24.68
CA THR B 602 -10.94 5.57 25.42
C THR B 602 -11.26 4.77 26.68
N HIS B 603 -12.37 5.06 27.36
CA HIS B 603 -12.65 4.39 28.63
C HIS B 603 -13.35 3.05 28.42
N ASP B 604 -14.28 2.99 27.46
CA ASP B 604 -15.09 1.79 27.30
C ASP B 604 -14.24 0.61 26.87
N VAL B 605 -14.71 -0.59 27.20
CA VAL B 605 -14.06 -1.81 26.71
C VAL B 605 -14.26 -1.95 25.21
N GLU B 606 -15.29 -1.29 24.67
CA GLU B 606 -15.53 -1.26 23.24
C GLU B 606 -15.09 0.09 22.67
N LEU B 607 -14.67 0.08 21.42
CA LEU B 607 -14.10 1.27 20.80
C LEU B 607 -15.14 2.33 20.48
N ASN B 608 -16.42 1.97 20.48
CA ASN B 608 -17.50 2.87 20.07
C ASN B 608 -17.35 3.33 18.62
N LEU B 609 -16.77 2.47 17.78
CA LEU B 609 -16.72 2.70 16.34
C LEU B 609 -17.80 1.85 15.68
N ASP B 610 -18.64 2.49 14.87
CA ASP B 610 -19.83 1.83 14.31
C ASP B 610 -19.53 1.42 12.87
N TYR B 611 -19.07 0.17 12.72
CA TYR B 611 -18.84 -0.39 11.40
C TYR B 611 -20.14 -0.55 10.63
N GLU B 612 -21.27 -0.63 11.33
CA GLU B 612 -22.56 -0.79 10.67
C GLU B 612 -23.00 0.46 9.93
N ARG B 613 -22.34 1.59 10.18
CA ARG B 613 -22.71 2.82 9.50
C ARG B 613 -22.26 2.84 8.05
N TYR B 614 -21.34 1.95 7.66
CA TYR B 614 -20.93 1.89 6.27
C TYR B 614 -21.92 1.11 5.42
N ASN B 615 -22.88 0.42 6.04
CA ASN B 615 -23.96 -0.17 5.27
C ASN B 615 -24.77 0.90 4.56
N SER B 616 -25.02 2.03 5.22
CA SER B 616 -25.70 3.13 4.59
C SER B 616 -24.88 3.70 3.44
N GLN B 617 -23.56 3.82 3.63
CA GLN B 617 -22.71 4.32 2.56
C GLN B 617 -22.74 3.40 1.35
N LEU B 618 -22.67 2.09 1.57
CA LEU B 618 -22.71 1.15 0.46
C LEU B 618 -24.08 1.15 -0.22
N LEU B 619 -25.16 1.29 0.56
CA LEU B 619 -26.49 1.39 -0.04
C LEU B 619 -26.60 2.66 -0.89
N SER B 620 -26.05 3.76 -0.40
CA SER B 620 -26.08 5.01 -1.17
C SER B 620 -25.28 4.87 -2.46
N PHE B 621 -24.12 4.22 -2.39
CA PHE B 621 -23.32 4.00 -3.59
C PHE B 621 -24.07 3.13 -4.59
N VAL B 622 -24.72 2.07 -4.11
CA VAL B 622 -25.47 1.19 -4.99
C VAL B 622 -26.64 1.93 -5.62
N ARG B 623 -27.32 2.77 -4.83
CA ARG B 623 -28.43 3.55 -5.36
C ARG B 623 -27.96 4.53 -6.43
N ASP B 624 -26.81 5.18 -6.20
CA ASP B 624 -26.27 6.09 -7.20
C ASP B 624 -25.86 5.34 -8.46
N LEU B 625 -25.29 4.16 -8.30
CA LEU B 625 -24.85 3.38 -9.46
C LEU B 625 -26.02 2.79 -10.22
N ASN B 626 -27.16 2.60 -9.56
CA ASN B 626 -28.35 2.07 -10.24
C ASN B 626 -28.93 3.07 -11.24
N GLN B 627 -28.51 4.32 -11.18
CA GLN B 627 -28.98 5.29 -12.17
C GLN B 627 -28.41 5.03 -13.56
N TYR B 628 -27.31 4.27 -13.64
CA TYR B 628 -26.66 3.98 -14.91
C TYR B 628 -26.72 2.50 -15.25
N ARG B 629 -27.80 1.82 -14.86
CA ARG B 629 -27.93 0.39 -15.17
C ARG B 629 -28.02 0.17 -16.68
N ALA B 630 -28.68 1.07 -17.40
CA ALA B 630 -28.74 0.94 -18.86
C ALA B 630 -27.36 1.05 -19.48
N ASP B 631 -26.55 2.01 -19.02
CA ASP B 631 -25.20 2.17 -19.54
C ASP B 631 -24.34 0.96 -19.21
N ILE B 632 -24.48 0.43 -17.99
CA ILE B 632 -23.70 -0.74 -17.60
C ILE B 632 -24.12 -1.96 -18.40
N LYS B 633 -25.41 -2.07 -18.71
CA LYS B 633 -25.90 -3.18 -19.53
C LYS B 633 -25.49 -3.05 -20.98
N GLU B 634 -25.32 -1.82 -21.49
CA GLU B 634 -24.83 -1.63 -22.85
C GLU B 634 -23.44 -2.24 -23.00
N MET B 635 -22.57 -2.02 -22.03
CA MET B 635 -21.33 -2.76 -21.94
C MET B 635 -21.62 -4.17 -21.43
N GLY B 636 -20.64 -5.06 -21.59
CA GLY B 636 -20.84 -6.43 -21.15
C GLY B 636 -20.64 -6.61 -19.66
N LEU B 637 -21.18 -5.70 -18.87
CA LEU B 637 -20.95 -5.68 -17.43
C LEU B 637 -22.24 -5.97 -16.67
N SER B 638 -22.09 -6.23 -15.38
CA SER B 638 -23.20 -6.51 -14.48
C SER B 638 -22.91 -5.92 -13.11
N LEU B 639 -23.97 -5.62 -12.38
CA LEU B 639 -23.86 -5.08 -11.03
C LEU B 639 -24.09 -6.12 -9.94
N GLN B 640 -24.24 -7.39 -10.32
N GLN B 640 -24.24 -7.39 -10.32
CA GLN B 640 -24.53 -8.41 -9.32
CA GLN B 640 -24.53 -8.43 -9.33
C GLN B 640 -23.38 -8.58 -8.33
N TRP B 641 -22.15 -8.35 -8.77
CA TRP B 641 -21.02 -8.50 -7.86
C TRP B 641 -20.98 -7.39 -6.83
N LEU B 642 -21.37 -6.18 -7.21
CA LEU B 642 -21.43 -5.08 -6.24
C LEU B 642 -22.61 -5.27 -5.29
N TYR B 643 -23.74 -5.76 -5.80
CA TYR B 643 -24.86 -6.08 -4.91
C TYR B 643 -24.45 -7.14 -3.90
N SER B 644 -23.77 -8.19 -4.36
CA SER B 644 -23.30 -9.24 -3.46
C SER B 644 -22.29 -8.69 -2.47
N ALA B 645 -21.43 -7.77 -2.91
CA ALA B 645 -20.47 -7.17 -2.00
C ALA B 645 -21.15 -6.36 -0.91
N ARG B 646 -22.18 -5.61 -1.27
CA ARG B 646 -22.95 -4.85 -0.28
C ARG B 646 -23.60 -5.78 0.73
N GLY B 647 -24.26 -6.84 0.24
CA GLY B 647 -24.87 -7.80 1.14
C GLY B 647 -23.86 -8.52 2.01
N ASP B 648 -22.70 -8.85 1.46
CA ASP B 648 -21.66 -9.53 2.22
C ASP B 648 -21.10 -8.63 3.30
N PHE B 649 -20.94 -7.34 3.00
CA PHE B 649 -20.47 -6.40 4.02
C PHE B 649 -21.49 -6.27 5.14
N PHE B 650 -22.78 -6.21 4.79
CA PHE B 650 -23.79 -6.17 5.85
C PHE B 650 -23.75 -7.43 6.70
N ARG B 651 -23.61 -8.59 6.05
CA ARG B 651 -23.57 -9.84 6.79
C ARG B 651 -22.34 -9.90 7.69
N ALA B 652 -21.21 -9.37 7.23
CA ALA B 652 -20.02 -9.32 8.06
C ALA B 652 -20.23 -8.42 9.28
N THR B 653 -20.86 -7.26 9.08
CA THR B 653 -21.12 -6.37 10.22
C THR B 653 -22.08 -7.02 11.21
N SER B 654 -23.11 -7.70 10.71
CA SER B 654 -24.02 -8.40 11.61
C SER B 654 -23.34 -9.52 12.37
N ARG B 655 -22.44 -10.26 11.70
CA ARG B 655 -21.66 -11.29 12.39
C ARG B 655 -20.80 -10.68 13.47
N LEU B 656 -20.17 -9.54 13.19
CA LEU B 656 -19.32 -8.89 14.18
C LEU B 656 -20.13 -8.40 15.37
N THR B 657 -21.32 -7.85 15.12
CA THR B 657 -22.17 -7.42 16.24
C THR B 657 -22.61 -8.62 17.08
N THR B 658 -22.94 -9.74 16.43
CA THR B 658 -23.29 -10.94 17.19
C THR B 658 -22.11 -11.42 18.02
N ASP B 659 -20.91 -11.38 17.46
CA ASP B 659 -19.72 -11.78 18.21
C ASP B 659 -19.51 -10.86 19.41
N PHE B 660 -19.69 -9.56 19.21
CA PHE B 660 -19.55 -8.61 20.33
C PHE B 660 -20.57 -8.90 21.42
N GLY B 661 -21.81 -9.16 21.03
CA GLY B 661 -22.83 -9.48 22.01
C GLY B 661 -22.56 -10.76 22.77
N ASN B 662 -22.04 -11.78 22.08
CA ASN B 662 -21.75 -13.05 22.72
C ASN B 662 -20.51 -12.99 23.61
N ALA B 663 -19.54 -12.16 23.26
CA ALA B 663 -18.28 -12.13 23.99
C ALA B 663 -18.47 -11.55 25.38
N GLU B 664 -17.74 -12.11 26.35
CA GLU B 664 -17.75 -11.58 27.70
C GLU B 664 -16.89 -10.32 27.77
N LYS B 665 -17.44 -9.26 28.37
CA LYS B 665 -16.72 -7.99 28.42
C LYS B 665 -15.44 -8.09 29.24
N THR B 666 -15.45 -8.88 30.32
CA THR B 666 -14.27 -8.99 31.17
C THR B 666 -13.15 -9.78 30.52
N ASP B 667 -13.44 -10.54 29.47
CA ASP B 667 -12.41 -11.32 28.78
C ASP B 667 -11.64 -10.38 27.88
N ARG B 668 -10.43 -10.03 28.30
CA ARG B 668 -9.67 -8.99 27.61
C ARG B 668 -9.14 -9.48 26.26
N PHE B 669 -8.93 -10.79 26.12
CA PHE B 669 -8.34 -11.32 24.89
C PHE B 669 -9.33 -11.28 23.73
N VAL B 670 -10.52 -11.85 23.92
CA VAL B 670 -11.50 -11.91 22.84
C VAL B 670 -11.95 -10.50 22.47
N MET B 671 -12.03 -9.62 23.46
CA MET B 671 -12.39 -8.24 23.17
C MET B 671 -11.26 -7.53 22.42
N LYS B 672 -10.01 -7.88 22.71
CA LYS B 672 -8.91 -7.34 21.90
C LYS B 672 -9.03 -7.81 20.45
N LYS B 673 -9.36 -9.08 20.24
CA LYS B 673 -9.51 -9.58 18.88
C LYS B 673 -10.63 -8.85 18.14
N LEU B 674 -11.78 -8.68 18.80
CA LEU B 674 -12.89 -7.99 18.17
C LEU B 674 -12.58 -6.53 17.91
N ASN B 675 -11.87 -5.87 18.84
CA ASN B 675 -11.51 -4.48 18.64
C ASN B 675 -10.49 -4.32 17.52
N ASP B 676 -9.61 -5.29 17.34
CA ASP B 676 -8.70 -5.26 16.20
C ASP B 676 -9.47 -5.41 14.88
N ARG B 677 -10.47 -6.31 14.87
CA ARG B 677 -11.32 -6.43 13.70
C ARG B 677 -12.02 -5.12 13.40
N VAL B 678 -12.45 -4.40 14.44
CA VAL B 678 -13.10 -3.10 14.24
C VAL B 678 -12.09 -2.07 13.74
N MET B 679 -10.87 -2.11 14.27
CA MET B 679 -9.86 -1.12 13.89
C MET B 679 -9.40 -1.29 12.45
N ARG B 680 -9.50 -2.51 11.91
CA ARG B 680 -9.11 -2.69 10.51
C ARG B 680 -10.16 -2.22 9.52
N VAL B 681 -11.35 -1.83 9.99
CA VAL B 681 -12.46 -1.53 9.09
C VAL B 681 -12.13 -0.36 8.19
N GLU B 682 -11.67 0.75 8.77
CA GLU B 682 -11.38 1.93 7.98
C GLU B 682 -10.15 1.74 7.10
N TYR B 683 -9.16 0.99 7.60
CA TYR B 683 -7.97 0.74 6.81
C TYR B 683 -8.28 -0.11 5.58
N HIS B 684 -9.23 -1.04 5.69
CA HIS B 684 -9.56 -1.89 4.55
C HIS B 684 -10.26 -1.14 3.43
N PHE B 685 -10.68 0.10 3.64
CA PHE B 685 -11.27 0.91 2.60
C PHE B 685 -10.26 1.77 1.86
N LEU B 686 -8.99 1.76 2.28
CA LEU B 686 -7.94 2.36 1.47
C LEU B 686 -7.66 1.48 0.27
N SER B 687 -7.52 2.09 -0.90
CA SER B 687 -7.34 1.32 -2.12
C SER B 687 -5.99 0.62 -2.09
N PRO B 688 -5.93 -0.70 -2.16
CA PRO B 688 -4.65 -1.40 -2.19
C PRO B 688 -4.03 -1.51 -3.57
N TYR B 689 -4.51 -0.74 -4.55
CA TYR B 689 -4.07 -0.86 -5.93
C TYR B 689 -3.43 0.39 -6.48
N VAL B 690 -3.42 1.49 -5.73
CA VAL B 690 -2.82 2.73 -6.19
C VAL B 690 -1.57 3.01 -5.37
N SER B 691 -0.69 3.81 -5.94
CA SER B 691 0.53 4.19 -5.26
C SER B 691 0.22 5.19 -4.16
N PRO B 692 0.57 4.91 -2.90
CA PRO B 692 0.38 5.91 -1.84
C PRO B 692 1.20 7.16 -2.04
N LYS B 693 2.22 7.13 -2.91
CA LYS B 693 3.02 8.31 -3.19
C LYS B 693 2.32 9.20 -4.22
N GLU B 694 1.91 8.63 -5.35
CA GLU B 694 1.25 9.40 -6.39
C GLU B 694 -0.19 9.73 -6.05
N SER B 695 -0.88 8.85 -5.32
CA SER B 695 -2.27 9.04 -4.93
C SER B 695 -2.36 8.87 -3.41
N PRO B 696 -1.99 9.90 -2.66
CA PRO B 696 -1.95 9.75 -1.19
C PRO B 696 -3.29 9.37 -0.58
N PHE B 697 -4.38 9.91 -1.11
CA PHE B 697 -5.71 9.72 -0.53
C PHE B 697 -6.35 8.47 -1.13
N ARG B 698 -5.97 7.32 -0.56
CA ARG B 698 -6.35 6.03 -1.12
C ARG B 698 -7.73 5.58 -0.71
N HIS B 699 -8.39 6.29 0.20
CA HIS B 699 -9.70 5.88 0.66
C HIS B 699 -10.70 5.92 -0.49
N VAL B 700 -11.40 4.81 -0.71
CA VAL B 700 -12.28 4.72 -1.86
C VAL B 700 -13.54 5.54 -1.66
N PHE B 701 -13.87 5.88 -0.42
CA PHE B 701 -15.02 6.72 -0.15
C PHE B 701 -14.66 8.19 -0.08
N TRP B 702 -13.61 8.52 0.68
CA TRP B 702 -13.30 9.90 1.02
C TRP B 702 -12.00 10.39 0.40
N GLY B 703 -11.30 9.57 -0.37
CA GLY B 703 -10.06 9.99 -0.98
C GLY B 703 -10.30 10.79 -2.25
N SER B 704 -9.20 11.09 -2.92
CA SER B 704 -9.22 11.81 -4.18
C SER B 704 -8.43 11.02 -5.21
N GLY B 705 -9.03 10.85 -6.39
CA GLY B 705 -8.40 10.11 -7.47
C GLY B 705 -9.38 9.20 -8.17
N SER B 706 -8.90 8.61 -9.26
CA SER B 706 -9.74 7.72 -10.07
C SER B 706 -10.08 6.42 -9.35
N HIS B 707 -9.42 6.13 -8.23
CA HIS B 707 -9.67 4.91 -7.48
C HIS B 707 -10.90 5.02 -6.59
N THR B 708 -11.46 6.21 -6.41
CA THR B 708 -12.59 6.39 -5.51
C THR B 708 -13.89 6.09 -6.23
N LEU B 709 -14.91 5.75 -5.44
CA LEU B 709 -16.26 5.49 -5.94
C LEU B 709 -16.86 6.71 -6.62
N PRO B 710 -16.74 7.92 -6.05
CA PRO B 710 -17.22 9.10 -6.78
C PRO B 710 -16.57 9.28 -8.14
N ALA B 711 -15.29 8.93 -8.29
CA ALA B 711 -14.65 9.02 -9.60
C ALA B 711 -15.27 8.02 -10.57
N LEU B 712 -15.58 6.81 -10.09
CA LEU B 712 -16.27 5.83 -10.93
C LEU B 712 -17.62 6.36 -11.39
N LEU B 713 -18.37 6.97 -10.47
CA LEU B 713 -19.67 7.53 -10.83
C LEU B 713 -19.51 8.68 -11.83
N GLU B 714 -18.48 9.51 -11.66
CA GLU B 714 -18.25 10.62 -12.57
C GLU B 714 -17.92 10.11 -13.97
N ASN B 715 -17.08 9.07 -14.07
CA ASN B 715 -16.77 8.50 -15.37
C ASN B 715 -18.02 7.91 -16.03
N LEU B 716 -18.83 7.20 -15.25
CA LEU B 716 -20.05 6.62 -15.82
C LEU B 716 -21.02 7.71 -16.26
N LYS B 717 -21.13 8.79 -15.49
CA LYS B 717 -21.96 9.92 -15.89
C LYS B 717 -21.45 10.55 -17.18
N LEU B 718 -20.12 10.63 -17.33
CA LEU B 718 -19.55 11.09 -18.59
C LEU B 718 -19.99 10.20 -19.74
N ARG B 719 -20.04 8.89 -19.53
CA ARG B 719 -20.58 8.01 -20.55
C ARG B 719 -22.03 8.35 -20.86
N LYS B 720 -22.82 8.61 -19.81
CA LYS B 720 -24.24 8.90 -20.02
C LYS B 720 -24.44 10.15 -20.86
N GLN B 721 -23.65 11.19 -20.60
CA GLN B 721 -23.77 12.44 -21.34
C GLN B 721 -23.28 12.34 -22.78
N ASN B 722 -22.59 11.25 -23.14
CA ASN B 722 -22.07 11.04 -24.50
C ASN B 722 -21.16 12.19 -24.92
N ASN B 723 -20.39 12.72 -23.97
CA ASN B 723 -19.50 13.84 -24.26
C ASN B 723 -18.26 13.40 -25.04
N GLY B 724 -17.96 12.11 -25.07
CA GLY B 724 -16.74 11.62 -25.68
C GLY B 724 -15.55 11.54 -24.76
N ALA B 725 -15.66 12.08 -23.55
CA ALA B 725 -14.59 12.01 -22.57
C ALA B 725 -14.64 10.74 -21.73
N PHE B 726 -15.65 9.90 -21.93
CA PHE B 726 -15.73 8.64 -21.20
C PHE B 726 -14.60 7.71 -21.63
N ASN B 727 -14.00 7.05 -20.65
CA ASN B 727 -12.91 6.10 -20.89
C ASN B 727 -13.42 4.72 -20.56
N GLU B 728 -13.58 3.88 -21.59
CA GLU B 728 -14.11 2.54 -21.41
C GLU B 728 -13.21 1.68 -20.53
N THR B 729 -11.93 1.61 -20.89
CA THR B 729 -11.00 0.76 -20.16
C THR B 729 -10.82 1.24 -18.72
N LEU B 730 -10.73 2.56 -18.54
CA LEU B 730 -10.59 3.11 -17.20
C LEU B 730 -11.81 2.75 -16.35
N PHE B 731 -13.00 2.85 -16.93
CA PHE B 731 -14.20 2.51 -16.15
C PHE B 731 -14.24 1.03 -15.80
N ARG B 732 -13.86 0.17 -16.75
CA ARG B 732 -13.87 -1.26 -16.44
C ARG B 732 -12.91 -1.58 -15.31
N ASN B 733 -11.71 -1.01 -15.35
CA ASN B 733 -10.76 -1.21 -14.26
C ASN B 733 -11.28 -0.62 -12.95
N GLN B 734 -11.93 0.55 -13.02
CA GLN B 734 -12.49 1.16 -11.82
C GLN B 734 -13.55 0.27 -11.19
N LEU B 735 -14.44 -0.27 -12.02
CA LEU B 735 -15.50 -1.15 -11.51
C LEU B 735 -14.91 -2.40 -10.88
N ALA B 736 -13.94 -3.02 -11.54
CA ALA B 736 -13.30 -4.21 -10.98
C ALA B 736 -12.67 -3.90 -9.62
N LEU B 737 -11.87 -2.83 -9.56
CA LEU B 737 -11.12 -2.55 -8.35
C LEU B 737 -12.03 -2.11 -7.22
N ALA B 738 -13.07 -1.32 -7.51
CA ALA B 738 -14.00 -0.91 -6.47
C ALA B 738 -14.78 -2.11 -5.93
N THR B 739 -15.26 -2.96 -6.84
CA THR B 739 -15.99 -4.16 -6.42
C THR B 739 -15.12 -5.01 -5.51
N TRP B 740 -13.86 -5.22 -5.89
CA TRP B 740 -13.05 -6.10 -5.05
C TRP B 740 -12.57 -5.40 -3.79
N THR B 741 -12.42 -4.08 -3.78
CA THR B 741 -12.11 -3.40 -2.53
C THR B 741 -13.24 -3.59 -1.52
N ILE B 742 -14.48 -3.41 -1.97
CA ILE B 742 -15.61 -3.60 -1.06
C ILE B 742 -15.71 -5.07 -0.64
N GLN B 743 -15.53 -5.99 -1.58
CA GLN B 743 -15.63 -7.41 -1.23
C GLN B 743 -14.52 -7.84 -0.28
N GLY B 744 -13.30 -7.32 -0.48
CA GLY B 744 -12.22 -7.65 0.43
C GLY B 744 -12.42 -7.06 1.81
N ALA B 745 -12.97 -5.84 1.89
CA ALA B 745 -13.32 -5.29 3.20
C ALA B 745 -14.34 -6.17 3.90
N ALA B 746 -15.37 -6.61 3.16
CA ALA B 746 -16.37 -7.50 3.73
C ALA B 746 -15.73 -8.81 4.21
N ASN B 747 -14.85 -9.38 3.39
CA ASN B 747 -14.23 -10.65 3.73
C ASN B 747 -13.35 -10.53 4.97
N ALA B 748 -12.58 -9.45 5.06
CA ALA B 748 -11.73 -9.25 6.22
C ALA B 748 -12.55 -8.99 7.47
N LEU B 749 -13.69 -8.30 7.33
CA LEU B 749 -14.54 -8.06 8.49
C LEU B 749 -15.28 -9.32 8.92
N SER B 750 -15.52 -10.25 8.00
CA SER B 750 -16.30 -11.44 8.33
C SER B 750 -15.59 -12.31 9.36
N GLY B 751 -14.28 -12.49 9.23
CA GLY B 751 -13.55 -13.31 10.17
C GLY B 751 -12.36 -14.01 9.56
N ASP B 752 -12.21 -15.30 9.86
CA ASP B 752 -11.08 -16.07 9.34
C ASP B 752 -11.27 -16.37 7.85
N VAL B 753 -10.15 -16.64 7.18
CA VAL B 753 -10.17 -16.81 5.73
C VAL B 753 -10.96 -18.05 5.33
N TRP B 754 -10.99 -19.07 6.20
CA TRP B 754 -11.74 -20.28 5.87
C TRP B 754 -13.23 -20.11 6.08
N ASP B 755 -13.65 -19.07 6.81
CA ASP B 755 -15.07 -18.86 7.08
C ASP B 755 -15.77 -18.06 5.99
N ILE B 756 -15.03 -17.51 5.03
CA ILE B 756 -15.65 -16.78 3.93
C ILE B 756 -16.50 -17.74 3.11
N ASP B 757 -17.69 -17.28 2.70
CA ASP B 757 -18.62 -18.16 2.00
C ASP B 757 -18.05 -18.66 0.68
N ASN B 758 -17.38 -17.77 -0.06
CA ASN B 758 -16.74 -18.16 -1.32
C ASN B 758 -15.42 -17.43 -1.50
N ARG D 120 1.30 -27.08 29.75
CA ARG D 120 1.37 -27.83 28.51
C ARG D 120 1.73 -29.28 28.77
N ARG D 121 0.80 -30.20 28.46
CA ARG D 121 1.05 -31.61 28.64
C ARG D 121 2.17 -32.10 27.73
N LEU D 122 2.20 -31.62 26.50
CA LEU D 122 3.22 -32.01 25.52
C LEU D 122 4.20 -30.85 25.33
N TYR D 123 5.48 -31.13 25.56
CA TYR D 123 6.53 -30.16 25.33
C TYR D 123 7.22 -30.45 24.01
N TRP D 124 8.30 -29.71 23.74
CA TRP D 124 8.98 -29.82 22.45
C TRP D 124 9.56 -31.21 22.23
N ASP D 125 10.16 -31.80 23.27
CA ASP D 125 10.79 -33.10 23.10
C ASP D 125 9.76 -34.19 22.83
N ASP D 126 8.70 -34.24 23.64
CA ASP D 126 7.67 -35.25 23.43
C ASP D 126 7.00 -35.09 22.08
N LEU D 127 6.74 -33.84 21.68
CA LEU D 127 6.03 -33.60 20.44
C LEU D 127 6.92 -33.90 19.23
N LYS D 128 8.22 -33.60 19.35
CA LYS D 128 9.16 -34.00 18.31
C LYS D 128 9.25 -35.51 18.19
N ARG D 129 9.25 -36.22 19.32
CA ARG D 129 9.24 -37.68 19.27
C ARG D 129 7.98 -38.21 18.62
N LYS D 130 6.83 -37.60 18.92
CA LYS D 130 5.58 -38.01 18.29
C LYS D 130 5.63 -37.80 16.79
N LEU D 131 6.16 -36.66 16.35
CA LEU D 131 6.30 -36.40 14.92
C LEU D 131 7.21 -37.42 14.27
N SER D 132 8.33 -37.75 14.93
CA SER D 132 9.26 -38.72 14.37
C SER D 132 8.62 -40.09 14.24
N GLU D 133 7.87 -40.52 15.25
CA GLU D 133 7.26 -41.84 15.17
C GLU D 133 6.07 -41.87 14.21
N LYS D 134 5.41 -40.74 13.99
CA LYS D 134 4.42 -40.66 12.92
C LYS D 134 5.10 -40.78 11.55
N LEU D 135 6.24 -40.12 11.39
CA LEU D 135 6.96 -40.17 10.12
C LEU D 135 7.48 -41.56 9.83
N ASP D 136 7.96 -42.26 10.86
CA ASP D 136 8.55 -43.58 10.66
C ASP D 136 7.55 -44.60 10.12
N SER D 137 6.26 -44.36 10.28
CA SER D 137 5.22 -45.24 9.78
C SER D 137 4.44 -44.63 8.63
N THR D 138 5.08 -43.79 7.82
CA THR D 138 4.43 -43.09 6.72
C THR D 138 5.03 -43.56 5.40
N ASP D 139 4.19 -43.82 4.41
CA ASP D 139 4.61 -44.31 3.10
C ASP D 139 4.54 -43.16 2.10
N PHE D 140 5.65 -42.45 1.94
CA PHE D 140 5.70 -41.36 0.98
C PHE D 140 5.85 -41.89 -0.44
N THR D 141 6.61 -42.98 -0.61
CA THR D 141 6.79 -43.56 -1.93
C THR D 141 5.46 -44.02 -2.51
N GLY D 142 4.63 -44.66 -1.69
CA GLY D 142 3.32 -45.08 -2.16
C GLY D 142 2.45 -43.90 -2.58
N THR D 143 2.50 -42.82 -1.81
CA THR D 143 1.70 -41.64 -2.15
C THR D 143 2.16 -41.01 -3.46
N ILE D 144 3.48 -40.91 -3.66
CA ILE D 144 3.98 -40.35 -4.91
C ILE D 144 3.61 -41.25 -6.08
N LYS D 145 3.76 -42.56 -5.92
CA LYS D 145 3.39 -43.49 -6.97
C LYS D 145 1.90 -43.39 -7.32
N LEU D 146 1.05 -43.23 -6.29
CA LEU D 146 -0.37 -43.06 -6.54
C LEU D 146 -0.66 -41.76 -7.25
N LEU D 147 0.04 -40.68 -6.89
CA LEU D 147 -0.16 -39.41 -7.56
C LEU D 147 0.35 -39.43 -8.99
N ASN D 148 1.23 -40.36 -9.34
CA ASN D 148 1.68 -40.51 -10.71
C ASN D 148 0.92 -41.59 -11.48
N GLU D 149 -0.31 -41.89 -11.07
CA GLU D 149 -1.12 -42.85 -11.79
C GLU D 149 -1.74 -42.20 -13.02
N ASN D 150 -2.22 -43.05 -13.93
CA ASN D 150 -2.82 -42.56 -15.17
C ASN D 150 -4.06 -41.71 -14.92
N SER D 151 -4.70 -41.85 -13.76
CA SER D 151 -5.86 -41.03 -13.44
C SER D 151 -5.47 -39.60 -13.10
N TYR D 152 -4.18 -39.29 -12.99
CA TYR D 152 -3.75 -37.97 -12.57
C TYR D 152 -2.66 -37.37 -13.44
N VAL D 153 -2.15 -38.09 -14.44
CA VAL D 153 -1.14 -37.54 -15.33
C VAL D 153 -1.54 -37.79 -16.78
N PRO D 154 -1.26 -36.87 -17.73
CA PRO D 154 -0.65 -35.56 -17.51
C PRO D 154 -1.62 -34.61 -16.82
N ARG D 155 -1.08 -33.60 -16.15
CA ARG D 155 -1.84 -32.84 -15.15
C ARG D 155 -1.75 -31.35 -15.40
N GLU D 156 -1.96 -30.93 -16.65
CA GLU D 156 -1.85 -29.51 -16.97
C GLU D 156 -2.92 -28.71 -16.23
N ALA D 157 -2.61 -27.45 -15.97
CA ALA D 157 -3.50 -26.59 -15.21
C ALA D 157 -4.86 -26.48 -15.88
N GLY D 158 -5.92 -26.64 -15.10
CA GLY D 158 -7.27 -26.52 -15.60
C GLY D 158 -7.79 -27.72 -16.36
N SER D 159 -7.00 -28.78 -16.49
CA SER D 159 -7.44 -29.94 -17.21
C SER D 159 -8.36 -30.81 -16.35
N GLN D 160 -8.79 -31.94 -16.92
CA GLN D 160 -9.65 -32.84 -16.17
C GLN D 160 -8.85 -33.62 -15.13
N LYS D 161 -7.61 -33.99 -15.46
CA LYS D 161 -6.77 -34.71 -14.50
C LYS D 161 -6.42 -33.82 -13.31
N ASP D 162 -6.16 -32.53 -13.56
CA ASP D 162 -5.90 -31.60 -12.48
C ASP D 162 -7.09 -31.50 -11.55
N GLU D 163 -8.31 -31.41 -12.11
CA GLU D 163 -9.50 -31.35 -11.28
C GLU D 163 -9.72 -32.66 -10.54
N ASN D 164 -9.41 -33.79 -11.16
CA ASN D 164 -9.54 -35.07 -10.48
C ASN D 164 -8.60 -35.15 -9.28
N LEU D 165 -7.36 -34.69 -9.45
CA LEU D 165 -6.43 -34.69 -8.33
C LEU D 165 -6.84 -33.69 -7.26
N ALA D 166 -7.43 -32.56 -7.67
CA ALA D 166 -7.94 -31.61 -6.68
C ALA D 166 -9.06 -32.23 -5.86
N LEU D 167 -9.96 -32.96 -6.51
CA LEU D 167 -11.02 -33.64 -5.78
C LEU D 167 -10.45 -34.71 -4.86
N TYR D 168 -9.42 -35.44 -5.32
CA TYR D 168 -8.78 -36.43 -4.46
C TYR D 168 -8.16 -35.78 -3.23
N VAL D 169 -7.48 -34.65 -3.43
CA VAL D 169 -6.86 -33.94 -2.31
C VAL D 169 -7.92 -33.45 -1.34
N GLU D 170 -9.04 -32.94 -1.87
CA GLU D 170 -10.11 -32.47 -1.00
C GLU D 170 -10.72 -33.61 -0.20
N ASN D 171 -10.95 -34.76 -0.85
CA ASN D 171 -11.49 -35.92 -0.13
C ASN D 171 -10.51 -36.46 0.89
N GLN D 172 -9.21 -36.35 0.62
CA GLN D 172 -8.21 -36.77 1.61
C GLN D 172 -8.22 -35.82 2.80
N PHE D 173 -8.29 -34.51 2.55
CA PHE D 173 -8.35 -33.55 3.65
C PHE D 173 -9.59 -33.78 4.49
N ARG D 174 -10.72 -34.10 3.86
CA ARG D 174 -11.93 -34.43 4.60
C ARG D 174 -11.76 -35.72 5.38
N GLU D 175 -11.06 -36.70 4.79
CA GLU D 175 -10.84 -37.97 5.48
C GLU D 175 -9.92 -37.81 6.67
N PHE D 176 -8.98 -36.86 6.60
CA PHE D 176 -8.10 -36.58 7.72
C PHE D 176 -8.82 -35.92 8.89
N LYS D 177 -10.07 -35.51 8.68
CA LYS D 177 -10.86 -34.81 9.69
C LYS D 177 -10.19 -33.50 10.11
N LEU D 178 -9.72 -32.75 9.13
CA LEU D 178 -9.25 -31.40 9.39
C LEU D 178 -10.41 -30.53 9.85
N SER D 179 -10.08 -29.39 10.47
CA SER D 179 -11.12 -28.54 11.03
C SER D 179 -12.07 -28.05 9.96
N LYS D 180 -11.55 -27.60 8.82
CA LYS D 180 -12.38 -27.19 7.71
C LYS D 180 -11.63 -27.40 6.40
N VAL D 181 -12.36 -27.85 5.39
CA VAL D 181 -11.84 -28.03 4.04
C VAL D 181 -12.69 -27.19 3.10
N TRP D 182 -12.04 -26.37 2.28
CA TRP D 182 -12.77 -25.51 1.37
C TRP D 182 -12.02 -25.35 0.07
N ARG D 183 -12.75 -24.94 -0.95
CA ARG D 183 -12.26 -24.83 -2.32
C ARG D 183 -12.11 -23.36 -2.70
N ASP D 184 -11.45 -23.12 -3.83
CA ASP D 184 -11.23 -21.76 -4.33
C ASP D 184 -11.09 -21.83 -5.84
N GLN D 185 -12.10 -21.31 -6.55
CA GLN D 185 -12.11 -21.35 -8.01
C GLN D 185 -11.65 -20.01 -8.57
N HIS D 186 -10.71 -20.06 -9.50
CA HIS D 186 -10.26 -18.89 -10.25
C HIS D 186 -10.37 -19.19 -11.73
N PHE D 187 -10.65 -18.16 -12.51
CA PHE D 187 -10.68 -18.26 -13.96
C PHE D 187 -9.54 -17.43 -14.52
N VAL D 188 -8.49 -18.10 -14.99
CA VAL D 188 -7.25 -17.45 -15.40
C VAL D 188 -7.02 -17.70 -16.87
N LYS D 189 -6.23 -16.82 -17.49
CA LYS D 189 -5.87 -16.96 -18.89
C LYS D 189 -4.46 -17.51 -19.00
N ILE D 190 -4.32 -18.61 -19.73
CA ILE D 190 -3.04 -19.26 -19.94
C ILE D 190 -2.87 -19.48 -21.44
N GLN D 191 -1.61 -19.67 -21.85
CA GLN D 191 -1.31 -19.95 -23.24
C GLN D 191 -1.14 -21.45 -23.46
N VAL D 192 -1.68 -21.91 -24.59
CA VAL D 192 -1.58 -23.30 -24.98
C VAL D 192 -1.19 -23.36 -26.44
N LYS D 193 -0.70 -24.53 -26.86
CA LYS D 193 -0.32 -24.71 -28.26
C LYS D 193 -1.54 -24.65 -29.17
N ASP D 194 -1.40 -23.98 -30.30
CA ASP D 194 -2.45 -23.92 -31.29
C ASP D 194 -2.53 -25.24 -32.05
N SER D 195 -3.56 -25.36 -32.89
CA SER D 195 -3.61 -26.47 -33.84
C SER D 195 -2.45 -26.36 -34.83
N ALA D 196 -2.15 -25.15 -35.29
CA ALA D 196 -0.95 -24.94 -36.10
C ALA D 196 0.29 -25.12 -35.24
N GLN D 197 1.29 -25.80 -35.80
CA GLN D 197 2.48 -26.13 -35.03
C GLN D 197 3.48 -24.98 -35.05
N ASN D 198 4.06 -24.69 -33.89
CA ASN D 198 5.22 -23.81 -33.83
C ASN D 198 6.38 -24.46 -34.57
N SER D 199 7.15 -23.64 -35.27
CA SER D 199 8.22 -24.17 -36.10
C SER D 199 9.44 -23.26 -36.04
N VAL D 200 10.61 -23.89 -36.08
CA VAL D 200 11.89 -23.19 -36.25
C VAL D 200 12.48 -23.67 -37.56
N ILE D 201 12.76 -22.73 -38.46
CA ILE D 201 13.10 -23.05 -39.84
C ILE D 201 14.34 -22.27 -40.25
N ILE D 202 15.28 -22.94 -40.89
CA ILE D 202 16.42 -22.28 -41.51
C ILE D 202 15.99 -21.77 -42.88
N VAL D 203 16.19 -20.48 -43.13
CA VAL D 203 15.81 -19.85 -44.39
C VAL D 203 17.02 -19.16 -44.99
N ASP D 204 16.99 -19.00 -46.31
CA ASP D 204 18.09 -18.35 -47.02
C ASP D 204 18.01 -16.84 -46.81
N LYS D 205 18.91 -16.11 -47.47
CA LYS D 205 18.91 -14.66 -47.37
C LYS D 205 17.65 -14.06 -47.98
N ASN D 206 17.04 -14.76 -48.94
CA ASN D 206 15.83 -14.29 -49.59
C ASN D 206 14.57 -14.85 -48.96
N GLY D 207 14.68 -15.60 -47.87
CA GLY D 207 13.52 -16.15 -47.20
C GLY D 207 13.07 -17.51 -47.71
N ARG D 208 13.72 -18.06 -48.72
CA ARG D 208 13.33 -19.36 -49.24
C ARG D 208 13.63 -20.46 -48.23
N LEU D 209 12.81 -21.51 -48.28
CA LEU D 209 13.01 -22.66 -47.40
C LEU D 209 14.34 -23.35 -47.70
N VAL D 210 15.08 -23.68 -46.63
CA VAL D 210 16.29 -24.48 -46.77
C VAL D 210 15.99 -25.88 -46.27
N TYR D 211 15.66 -26.01 -44.98
CA TYR D 211 15.20 -27.26 -44.40
C TYR D 211 14.63 -26.99 -43.02
N LEU D 212 13.57 -27.72 -42.68
CA LEU D 212 12.94 -27.56 -41.38
C LEU D 212 13.85 -28.09 -40.28
N VAL D 213 13.94 -27.35 -39.18
CA VAL D 213 14.75 -27.78 -38.05
C VAL D 213 13.94 -28.68 -37.11
N GLU D 214 12.85 -28.14 -36.56
CA GLU D 214 12.04 -28.90 -35.62
C GLU D 214 10.69 -28.23 -35.46
N ASN D 215 9.65 -29.07 -35.33
CA ASN D 215 8.35 -28.64 -34.85
C ASN D 215 8.28 -29.02 -33.37
N PRO D 216 8.63 -28.12 -32.46
CA PRO D 216 8.79 -28.53 -31.05
C PRO D 216 7.50 -29.04 -30.44
N GLY D 217 7.64 -30.06 -29.59
CA GLY D 217 6.50 -30.55 -28.83
C GLY D 217 6.16 -29.72 -27.62
N GLY D 218 7.15 -29.03 -27.05
CA GLY D 218 6.92 -28.12 -25.95
C GLY D 218 6.79 -26.69 -26.43
N TYR D 219 6.55 -25.80 -25.47
CA TYR D 219 6.35 -24.39 -25.80
C TYR D 219 6.61 -23.56 -24.55
N VAL D 220 6.72 -22.26 -24.75
CA VAL D 220 6.85 -21.30 -23.66
C VAL D 220 5.54 -20.56 -23.54
N ALA D 221 4.87 -20.73 -22.40
CA ALA D 221 3.61 -20.04 -22.17
C ALA D 221 3.84 -18.53 -22.08
N TYR D 222 2.86 -17.77 -22.54
CA TYR D 222 2.86 -16.31 -22.56
C TYR D 222 3.89 -15.74 -23.53
N SER D 223 4.47 -16.57 -24.39
CA SER D 223 5.24 -16.06 -25.51
C SER D 223 4.31 -15.39 -26.52
N LYS D 224 4.77 -14.29 -27.10
CA LYS D 224 3.95 -13.62 -28.11
C LYS D 224 3.82 -14.49 -29.35
N ALA D 225 2.59 -14.62 -29.84
CA ALA D 225 2.32 -15.40 -31.05
C ALA D 225 2.70 -14.55 -32.26
N ALA D 226 3.87 -14.81 -32.82
CA ALA D 226 4.38 -14.01 -33.94
C ALA D 226 5.40 -14.82 -34.72
N THR D 227 5.67 -14.37 -35.93
CA THR D 227 6.69 -14.94 -36.79
C THR D 227 7.82 -13.94 -36.96
N VAL D 228 9.04 -14.36 -36.64
CA VAL D 228 10.22 -13.50 -36.73
C VAL D 228 11.29 -14.21 -37.54
N THR D 229 11.99 -13.45 -38.38
CA THR D 229 13.07 -13.98 -39.20
C THR D 229 14.29 -13.09 -39.02
N GLY D 230 15.45 -13.71 -38.92
CA GLY D 230 16.68 -12.95 -38.80
C GLY D 230 17.84 -13.83 -38.41
N LYS D 231 18.94 -13.17 -38.06
CA LYS D 231 20.15 -13.88 -37.65
C LYS D 231 19.95 -14.52 -36.29
N LEU D 232 20.60 -15.67 -36.09
CA LEU D 232 20.57 -16.37 -34.81
C LEU D 232 21.95 -16.28 -34.17
N VAL D 233 21.98 -15.74 -32.95
CA VAL D 233 23.23 -15.53 -32.21
C VAL D 233 23.08 -16.19 -30.84
N HIS D 234 24.20 -16.65 -30.29
CA HIS D 234 24.19 -17.45 -29.08
C HIS D 234 24.59 -16.60 -27.88
N ALA D 235 23.70 -16.52 -26.89
CA ALA D 235 24.04 -16.07 -25.56
C ALA D 235 24.13 -17.29 -24.64
N ASN D 236 25.00 -17.20 -23.64
CA ASN D 236 25.27 -18.37 -22.80
C ASN D 236 24.02 -18.83 -22.07
N PHE D 237 23.52 -18.02 -21.14
CA PHE D 237 22.33 -18.36 -20.36
C PHE D 237 21.27 -17.28 -20.43
N GLY D 238 21.50 -16.20 -21.15
CA GLY D 238 20.57 -15.09 -21.16
C GLY D 238 20.72 -14.12 -20.01
N THR D 239 21.70 -14.33 -19.13
CA THR D 239 21.93 -13.39 -18.04
C THR D 239 22.49 -12.09 -18.59
N LYS D 240 22.36 -11.03 -17.79
CA LYS D 240 22.79 -9.71 -18.23
C LYS D 240 24.29 -9.68 -18.48
N LYS D 241 25.06 -10.41 -17.67
CA LYS D 241 26.51 -10.50 -17.91
C LYS D 241 26.80 -11.20 -19.23
N ASP D 242 26.03 -12.24 -19.56
CA ASP D 242 26.24 -12.93 -20.82
C ASP D 242 25.98 -12.02 -22.01
N PHE D 243 24.94 -11.19 -21.93
CA PHE D 243 24.63 -10.28 -23.03
C PHE D 243 25.65 -9.15 -23.12
N GLU D 244 26.07 -8.61 -21.96
CA GLU D 244 27.01 -7.50 -21.96
C GLU D 244 28.37 -7.93 -22.53
N ASP D 245 28.84 -9.12 -22.14
CA ASP D 245 30.14 -9.61 -22.57
C ASP D 245 30.09 -10.35 -23.89
N LEU D 246 29.11 -10.08 -24.73
CA LEU D 246 28.92 -10.79 -25.99
C LEU D 246 29.43 -9.93 -27.15
N TYR D 247 30.23 -10.52 -28.02
CA TYR D 247 30.85 -9.75 -29.10
C TYR D 247 29.82 -9.28 -30.12
N THR D 248 28.96 -10.17 -30.57
CA THR D 248 27.96 -9.82 -31.57
C THR D 248 26.80 -9.08 -30.93
N PRO D 249 26.43 -7.90 -31.41
CA PRO D 249 25.29 -7.19 -30.83
C PRO D 249 23.99 -7.90 -31.12
N VAL D 250 23.21 -8.16 -30.07
CA VAL D 250 21.94 -8.86 -30.20
C VAL D 250 20.79 -7.86 -30.38
N ASN D 251 20.61 -7.38 -31.60
CA ASN D 251 19.48 -6.52 -31.95
C ASN D 251 18.97 -6.91 -33.33
N GLY D 252 17.65 -6.98 -33.47
CA GLY D 252 17.07 -7.44 -34.70
C GLY D 252 17.45 -8.87 -35.06
N SER D 253 17.89 -9.64 -34.06
CA SER D 253 18.32 -11.01 -34.27
C SER D 253 17.75 -11.90 -33.18
N ILE D 254 17.58 -13.16 -33.51
CA ILE D 254 17.08 -14.15 -32.56
C ILE D 254 18.25 -14.67 -31.73
N VAL D 255 18.08 -14.70 -30.42
CA VAL D 255 19.11 -15.19 -29.51
C VAL D 255 18.73 -16.60 -29.09
N ILE D 256 19.72 -17.48 -29.05
CA ILE D 256 19.54 -18.83 -28.53
C ILE D 256 20.32 -18.95 -27.22
N VAL D 257 19.64 -19.40 -26.18
CA VAL D 257 20.21 -19.44 -24.84
C VAL D 257 20.05 -20.85 -24.28
N ARG D 258 20.90 -21.20 -23.34
CA ARG D 258 20.79 -22.47 -22.65
C ARG D 258 19.86 -22.34 -21.46
N ALA D 259 19.06 -23.37 -21.22
CA ALA D 259 18.18 -23.37 -20.07
C ALA D 259 18.99 -23.45 -18.78
N GLY D 260 18.55 -22.71 -17.77
CA GLY D 260 19.13 -22.79 -16.45
C GLY D 260 19.76 -21.49 -15.99
N LYS D 261 20.05 -21.46 -14.69
CA LYS D 261 20.76 -20.40 -13.98
C LYS D 261 19.91 -19.15 -13.79
N ILE D 262 18.79 -19.07 -14.52
CA ILE D 262 17.80 -18.00 -14.41
C ILE D 262 16.52 -18.50 -15.06
N THR D 263 15.40 -17.88 -14.71
CA THR D 263 14.12 -18.29 -15.24
C THR D 263 14.02 -17.94 -16.73
N PHE D 264 13.11 -18.61 -17.42
CA PHE D 264 12.86 -18.31 -18.82
C PHE D 264 12.44 -16.86 -19.00
N ALA D 265 11.61 -16.37 -18.07
CA ALA D 265 11.16 -14.98 -18.14
C ALA D 265 12.32 -14.01 -18.07
N GLU D 266 13.30 -14.30 -17.21
CA GLU D 266 14.48 -13.43 -17.11
C GLU D 266 15.27 -13.44 -18.41
N LYS D 267 15.45 -14.62 -19.01
CA LYS D 267 16.16 -14.70 -20.29
C LYS D 267 15.45 -13.86 -21.35
N VAL D 268 14.13 -14.00 -21.43
CA VAL D 268 13.37 -13.29 -22.46
C VAL D 268 13.41 -11.79 -22.21
N ALA D 269 13.31 -11.38 -20.95
CA ALA D 269 13.36 -9.95 -20.64
C ALA D 269 14.73 -9.37 -20.98
N ASN D 270 15.80 -10.10 -20.67
CA ASN D 270 17.14 -9.62 -20.99
C ASN D 270 17.33 -9.51 -22.50
N ALA D 271 16.85 -10.49 -23.25
CA ALA D 271 16.96 -10.43 -24.70
C ALA D 271 16.12 -9.29 -25.27
N GLU D 272 14.93 -9.08 -24.72
CA GLU D 272 14.03 -8.06 -25.25
C GLU D 272 14.54 -6.66 -24.95
N SER D 273 15.18 -6.47 -23.80
CA SER D 273 15.72 -5.15 -23.45
C SER D 273 16.82 -4.72 -24.41
N LEU D 274 17.43 -5.67 -25.13
CA LEU D 274 18.44 -5.35 -26.13
C LEU D 274 17.88 -5.41 -27.55
N ASN D 275 16.55 -5.44 -27.69
CA ASN D 275 15.88 -5.41 -28.98
C ASN D 275 16.14 -6.66 -29.81
N ALA D 276 16.18 -7.82 -29.17
CA ALA D 276 16.16 -9.08 -29.91
C ALA D 276 14.74 -9.42 -30.34
N ILE D 277 14.61 -10.01 -31.52
CA ILE D 277 13.28 -10.29 -32.06
C ILE D 277 12.73 -11.64 -31.64
N GLY D 278 13.55 -12.51 -31.08
CA GLY D 278 13.06 -13.82 -30.65
C GLY D 278 14.07 -14.49 -29.76
N VAL D 279 13.60 -15.52 -29.04
CA VAL D 279 14.43 -16.29 -28.13
C VAL D 279 14.21 -17.77 -28.41
N LEU D 280 15.29 -18.53 -28.49
CA LEU D 280 15.24 -19.98 -28.55
C LEU D 280 15.93 -20.54 -27.32
N ILE D 281 15.28 -21.48 -26.64
CA ILE D 281 15.78 -22.07 -25.40
C ILE D 281 15.97 -23.56 -25.62
N TYR D 282 17.11 -24.08 -25.15
CA TYR D 282 17.41 -25.49 -25.25
C TYR D 282 18.19 -25.93 -24.03
N MET D 283 18.20 -27.25 -23.81
CA MET D 283 18.92 -27.86 -22.70
C MET D 283 20.18 -28.52 -23.26
N ASP D 284 21.34 -27.94 -22.96
CA ASP D 284 22.59 -28.45 -23.48
C ASP D 284 22.98 -29.74 -22.77
N GLN D 285 23.84 -30.51 -23.43
CA GLN D 285 24.24 -31.82 -22.90
C GLN D 285 25.00 -31.67 -21.58
N THR D 286 25.86 -30.67 -21.48
CA THR D 286 26.72 -30.55 -20.29
C THR D 286 25.90 -30.29 -19.04
N LYS D 287 24.99 -29.32 -19.09
CA LYS D 287 24.22 -28.97 -17.90
C LYS D 287 23.03 -29.90 -17.71
N PHE D 288 22.52 -30.51 -18.78
CA PHE D 288 21.38 -31.42 -18.70
C PHE D 288 21.77 -32.73 -19.37
N PRO D 289 22.44 -33.63 -18.66
CA PRO D 289 22.91 -34.87 -19.28
C PRO D 289 21.78 -35.86 -19.55
N ILE D 290 20.79 -35.45 -20.34
CA ILE D 290 19.70 -36.34 -20.73
C ILE D 290 20.18 -37.21 -21.89
N VAL D 291 19.83 -38.50 -21.84
CA VAL D 291 20.35 -39.44 -22.83
C VAL D 291 19.83 -39.10 -24.21
N ASN D 292 18.53 -38.88 -24.34
CA ASN D 292 17.94 -38.61 -25.65
C ASN D 292 17.92 -37.11 -25.92
N ALA D 293 18.25 -36.73 -27.15
CA ALA D 293 18.32 -35.33 -27.54
C ALA D 293 17.02 -34.79 -28.10
N GLU D 294 16.00 -35.63 -28.27
CA GLU D 294 14.74 -35.19 -28.83
C GLU D 294 13.75 -34.71 -27.79
N LEU D 295 14.14 -34.67 -26.52
CA LEU D 295 13.21 -34.34 -25.45
C LEU D 295 12.78 -32.88 -25.53
N SER D 296 11.48 -32.64 -25.40
CA SER D 296 10.92 -31.29 -25.44
C SER D 296 10.42 -30.91 -24.05
N PHE D 297 10.60 -29.63 -23.71
CA PHE D 297 10.31 -29.16 -22.36
C PHE D 297 9.45 -27.91 -22.42
N PHE D 298 8.97 -27.50 -21.26
CA PHE D 298 7.97 -26.46 -21.12
C PHE D 298 8.45 -25.39 -20.14
N GLY D 299 7.98 -24.17 -20.36
CA GLY D 299 8.24 -23.08 -19.45
C GLY D 299 7.28 -21.94 -19.73
N HIS D 300 7.43 -20.87 -18.95
CA HIS D 300 6.66 -19.66 -19.16
C HIS D 300 7.59 -18.45 -19.11
N ALA D 301 7.26 -17.44 -19.91
CA ALA D 301 8.11 -16.27 -20.07
C ALA D 301 7.54 -15.03 -19.41
N HIS D 302 6.56 -15.18 -18.53
CA HIS D 302 5.99 -14.03 -17.83
C HIS D 302 6.92 -13.63 -16.69
N LEU D 303 7.41 -12.39 -16.72
CA LEU D 303 8.32 -11.89 -15.70
C LEU D 303 7.49 -11.42 -14.49
N GLY D 304 6.95 -12.41 -13.78
CA GLY D 304 6.10 -12.13 -12.64
C GLY D 304 5.40 -13.39 -12.19
N THR D 305 4.38 -13.21 -11.37
CA THR D 305 3.59 -14.31 -10.86
C THR D 305 2.11 -13.99 -11.05
N GLY D 306 1.30 -15.04 -10.97
CA GLY D 306 -0.13 -14.88 -11.10
C GLY D 306 -0.59 -14.82 -12.54
N ASP D 307 -1.87 -14.53 -12.70
CA ASP D 307 -2.44 -14.35 -14.02
C ASP D 307 -1.87 -13.09 -14.64
N PRO D 308 -1.18 -13.17 -15.79
CA PRO D 308 -0.61 -11.95 -16.38
C PRO D 308 -1.65 -10.99 -16.93
N TYR D 309 -2.91 -11.41 -17.05
CA TYR D 309 -3.96 -10.56 -17.57
C TYR D 309 -4.86 -10.01 -16.48
N THR D 310 -4.58 -10.30 -15.22
CA THR D 310 -5.21 -9.65 -14.07
C THR D 310 -4.11 -9.23 -13.10
N PRO D 311 -3.30 -8.24 -13.48
CA PRO D 311 -2.15 -7.85 -12.64
C PRO D 311 -2.62 -7.10 -11.41
N GLY D 312 -2.31 -7.64 -10.24
CA GLY D 312 -2.59 -6.97 -8.99
C GLY D 312 -3.95 -7.25 -8.39
N PHE D 313 -4.88 -7.81 -9.15
CA PHE D 313 -6.20 -8.04 -8.59
C PHE D 313 -6.61 -9.52 -8.76
N PRO D 314 -7.55 -10.00 -7.94
CA PRO D 314 -7.67 -11.45 -7.71
C PRO D 314 -8.06 -12.30 -8.91
N SER D 315 -8.52 -11.73 -10.02
CA SER D 315 -9.03 -12.52 -11.14
C SER D 315 -10.19 -13.40 -10.70
N PHE D 316 -11.13 -12.80 -9.98
CA PHE D 316 -12.40 -13.43 -9.67
C PHE D 316 -13.47 -12.94 -10.64
N ASN D 317 -14.61 -13.63 -10.63
CA ASN D 317 -15.74 -13.17 -11.43
C ASN D 317 -16.20 -11.78 -11.00
N HIS D 318 -15.96 -11.43 -9.74
CA HIS D 318 -16.35 -10.11 -9.24
C HIS D 318 -15.69 -8.99 -10.02
N THR D 319 -14.42 -9.15 -10.38
CA THR D 319 -13.72 -8.14 -11.16
C THR D 319 -14.27 -8.03 -12.58
N GLN D 320 -14.98 -9.05 -13.05
CA GLN D 320 -15.51 -9.12 -14.42
C GLN D 320 -14.42 -9.06 -15.46
N PHE D 321 -13.17 -9.25 -15.05
CA PHE D 321 -12.02 -9.39 -15.93
C PHE D 321 -11.85 -8.18 -16.84
N PRO D 322 -11.45 -7.03 -16.29
CA PRO D 322 -11.28 -5.83 -17.10
C PRO D 322 -10.10 -6.00 -18.05
N PRO D 323 -10.02 -5.16 -19.09
CA PRO D 323 -8.86 -5.24 -19.99
C PRO D 323 -7.60 -4.75 -19.30
N SER D 324 -6.73 -5.67 -18.93
CA SER D 324 -5.49 -5.34 -18.25
C SER D 324 -4.41 -6.28 -18.73
N ARG D 325 -3.16 -5.84 -18.59
CA ARG D 325 -2.02 -6.60 -19.11
C ARG D 325 -0.80 -6.30 -18.27
N SER D 326 -0.15 -7.34 -17.77
CA SER D 326 1.04 -7.15 -16.95
C SER D 326 2.22 -6.68 -17.80
N SER D 327 3.05 -5.84 -17.22
CA SER D 327 4.23 -5.36 -17.92
C SER D 327 5.29 -6.44 -18.08
N GLY D 328 5.15 -7.56 -17.37
CA GLY D 328 6.09 -8.65 -17.47
C GLY D 328 5.87 -9.58 -18.64
N LEU D 329 4.85 -9.34 -19.44
CA LEU D 329 4.60 -10.18 -20.60
C LEU D 329 5.58 -9.84 -21.72
N PRO D 330 6.22 -10.82 -22.34
CA PRO D 330 7.15 -10.53 -23.42
C PRO D 330 6.42 -10.09 -24.68
N ASN D 331 7.16 -9.39 -25.54
CA ASN D 331 6.65 -8.94 -26.83
C ASN D 331 7.38 -9.61 -28.00
N ILE D 332 8.08 -10.70 -27.75
CA ILE D 332 8.81 -11.41 -28.79
C ILE D 332 8.48 -12.89 -28.70
N PRO D 333 8.50 -13.63 -29.82
CA PRO D 333 8.27 -15.07 -29.74
C PRO D 333 9.36 -15.77 -28.94
N VAL D 334 8.95 -16.77 -28.16
CA VAL D 334 9.85 -17.57 -27.36
C VAL D 334 9.49 -19.04 -27.58
N GLN D 335 10.50 -19.88 -27.78
CA GLN D 335 10.26 -21.28 -28.09
C GLN D 335 11.34 -22.14 -27.44
N THR D 336 10.92 -23.27 -26.89
CA THR D 336 11.85 -24.27 -26.38
C THR D 336 12.06 -25.33 -27.46
N ILE D 337 13.32 -25.62 -27.75
CA ILE D 337 13.68 -26.60 -28.77
C ILE D 337 14.51 -27.70 -28.13
N SER D 338 14.47 -28.88 -28.75
CA SER D 338 15.23 -30.01 -28.25
C SER D 338 16.72 -29.81 -28.54
N ARG D 339 17.53 -30.66 -27.89
CA ARG D 339 18.97 -30.56 -28.08
C ARG D 339 19.37 -30.93 -29.51
N ALA D 340 18.65 -31.87 -30.13
CA ALA D 340 18.92 -32.20 -31.52
C ALA D 340 18.67 -31.02 -32.44
N ALA D 341 17.59 -30.28 -32.20
CA ALA D 341 17.31 -29.08 -32.98
C ALA D 341 18.40 -28.04 -32.78
N ALA D 342 18.86 -27.87 -31.54
CA ALA D 342 19.93 -26.92 -31.28
C ALA D 342 21.22 -27.32 -31.99
N GLU D 343 21.53 -28.62 -32.02
CA GLU D 343 22.71 -29.08 -32.73
C GLU D 343 22.56 -28.87 -34.23
N LYS D 344 21.34 -29.07 -34.75
CA LYS D 344 21.09 -28.78 -36.16
C LYS D 344 21.32 -27.30 -36.46
N LEU D 345 20.87 -26.42 -35.57
CA LEU D 345 21.10 -24.99 -35.75
C LEU D 345 22.58 -24.66 -35.68
N PHE D 346 23.30 -25.28 -34.74
CA PHE D 346 24.73 -25.03 -34.61
C PHE D 346 25.49 -25.53 -35.82
N GLY D 347 24.95 -26.54 -36.51
CA GLY D 347 25.55 -26.98 -37.75
C GLY D 347 25.55 -25.91 -38.84
N ASN D 348 24.67 -24.92 -38.71
CA ASN D 348 24.61 -23.80 -39.65
C ASN D 348 25.27 -22.55 -39.11
N MET D 349 26.02 -22.64 -38.03
CA MET D 349 26.66 -21.48 -37.43
C MET D 349 28.17 -21.54 -37.64
N GLU D 350 28.84 -20.44 -37.31
CA GLU D 350 30.27 -20.28 -37.58
C GLU D 350 31.11 -20.11 -36.31
N GLY D 351 30.74 -19.18 -35.45
CA GLY D 351 31.61 -18.82 -34.34
C GLY D 351 31.79 -19.97 -33.35
N ASP D 352 32.90 -19.92 -32.62
CA ASP D 352 33.22 -20.92 -31.62
C ASP D 352 33.00 -20.34 -30.23
N CYS D 353 32.29 -21.08 -29.39
CA CYS D 353 31.93 -20.57 -28.08
C CYS D 353 33.16 -20.48 -27.18
N PRO D 354 33.22 -19.48 -26.30
CA PRO D 354 34.37 -19.37 -25.39
C PRO D 354 34.42 -20.54 -24.40
N SER D 355 35.64 -20.86 -23.97
CA SER D 355 35.81 -21.91 -22.98
C SER D 355 35.25 -21.52 -21.62
N ASP D 356 35.04 -20.23 -21.38
CA ASP D 356 34.41 -19.81 -20.13
C ASP D 356 33.01 -20.37 -19.99
N TRP D 357 32.31 -20.56 -21.10
CA TRP D 357 31.02 -21.25 -21.10
C TRP D 357 31.30 -22.76 -21.08
N LYS D 358 31.13 -23.38 -19.92
CA LYS D 358 31.37 -24.81 -19.82
C LYS D 358 30.25 -25.57 -20.51
N THR D 359 30.22 -25.50 -21.84
CA THR D 359 29.17 -26.09 -22.65
C THR D 359 29.76 -27.13 -23.59
N ASP D 360 28.91 -27.70 -24.45
CA ASP D 360 29.33 -28.74 -25.36
C ASP D 360 30.28 -28.19 -26.42
N SER D 361 31.07 -29.10 -27.01
CA SER D 361 31.96 -28.71 -28.09
C SER D 361 31.20 -28.43 -29.39
N THR D 362 29.98 -28.96 -29.52
CA THR D 362 29.17 -28.73 -30.71
C THR D 362 28.59 -27.33 -30.74
N CYS D 363 28.55 -26.64 -29.60
CA CYS D 363 27.92 -25.33 -29.51
C CYS D 363 28.66 -24.33 -30.39
N ARG D 364 27.91 -23.44 -31.03
CA ARG D 364 28.46 -22.43 -31.92
C ARG D 364 27.86 -21.08 -31.58
N MET D 365 28.49 -20.02 -32.09
CA MET D 365 28.16 -18.67 -31.64
C MET D 365 27.15 -17.96 -32.55
N VAL D 366 27.47 -17.77 -33.82
CA VAL D 366 26.69 -16.90 -34.70
C VAL D 366 26.39 -17.63 -36.00
N THR D 367 25.18 -17.41 -36.52
CA THR D 367 24.77 -18.01 -37.79
C THR D 367 25.63 -17.48 -38.93
N SER D 368 25.85 -18.33 -39.93
CA SER D 368 26.57 -17.90 -41.12
C SER D 368 25.85 -16.75 -41.81
N GLU D 369 26.63 -15.93 -42.52
CA GLU D 369 26.07 -14.73 -43.14
C GLU D 369 25.07 -15.03 -44.24
N SER D 370 25.06 -16.26 -44.76
CA SER D 370 24.17 -16.63 -45.85
C SER D 370 22.94 -17.41 -45.40
N LYS D 371 22.68 -17.48 -44.09
CA LYS D 371 21.55 -18.22 -43.56
C LYS D 371 20.84 -17.40 -42.50
N ASN D 372 19.55 -17.69 -42.34
CA ASN D 372 18.73 -17.05 -41.34
C ASN D 372 17.79 -18.08 -40.73
N VAL D 373 17.24 -17.74 -39.57
CA VAL D 373 16.33 -18.61 -38.83
C VAL D 373 14.97 -17.93 -38.75
N LYS D 374 13.94 -18.65 -39.20
CA LYS D 374 12.56 -18.17 -39.07
C LYS D 374 11.89 -18.89 -37.91
N LEU D 375 11.50 -18.13 -36.90
CA LEU D 375 10.85 -18.68 -35.72
C LEU D 375 9.36 -18.36 -35.78
N THR D 376 8.54 -19.40 -35.84
CA THR D 376 7.09 -19.25 -35.89
C THR D 376 6.51 -19.73 -34.56
N VAL D 377 5.81 -18.83 -33.87
CA VAL D 377 5.14 -19.14 -32.61
C VAL D 377 3.69 -18.72 -32.74
N SER D 378 2.76 -19.62 -32.42
CA SER D 378 1.35 -19.35 -32.60
C SER D 378 0.52 -19.77 -31.38
N ASN D 379 1.06 -19.65 -30.17
CA ASN D 379 0.33 -20.02 -28.97
C ASN D 379 -0.91 -19.14 -28.81
N VAL D 380 -1.98 -19.72 -28.30
CA VAL D 380 -3.26 -19.04 -28.16
C VAL D 380 -3.65 -18.99 -26.68
N LEU D 381 -4.22 -17.87 -26.26
CA LEU D 381 -4.71 -17.75 -24.90
C LEU D 381 -5.93 -18.63 -24.69
N LYS D 382 -6.01 -19.24 -23.51
CA LYS D 382 -7.18 -20.03 -23.12
C LYS D 382 -7.53 -19.67 -21.68
N GLU D 383 -8.82 -19.51 -21.42
CA GLU D 383 -9.30 -19.27 -20.06
C GLU D 383 -9.72 -20.59 -19.45
N ILE D 384 -9.19 -20.89 -18.27
CA ILE D 384 -9.40 -22.17 -17.61
C ILE D 384 -9.82 -21.92 -16.17
N LYS D 385 -10.42 -22.93 -15.56
CA LYS D 385 -10.79 -22.88 -14.15
C LYS D 385 -9.76 -23.68 -13.35
N ILE D 386 -9.14 -23.02 -12.38
CA ILE D 386 -8.16 -23.64 -11.51
C ILE D 386 -8.72 -23.70 -10.10
N LEU D 387 -8.48 -24.81 -9.41
CA LEU D 387 -8.95 -25.00 -8.05
C LEU D 387 -7.78 -24.96 -7.08
N ASN D 388 -7.92 -24.16 -6.03
CA ASN D 388 -7.05 -24.23 -4.86
C ASN D 388 -7.80 -24.95 -3.75
N ILE D 389 -7.24 -26.07 -3.30
CA ILE D 389 -7.86 -26.88 -2.25
C ILE D 389 -7.16 -26.58 -0.95
N PHE D 390 -7.96 -26.30 0.09
CA PHE D 390 -7.42 -25.91 1.39
C PHE D 390 -7.96 -26.82 2.47
N GLY D 391 -7.12 -27.05 3.48
CA GLY D 391 -7.56 -27.65 4.72
C GLY D 391 -6.88 -26.95 5.87
N VAL D 392 -7.61 -26.85 6.99
CA VAL D 392 -7.12 -26.11 8.14
C VAL D 392 -7.21 -26.98 9.38
N ILE D 393 -6.20 -26.87 10.24
CA ILE D 393 -6.24 -27.42 11.58
C ILE D 393 -6.26 -26.23 12.52
N LYS D 394 -7.45 -25.89 13.03
CA LYS D 394 -7.61 -24.67 13.79
C LYS D 394 -6.87 -24.74 15.11
N GLY D 395 -6.24 -23.64 15.49
CA GLY D 395 -5.46 -23.58 16.71
C GLY D 395 -6.34 -23.57 17.94
N PHE D 396 -5.69 -23.75 19.09
CA PHE D 396 -6.39 -23.83 20.36
C PHE D 396 -6.29 -22.56 21.19
N VAL D 397 -5.34 -21.67 20.88
CA VAL D 397 -5.14 -20.43 21.62
C VAL D 397 -5.39 -19.21 20.74
N GLU D 398 -4.74 -19.17 19.57
CA GLU D 398 -4.87 -18.06 18.64
C GLU D 398 -5.20 -18.60 17.26
N PRO D 399 -6.43 -19.08 17.06
CA PRO D 399 -6.78 -19.68 15.77
C PRO D 399 -6.70 -18.73 14.60
N ASP D 400 -6.89 -17.42 14.84
CA ASP D 400 -6.92 -16.47 13.74
C ASP D 400 -5.56 -16.26 13.09
N HIS D 401 -4.48 -16.73 13.71
CA HIS D 401 -3.15 -16.69 13.13
C HIS D 401 -2.77 -18.09 12.70
N TYR D 402 -2.11 -18.20 11.55
CA TYR D 402 -1.88 -19.53 10.97
C TYR D 402 -0.61 -19.55 10.13
N VAL D 403 -0.07 -20.75 10.00
CA VAL D 403 1.01 -21.04 9.06
C VAL D 403 0.41 -21.71 7.84
N VAL D 404 0.77 -21.23 6.65
CA VAL D 404 0.30 -21.81 5.41
C VAL D 404 1.37 -22.73 4.87
N VAL D 405 0.99 -23.98 4.61
CA VAL D 405 1.85 -24.96 3.97
C VAL D 405 1.27 -25.25 2.60
N GLY D 406 2.05 -25.00 1.56
CA GLY D 406 1.55 -25.07 0.20
C GLY D 406 2.39 -25.97 -0.67
N ALA D 407 1.75 -26.48 -1.72
CA ALA D 407 2.41 -27.33 -2.70
C ALA D 407 1.66 -27.24 -4.03
N GLN D 408 2.41 -27.03 -5.11
CA GLN D 408 1.82 -26.98 -6.43
C GLN D 408 1.29 -28.36 -6.83
N ARG D 409 0.10 -28.38 -7.44
CA ARG D 409 -0.53 -29.62 -7.87
C ARG D 409 -0.39 -29.87 -9.36
N ASP D 410 -0.48 -28.83 -10.19
CA ASP D 410 -0.45 -28.99 -11.62
C ASP D 410 0.97 -29.20 -12.13
N ALA D 411 1.06 -29.75 -13.34
CA ALA D 411 2.33 -29.96 -14.01
C ALA D 411 2.08 -30.20 -15.49
N TRP D 412 3.00 -29.73 -16.33
CA TRP D 412 2.81 -29.89 -17.77
C TRP D 412 2.87 -31.36 -18.17
N GLY D 413 3.89 -32.07 -17.70
CA GLY D 413 4.01 -33.48 -17.97
C GLY D 413 3.48 -34.32 -16.82
N PRO D 414 4.09 -35.48 -16.60
CA PRO D 414 3.73 -36.26 -15.40
C PRO D 414 4.00 -35.51 -14.11
N GLY D 415 5.06 -34.71 -14.06
CA GLY D 415 5.34 -33.87 -12.92
C GLY D 415 5.57 -34.60 -11.61
N ALA D 416 6.34 -35.68 -11.62
CA ALA D 416 6.61 -36.41 -10.39
C ALA D 416 7.39 -35.57 -9.40
N ALA D 417 8.48 -34.96 -9.86
CA ALA D 417 9.26 -34.10 -8.97
C ALA D 417 8.74 -32.67 -8.98
N LYS D 418 8.12 -32.24 -10.08
CA LYS D 418 7.59 -30.89 -10.15
C LYS D 418 6.43 -30.69 -9.18
N SER D 419 5.48 -31.63 -9.16
CA SER D 419 4.30 -31.49 -8.31
C SER D 419 3.93 -32.74 -7.52
N GLY D 420 4.36 -33.93 -7.93
CA GLY D 420 3.96 -35.13 -7.21
C GLY D 420 4.55 -35.20 -5.82
N VAL D 421 5.84 -34.87 -5.69
CA VAL D 421 6.50 -34.95 -4.39
C VAL D 421 5.90 -33.93 -3.43
N GLY D 422 5.70 -32.69 -3.91
CA GLY D 422 5.14 -31.67 -3.05
C GLY D 422 3.73 -31.99 -2.59
N THR D 423 2.89 -32.48 -3.50
CA THR D 423 1.53 -32.84 -3.13
C THR D 423 1.51 -34.01 -2.16
N ALA D 424 2.38 -35.00 -2.38
CA ALA D 424 2.48 -36.12 -1.44
C ALA D 424 2.91 -35.64 -0.07
N LEU D 425 3.89 -34.75 -0.01
CA LEU D 425 4.33 -34.21 1.27
C LEU D 425 3.21 -33.44 1.96
N LEU D 426 2.46 -32.66 1.19
CA LEU D 426 1.34 -31.90 1.76
C LEU D 426 0.30 -32.85 2.36
N LEU D 427 -0.08 -33.88 1.60
CA LEU D 427 -1.08 -34.82 2.09
C LEU D 427 -0.60 -35.55 3.34
N LYS D 428 0.66 -35.99 3.34
CA LYS D 428 1.17 -36.75 4.47
C LYS D 428 1.33 -35.87 5.70
N LEU D 429 1.77 -34.62 5.50
CA LEU D 429 1.87 -33.69 6.62
C LEU D 429 0.50 -33.40 7.22
N ALA D 430 -0.50 -33.18 6.36
CA ALA D 430 -1.85 -32.96 6.87
C ALA D 430 -2.34 -34.17 7.65
N GLN D 431 -2.10 -35.37 7.13
CA GLN D 431 -2.53 -36.57 7.83
C GLN D 431 -1.85 -36.70 9.19
N MET D 432 -0.53 -36.50 9.24
CA MET D 432 0.20 -36.65 10.49
C MET D 432 -0.22 -35.61 11.51
N PHE D 433 -0.40 -34.36 11.08
CA PHE D 433 -0.76 -33.32 12.03
C PHE D 433 -2.19 -33.49 12.53
N SER D 434 -3.11 -33.92 11.66
CA SER D 434 -4.45 -34.23 12.13
C SER D 434 -4.43 -35.39 13.11
N ASP D 435 -3.59 -36.40 12.86
CA ASP D 435 -3.48 -37.52 13.78
C ASP D 435 -2.94 -37.06 15.13
N MET D 436 -1.92 -36.20 15.14
CA MET D 436 -1.37 -35.76 16.42
C MET D 436 -2.35 -34.88 17.18
N VAL D 437 -3.07 -34.00 16.47
CA VAL D 437 -4.04 -33.13 17.16
C VAL D 437 -5.21 -33.96 17.69
N LEU D 438 -5.63 -34.98 16.95
CA LEU D 438 -6.83 -35.72 17.31
C LEU D 438 -6.53 -36.89 18.23
N LYS D 439 -5.34 -37.49 18.13
CA LYS D 439 -5.03 -38.70 18.89
C LYS D 439 -3.90 -38.52 19.89
N ASP D 440 -2.86 -37.75 19.55
CA ASP D 440 -1.71 -37.62 20.42
C ASP D 440 -1.83 -36.45 21.40
N GLY D 441 -2.88 -35.64 21.29
CA GLY D 441 -3.05 -34.54 22.22
C GLY D 441 -2.30 -33.27 21.87
N PHE D 442 -1.67 -33.22 20.71
CA PHE D 442 -1.03 -31.99 20.26
C PHE D 442 -2.06 -30.88 20.18
N GLN D 443 -1.74 -29.73 20.78
CA GLN D 443 -2.66 -28.59 20.85
C GLN D 443 -1.96 -27.38 20.24
N PRO D 444 -2.09 -27.17 18.93
CA PRO D 444 -1.47 -26.00 18.31
C PRO D 444 -2.04 -24.70 18.87
N SER D 445 -1.15 -23.74 19.13
CA SER D 445 -1.61 -22.41 19.52
C SER D 445 -2.16 -21.65 18.32
N ARG D 446 -1.51 -21.80 17.17
CA ARG D 446 -1.95 -21.19 15.93
C ARG D 446 -2.56 -22.24 15.02
N SER D 447 -3.11 -21.78 13.90
CA SER D 447 -3.70 -22.70 12.95
C SER D 447 -2.69 -23.12 11.89
N ILE D 448 -3.02 -24.18 11.16
CA ILE D 448 -2.19 -24.66 10.06
C ILE D 448 -3.09 -24.80 8.84
N ILE D 449 -2.72 -24.12 7.75
CA ILE D 449 -3.46 -24.20 6.50
C ILE D 449 -2.64 -25.01 5.50
N PHE D 450 -3.25 -26.03 4.93
CA PHE D 450 -2.63 -26.85 3.90
C PHE D 450 -3.26 -26.48 2.56
N ALA D 451 -2.46 -25.90 1.68
CA ALA D 451 -2.95 -25.35 0.42
C ALA D 451 -2.39 -26.15 -0.75
N SER D 452 -3.25 -26.53 -1.68
CA SER D 452 -2.88 -27.27 -2.88
C SER D 452 -3.11 -26.35 -4.07
N TRP D 453 -2.06 -25.64 -4.48
CA TRP D 453 -2.17 -24.64 -5.53
C TRP D 453 -2.34 -25.29 -6.90
N SER D 454 -2.92 -24.54 -7.82
CA SER D 454 -3.03 -24.94 -9.21
C SER D 454 -2.42 -23.87 -10.10
N ALA D 455 -2.15 -24.25 -11.34
CA ALA D 455 -1.54 -23.38 -12.34
C ALA D 455 -0.20 -22.82 -11.86
N GLY D 456 0.54 -23.64 -11.12
CA GLY D 456 1.85 -23.20 -10.65
C GLY D 456 2.89 -23.17 -11.74
N ASP D 457 2.69 -23.94 -12.82
CA ASP D 457 3.64 -23.97 -13.91
C ASP D 457 3.63 -22.69 -14.73
N PHE D 458 2.60 -21.86 -14.59
CA PHE D 458 2.50 -20.60 -15.29
C PHE D 458 2.90 -19.42 -14.41
N GLY D 459 3.71 -19.67 -13.38
CA GLY D 459 4.19 -18.62 -12.52
C GLY D 459 3.43 -18.49 -11.22
N SER D 460 3.18 -19.62 -10.56
CA SER D 460 2.48 -19.65 -9.27
C SER D 460 1.16 -18.89 -9.36
N VAL D 461 0.38 -19.21 -10.40
CA VAL D 461 -0.83 -18.45 -10.66
C VAL D 461 -1.84 -18.62 -9.53
N GLY D 462 -2.05 -19.86 -9.09
CA GLY D 462 -3.03 -20.10 -8.05
C GLY D 462 -2.66 -19.43 -6.74
N ALA D 463 -1.40 -19.57 -6.31
CA ALA D 463 -0.96 -18.96 -5.06
C ALA D 463 -1.06 -17.45 -5.12
N THR D 464 -0.64 -16.86 -6.23
CA THR D 464 -0.66 -15.40 -6.36
C THR D 464 -2.07 -14.87 -6.41
N GLU D 465 -2.97 -15.57 -7.12
CA GLU D 465 -4.36 -15.12 -7.18
C GLU D 465 -5.04 -15.28 -5.82
N TRP D 466 -4.67 -16.31 -5.06
CA TRP D 466 -5.18 -16.42 -3.69
C TRP D 466 -4.67 -15.29 -2.82
N LEU D 467 -3.38 -14.94 -2.96
CA LEU D 467 -2.82 -13.84 -2.16
C LEU D 467 -3.48 -12.52 -2.52
N GLU D 468 -3.74 -12.30 -3.80
CA GLU D 468 -4.38 -11.06 -4.23
C GLU D 468 -5.85 -11.03 -3.82
N GLY D 469 -6.52 -12.18 -3.83
CA GLY D 469 -7.93 -12.20 -3.46
C GLY D 469 -8.15 -11.91 -1.99
N TYR D 470 -7.31 -12.47 -1.13
CA TYR D 470 -7.51 -12.40 0.31
C TYR D 470 -6.41 -11.63 1.01
N LEU D 471 -5.88 -10.58 0.37
CA LEU D 471 -4.78 -9.81 0.95
C LEU D 471 -5.19 -9.18 2.27
N SER D 472 -6.41 -8.63 2.33
CA SER D 472 -6.88 -8.00 3.57
C SER D 472 -7.11 -9.04 4.66
N SER D 473 -7.56 -10.24 4.29
CA SER D 473 -7.80 -11.29 5.28
C SER D 473 -6.49 -11.93 5.75
N LEU D 474 -5.50 -12.04 4.87
CA LEU D 474 -4.22 -12.61 5.25
C LEU D 474 -3.28 -11.62 5.92
N HIS D 475 -3.62 -10.33 5.88
CA HIS D 475 -2.74 -9.29 6.39
C HIS D 475 -2.51 -9.46 7.89
N LEU D 476 -1.26 -9.74 8.26
CA LEU D 476 -0.82 -9.95 9.64
C LEU D 476 -1.52 -11.12 10.32
N LYS D 477 -2.18 -11.98 9.55
CA LYS D 477 -2.76 -13.21 10.06
C LYS D 477 -1.94 -14.44 9.69
N ALA D 478 -1.60 -14.58 8.42
CA ALA D 478 -0.63 -15.58 8.00
C ALA D 478 0.77 -15.04 8.27
N PHE D 479 1.52 -15.74 9.12
CA PHE D 479 2.84 -15.25 9.52
C PHE D 479 3.98 -16.11 9.00
N THR D 480 3.71 -17.17 8.25
CA THR D 480 4.75 -17.96 7.63
C THR D 480 4.14 -18.83 6.55
N TYR D 481 4.85 -18.95 5.43
CA TYR D 481 4.48 -19.87 4.36
C TYR D 481 5.60 -20.88 4.17
N ILE D 482 5.24 -22.16 4.15
CA ILE D 482 6.19 -23.24 3.93
C ILE D 482 5.88 -23.86 2.57
N ASN D 483 6.87 -23.88 1.69
CA ASN D 483 6.70 -24.37 0.33
C ASN D 483 7.30 -25.76 0.21
N LEU D 484 6.49 -26.71 -0.25
CA LEU D 484 6.93 -28.09 -0.40
C LEU D 484 7.24 -28.46 -1.84
N ASP D 485 7.18 -27.51 -2.77
CA ASP D 485 7.43 -27.81 -4.17
C ASP D 485 8.88 -28.20 -4.40
N LYS D 486 9.09 -29.33 -5.06
CA LYS D 486 10.44 -29.81 -5.41
C LYS D 486 11.33 -29.91 -4.18
N ALA D 487 10.77 -30.41 -3.08
CA ALA D 487 11.55 -30.56 -1.86
C ALA D 487 12.51 -31.74 -1.95
N VAL D 488 12.12 -32.80 -2.65
CA VAL D 488 12.99 -33.94 -2.90
C VAL D 488 13.39 -33.88 -4.36
N LEU D 489 14.63 -33.47 -4.60
CA LEU D 489 15.09 -33.24 -5.97
C LEU D 489 16.47 -33.87 -6.17
N GLY D 490 16.86 -34.79 -5.31
CA GLY D 490 18.22 -35.25 -5.21
C GLY D 490 18.48 -35.62 -3.75
N THR D 491 19.74 -35.95 -3.47
CA THR D 491 20.09 -36.33 -2.10
C THR D 491 21.40 -35.77 -1.59
N SER D 492 22.25 -35.17 -2.43
CA SER D 492 23.58 -34.77 -1.98
C SER D 492 23.52 -33.59 -1.01
N ASN D 493 22.78 -32.55 -1.37
CA ASN D 493 22.80 -31.29 -0.63
C ASN D 493 21.41 -30.98 -0.09
N PHE D 494 21.39 -30.23 1.00
CA PHE D 494 20.17 -29.65 1.55
C PHE D 494 20.24 -28.14 1.34
N LYS D 495 19.36 -27.61 0.51
CA LYS D 495 19.40 -26.22 0.09
C LYS D 495 18.18 -25.48 0.62
N VAL D 496 18.40 -24.28 1.15
CA VAL D 496 17.35 -23.46 1.74
C VAL D 496 17.37 -22.09 1.12
N SER D 497 16.20 -21.62 0.69
CA SER D 497 15.99 -20.22 0.32
C SER D 497 14.78 -19.73 1.10
N ALA D 498 14.97 -18.72 1.95
CA ALA D 498 13.93 -18.33 2.88
C ALA D 498 14.14 -16.90 3.31
N SER D 499 13.14 -16.37 4.02
CA SER D 499 13.28 -15.07 4.65
C SER D 499 14.24 -15.15 5.82
N PRO D 500 14.98 -14.08 6.12
CA PRO D 500 15.88 -14.12 7.28
C PRO D 500 15.19 -14.38 8.60
N LEU D 501 13.91 -14.01 8.73
CA LEU D 501 13.18 -14.26 9.97
C LEU D 501 13.14 -15.75 10.30
N LEU D 502 13.25 -16.60 9.30
CA LEU D 502 13.19 -18.05 9.50
C LEU D 502 14.56 -18.69 9.61
N TYR D 503 15.64 -17.91 9.58
CA TYR D 503 16.98 -18.50 9.57
C TYR D 503 17.27 -19.25 10.87
N THR D 504 16.89 -18.68 12.01
CA THR D 504 17.15 -19.35 13.28
C THR D 504 16.35 -20.63 13.40
N LEU D 505 15.09 -20.61 12.97
CA LEU D 505 14.28 -21.82 12.98
C LEU D 505 14.86 -22.88 12.06
N ILE D 506 15.35 -22.47 10.88
CA ILE D 506 15.95 -23.42 9.95
C ILE D 506 17.21 -24.01 10.53
N GLU D 507 18.03 -23.18 11.18
CA GLU D 507 19.26 -23.67 11.79
C GLU D 507 18.97 -24.65 12.92
N LYS D 508 17.96 -24.35 13.74
CA LYS D 508 17.60 -25.26 14.82
C LYS D 508 17.05 -26.58 14.28
N THR D 509 16.26 -26.51 13.21
CA THR D 509 15.75 -27.73 12.59
C THR D 509 16.88 -28.56 11.99
N MET D 510 17.84 -27.90 11.34
CA MET D 510 18.95 -28.61 10.73
C MET D 510 19.79 -29.35 11.78
N GLN D 511 19.93 -28.77 12.97
CA GLN D 511 20.68 -29.41 14.04
C GLN D 511 19.95 -30.60 14.65
N ASN D 512 18.67 -30.77 14.33
CA ASN D 512 17.88 -31.88 14.86
C ASN D 512 17.65 -32.97 13.84
N VAL D 513 17.35 -32.62 12.59
CA VAL D 513 17.00 -33.60 11.57
C VAL D 513 18.26 -34.23 11.02
N LYS D 514 18.31 -35.56 10.98
CA LYS D 514 19.42 -36.27 10.39
C LYS D 514 19.29 -36.28 8.87
N HIS D 515 20.44 -36.38 8.20
CA HIS D 515 20.43 -36.49 6.75
C HIS D 515 19.82 -37.83 6.35
N PRO D 516 19.03 -37.87 5.27
CA PRO D 516 18.39 -39.15 4.89
C PRO D 516 19.36 -40.27 4.59
N VAL D 517 20.50 -39.97 3.98
CA VAL D 517 21.44 -41.02 3.59
C VAL D 517 22.51 -41.18 4.66
N THR D 518 23.28 -40.13 4.92
CA THR D 518 24.28 -40.16 5.96
C THR D 518 23.63 -39.92 7.32
N GLY D 519 24.19 -40.55 8.35
CA GLY D 519 23.63 -40.39 9.69
C GLY D 519 23.85 -39.02 10.30
N GLN D 520 24.64 -38.16 9.65
CA GLN D 520 24.93 -36.85 10.21
C GLN D 520 23.71 -35.94 10.14
N PHE D 521 23.71 -34.93 11.00
CA PHE D 521 22.66 -33.92 10.97
C PHE D 521 22.81 -33.04 9.74
N LEU D 522 21.72 -32.36 9.38
CA LEU D 522 21.77 -31.46 8.23
C LEU D 522 22.69 -30.27 8.47
N TYR D 523 22.81 -29.83 9.72
CA TYR D 523 23.65 -28.69 10.07
C TYR D 523 25.09 -29.15 10.11
N GLN D 524 25.82 -28.91 9.02
CA GLN D 524 27.24 -29.19 8.95
C GLN D 524 28.09 -27.95 8.70
N ASP D 525 27.56 -26.97 7.98
CA ASP D 525 28.28 -25.75 7.67
C ASP D 525 27.78 -24.64 8.60
N SER D 526 28.70 -24.09 9.40
CA SER D 526 28.33 -23.03 10.33
C SER D 526 27.94 -21.76 9.60
N ASN D 527 28.50 -21.53 8.41
CA ASN D 527 28.23 -20.33 7.64
C ASN D 527 27.18 -20.55 6.55
N TRP D 528 26.20 -21.42 6.80
CA TRP D 528 25.18 -21.71 5.80
C TRP D 528 24.32 -20.48 5.51
N ALA D 529 24.10 -19.63 6.51
CA ALA D 529 23.19 -18.51 6.35
C ALA D 529 23.72 -17.49 5.35
N SER D 530 25.04 -17.40 5.20
CA SER D 530 25.63 -16.44 4.28
C SER D 530 25.65 -16.95 2.85
N LYS D 531 25.28 -18.21 2.61
CA LYS D 531 25.23 -18.79 1.28
C LYS D 531 23.81 -19.03 0.80
N VAL D 532 22.80 -18.57 1.53
CA VAL D 532 21.41 -18.80 1.15
C VAL D 532 21.08 -17.97 -0.08
N GLU D 533 20.54 -18.61 -1.10
CA GLU D 533 20.16 -17.90 -2.31
C GLU D 533 18.84 -17.16 -2.10
N LYS D 534 18.73 -15.99 -2.73
CA LYS D 534 17.49 -15.24 -2.71
C LYS D 534 16.39 -16.01 -3.43
N LEU D 535 15.17 -15.92 -2.91
CA LEU D 535 14.03 -16.53 -3.57
C LEU D 535 13.80 -15.88 -4.93
N THR D 536 13.46 -16.69 -5.92
CA THR D 536 13.30 -16.22 -7.29
C THR D 536 11.85 -16.42 -7.74
N LEU D 537 11.55 -15.89 -8.92
CA LEU D 537 10.18 -15.90 -9.43
C LEU D 537 9.64 -17.31 -9.61
N ASP D 538 10.52 -18.28 -9.89
CA ASP D 538 10.07 -19.65 -10.12
C ASP D 538 9.58 -20.34 -8.86
N ASN D 539 9.78 -19.74 -7.69
CA ASN D 539 9.41 -20.35 -6.42
C ASN D 539 8.09 -19.76 -5.95
N ALA D 540 7.18 -20.63 -5.52
CA ALA D 540 5.87 -20.19 -5.03
C ALA D 540 5.96 -19.42 -3.72
N ALA D 541 7.08 -19.52 -2.99
CA ALA D 541 7.26 -18.73 -1.77
C ALA D 541 7.58 -17.28 -2.08
N PHE D 542 8.07 -17.00 -3.29
CA PHE D 542 8.40 -15.63 -3.66
C PHE D 542 7.20 -14.68 -3.62
N PRO D 543 6.02 -15.04 -4.15
CA PRO D 543 4.86 -14.15 -3.97
C PRO D 543 4.51 -13.92 -2.51
N PHE D 544 4.65 -14.94 -1.66
CA PHE D 544 4.31 -14.77 -0.25
C PHE D 544 5.26 -13.81 0.43
N LEU D 545 6.56 -13.89 0.10
CA LEU D 545 7.53 -13.03 0.78
C LEU D 545 7.54 -11.63 0.17
N ALA D 546 7.79 -11.54 -1.13
CA ALA D 546 7.99 -10.25 -1.78
C ALA D 546 6.72 -9.43 -1.92
N TYR D 547 5.57 -10.08 -2.11
CA TYR D 547 4.33 -9.35 -2.35
C TYR D 547 3.52 -9.16 -1.07
N SER D 548 3.20 -10.26 -0.39
CA SER D 548 2.35 -10.19 0.79
C SER D 548 3.10 -9.84 2.07
N GLY D 549 4.43 -9.90 2.06
CA GLY D 549 5.18 -9.64 3.27
C GLY D 549 5.07 -10.73 4.31
N ILE D 550 4.71 -11.94 3.89
CA ILE D 550 4.63 -13.09 4.79
C ILE D 550 5.96 -13.83 4.72
N PRO D 551 6.64 -14.06 5.84
CA PRO D 551 7.89 -14.83 5.79
C PRO D 551 7.68 -16.19 5.14
N ALA D 552 8.59 -16.56 4.26
CA ALA D 552 8.43 -17.77 3.47
C ALA D 552 9.72 -18.57 3.48
N VAL D 553 9.58 -19.89 3.43
CA VAL D 553 10.72 -20.80 3.41
C VAL D 553 10.52 -21.83 2.31
N SER D 554 11.57 -22.04 1.52
CA SER D 554 11.61 -23.12 0.53
C SER D 554 12.90 -23.90 0.72
N PHE D 555 12.77 -25.22 0.82
CA PHE D 555 13.92 -26.08 1.02
C PHE D 555 13.86 -27.23 0.02
N CYS D 556 15.01 -27.83 -0.22
CA CYS D 556 15.07 -28.97 -1.13
C CYS D 556 16.27 -29.83 -0.80
N PHE D 557 16.13 -31.13 -1.07
CA PHE D 557 17.27 -32.05 -1.11
C PHE D 557 17.67 -32.20 -2.56
N CYS D 558 18.79 -31.60 -2.93
CA CYS D 558 19.16 -31.49 -4.33
C CYS D 558 20.61 -31.89 -4.53
N GLU D 559 20.98 -32.14 -5.78
CA GLU D 559 22.35 -32.40 -6.15
C GLU D 559 23.04 -31.08 -6.50
N ASP D 560 24.29 -31.17 -6.97
CA ASP D 560 25.01 -29.97 -7.38
C ASP D 560 24.51 -29.43 -8.71
N THR D 561 23.76 -30.23 -9.47
CA THR D 561 23.25 -29.82 -10.76
C THR D 561 21.73 -29.80 -10.75
N ASP D 562 21.15 -29.04 -11.67
CA ASP D 562 19.70 -28.96 -11.78
C ASP D 562 19.12 -30.32 -12.17
N TYR D 563 17.89 -30.56 -11.75
CA TYR D 563 17.21 -31.79 -12.11
C TYR D 563 16.95 -31.80 -13.61
N PRO D 564 17.43 -32.79 -14.35
CA PRO D 564 17.36 -32.68 -15.82
C PRO D 564 15.96 -32.86 -16.37
N TYR D 565 15.15 -33.73 -15.76
CA TYR D 565 13.83 -34.03 -16.28
C TYR D 565 12.77 -33.07 -15.79
N LEU D 566 13.15 -32.07 -14.99
CA LEU D 566 12.18 -31.18 -14.39
C LEU D 566 11.58 -30.27 -15.45
N GLY D 567 10.27 -30.39 -15.67
CA GLY D 567 9.59 -29.61 -16.69
C GLY D 567 9.45 -30.29 -18.03
N THR D 568 9.80 -31.56 -18.14
CA THR D 568 9.74 -32.32 -19.38
C THR D 568 8.69 -33.41 -19.27
N THR D 569 8.59 -34.22 -20.33
CA THR D 569 7.69 -35.37 -20.32
C THR D 569 8.33 -36.60 -19.68
N MET D 570 9.61 -36.55 -19.35
CA MET D 570 10.28 -37.65 -18.67
C MET D 570 10.34 -37.46 -17.16
N ASP D 571 9.64 -36.46 -16.63
CA ASP D 571 9.59 -36.26 -15.19
C ASP D 571 8.60 -37.24 -14.58
N THR D 572 8.81 -38.52 -14.84
CA THR D 572 7.93 -39.58 -14.35
C THR D 572 8.40 -40.05 -12.97
N TYR D 573 7.55 -40.85 -12.32
CA TYR D 573 7.93 -41.42 -11.04
C TYR D 573 9.05 -42.43 -11.20
N LYS D 574 9.08 -43.14 -12.33
CA LYS D 574 10.13 -44.12 -12.57
C LYS D 574 11.50 -43.45 -12.61
N GLU D 575 11.60 -42.31 -13.30
CA GLU D 575 12.86 -41.59 -13.35
C GLU D 575 13.26 -41.08 -11.96
N LEU D 576 12.30 -40.61 -11.18
CA LEU D 576 12.60 -40.12 -9.84
C LEU D 576 13.11 -41.23 -8.94
N ILE D 577 12.48 -42.40 -9.01
CA ILE D 577 12.90 -43.50 -8.14
C ILE D 577 14.20 -44.11 -8.64
N GLU D 578 14.50 -43.97 -9.93
CA GLU D 578 15.80 -44.44 -10.43
C GLU D 578 16.91 -43.49 -10.02
N ARG D 579 16.68 -42.18 -10.13
CA ARG D 579 17.70 -41.20 -9.77
C ARG D 579 17.89 -41.11 -8.27
N ILE D 580 16.84 -41.34 -7.49
CA ILE D 580 16.91 -41.23 -6.04
C ILE D 580 16.42 -42.55 -5.43
N PRO D 581 17.24 -43.60 -5.40
CA PRO D 581 16.89 -44.77 -4.61
C PRO D 581 16.83 -44.39 -3.14
N GLU D 582 16.00 -45.11 -2.39
CA GLU D 582 15.62 -44.70 -1.03
C GLU D 582 14.96 -43.33 -1.05
N LEU D 583 14.09 -43.10 -2.03
CA LEU D 583 13.31 -41.87 -2.09
C LEU D 583 12.40 -41.73 -0.89
N ASN D 584 11.99 -42.85 -0.30
CA ASN D 584 11.12 -42.80 0.88
C ASN D 584 11.82 -42.09 2.04
N LYS D 585 13.10 -42.38 2.26
CA LYS D 585 13.80 -41.76 3.38
C LYS D 585 14.05 -40.28 3.13
N VAL D 586 14.35 -39.89 1.89
CA VAL D 586 14.55 -38.47 1.59
C VAL D 586 13.25 -37.71 1.75
N ALA D 587 12.15 -38.28 1.28
CA ALA D 587 10.84 -37.65 1.47
C ALA D 587 10.48 -37.58 2.95
N ARG D 588 10.85 -38.61 3.71
CA ARG D 588 10.62 -38.59 5.16
C ARG D 588 11.41 -37.46 5.82
N ALA D 589 12.65 -37.25 5.39
CA ALA D 589 13.45 -36.17 5.95
C ALA D 589 12.87 -34.80 5.59
N ALA D 590 12.41 -34.64 4.34
CA ALA D 590 11.79 -33.39 3.94
C ALA D 590 10.51 -33.13 4.74
N ALA D 591 9.68 -34.15 4.91
CA ALA D 591 8.49 -34.00 5.73
C ALA D 591 8.85 -33.76 7.18
N GLU D 592 9.98 -34.28 7.65
CA GLU D 592 10.41 -34.05 9.02
C GLU D 592 10.79 -32.60 9.24
N VAL D 593 11.57 -32.03 8.32
CA VAL D 593 11.96 -30.63 8.49
C VAL D 593 10.74 -29.73 8.36
N ALA D 594 9.82 -30.04 7.43
CA ALA D 594 8.61 -29.24 7.30
C ALA D 594 7.71 -29.37 8.53
N GLY D 595 7.57 -30.58 9.07
CA GLY D 595 6.74 -30.76 10.25
C GLY D 595 7.32 -30.10 11.47
N GLN D 596 8.64 -30.14 11.62
CA GLN D 596 9.28 -29.44 12.72
C GLN D 596 9.13 -27.92 12.56
N PHE D 597 9.21 -27.43 11.31
CA PHE D 597 8.88 -26.03 11.06
C PHE D 597 7.49 -25.70 11.57
N VAL D 598 6.50 -26.50 11.19
CA VAL D 598 5.11 -26.23 11.56
C VAL D 598 4.94 -26.29 13.08
N ILE D 599 5.51 -27.32 13.70
CA ILE D 599 5.36 -27.50 15.14
C ILE D 599 5.99 -26.33 15.90
N LYS D 600 7.21 -25.94 15.51
CA LYS D 600 7.90 -24.91 16.27
C LYS D 600 7.34 -23.52 15.97
N LEU D 601 6.72 -23.35 14.80
CA LEU D 601 6.05 -22.09 14.50
C LEU D 601 4.67 -22.00 15.13
N THR D 602 4.09 -23.13 15.50
CA THR D 602 2.69 -23.17 15.89
C THR D 602 2.46 -23.54 17.36
N HIS D 603 3.30 -24.37 17.95
CA HIS D 603 3.07 -24.82 19.32
C HIS D 603 3.61 -23.84 20.34
N ASP D 604 4.77 -23.26 20.08
CA ASP D 604 5.42 -22.41 21.08
C ASP D 604 4.60 -21.16 21.35
N VAL D 605 4.76 -20.61 22.56
CA VAL D 605 4.15 -19.33 22.88
C VAL D 605 4.82 -18.21 22.09
N GLU D 606 6.05 -18.44 21.63
CA GLU D 606 6.74 -17.50 20.76
C GLU D 606 6.70 -17.99 19.32
N LEU D 607 6.72 -17.04 18.39
CA LEU D 607 6.55 -17.37 16.98
C LEU D 607 7.77 -18.04 16.37
N ASN D 608 8.93 -17.96 17.04
CA ASN D 608 10.19 -18.46 16.51
C ASN D 608 10.59 -17.74 15.22
N LEU D 609 10.20 -16.48 15.09
CA LEU D 609 10.65 -15.62 14.00
C LEU D 609 11.76 -14.72 14.52
N ASP D 610 12.91 -14.72 13.84
CA ASP D 610 14.10 -14.03 14.33
C ASP D 610 14.24 -12.69 13.60
N TYR D 611 13.68 -11.66 14.22
CA TYR D 611 13.83 -10.31 13.69
C TYR D 611 15.27 -9.83 13.75
N GLU D 612 16.09 -10.42 14.62
CA GLU D 612 17.49 -10.03 14.73
C GLU D 612 18.31 -10.46 13.53
N ARG D 613 17.77 -11.33 12.69
CA ARG D 613 18.51 -11.78 11.51
C ARG D 613 18.57 -10.72 10.42
N TYR D 614 17.72 -9.69 10.50
CA TYR D 614 17.76 -8.61 9.52
C TYR D 614 18.86 -7.62 9.85
N ASN D 615 19.46 -7.70 11.04
CA ASN D 615 20.64 -6.89 11.32
C ASN D 615 21.78 -7.26 10.38
N SER D 616 21.96 -8.55 10.10
CA SER D 616 22.96 -8.98 9.15
C SER D 616 22.65 -8.47 7.74
N GLN D 617 21.36 -8.49 7.35
CA GLN D 617 20.99 -7.99 6.05
C GLN D 617 21.28 -6.50 5.92
N LEU D 618 20.97 -5.72 6.95
CA LEU D 618 21.24 -4.29 6.92
C LEU D 618 22.74 -4.02 6.93
N LEU D 619 23.51 -4.79 7.69
CA LEU D 619 24.96 -4.65 7.67
C LEU D 619 25.52 -4.95 6.28
N SER D 620 25.00 -6.00 5.64
CA SER D 620 25.45 -6.33 4.30
C SER D 620 25.11 -5.23 3.30
N PHE D 621 23.91 -4.66 3.42
CA PHE D 621 23.52 -3.56 2.55
C PHE D 621 24.43 -2.35 2.76
N VAL D 622 24.74 -2.03 4.02
CA VAL D 622 25.60 -0.89 4.31
C VAL D 622 27.01 -1.15 3.79
N ARG D 623 27.50 -2.38 3.92
CA ARG D 623 28.82 -2.72 3.40
C ARG D 623 28.87 -2.60 1.88
N ASP D 624 27.81 -3.05 1.21
CA ASP D 624 27.76 -2.92 -0.25
C ASP D 624 27.68 -1.46 -0.67
N LEU D 625 26.93 -0.65 0.08
CA LEU D 625 26.79 0.76 -0.26
C LEU D 625 28.05 1.54 0.05
N ASN D 626 28.87 1.06 0.98
CA ASN D 626 30.13 1.74 1.30
C ASN D 626 31.14 1.66 0.16
N GLN D 627 30.91 0.79 -0.82
CA GLN D 627 31.80 0.73 -1.97
C GLN D 627 31.68 1.96 -2.86
N TYR D 628 30.58 2.71 -2.74
CA TYR D 628 30.35 3.90 -3.55
C TYR D 628 30.31 5.16 -2.72
N ARG D 629 31.10 5.22 -1.64
CA ARG D 629 31.12 6.41 -0.81
C ARG D 629 31.67 7.62 -1.58
N ALA D 630 32.65 7.39 -2.46
CA ALA D 630 33.16 8.49 -3.28
C ALA D 630 32.08 9.04 -4.20
N ASP D 631 31.32 8.15 -4.84
CA ASP D 631 30.25 8.60 -5.73
C ASP D 631 29.16 9.33 -4.96
N ILE D 632 28.82 8.84 -3.76
CA ILE D 632 27.80 9.49 -2.95
C ILE D 632 28.29 10.85 -2.47
N LYS D 633 29.58 10.98 -2.17
CA LYS D 633 30.15 12.25 -1.76
C LYS D 633 30.26 13.23 -2.91
N GLU D 634 30.44 12.74 -4.14
CA GLU D 634 30.45 13.63 -5.30
C GLU D 634 29.12 14.36 -5.44
N MET D 635 28.02 13.64 -5.26
CA MET D 635 26.73 14.28 -5.08
C MET D 635 26.63 14.87 -3.68
N GLY D 636 25.65 15.74 -3.48
CA GLY D 636 25.50 16.37 -2.18
C GLY D 636 24.79 15.49 -1.17
N LEU D 637 25.17 14.22 -1.12
CA LEU D 637 24.49 13.23 -0.29
C LEU D 637 25.40 12.74 0.82
N SER D 638 24.80 12.03 1.77
CA SER D 638 25.51 11.44 2.90
C SER D 638 24.87 10.12 3.26
N LEU D 639 25.67 9.24 3.87
CA LEU D 639 25.19 7.94 4.31
C LEU D 639 24.92 7.89 5.81
N GLN D 640 25.00 9.02 6.51
N GLN D 640 25.00 9.02 6.51
CA GLN D 640 24.79 9.00 7.96
CA GLN D 640 24.79 9.03 7.96
C GLN D 640 23.38 8.58 8.32
N TRP D 641 22.40 8.90 7.48
CA TRP D 641 21.03 8.53 7.80
C TRP D 641 20.81 7.03 7.67
N LEU D 642 21.47 6.39 6.70
CA LEU D 642 21.36 4.94 6.58
C LEU D 642 22.13 4.24 7.69
N TYR D 643 23.28 4.78 8.09
CA TYR D 643 23.99 4.24 9.25
C TYR D 643 23.13 4.33 10.50
N SER D 644 22.50 5.49 10.71
CA SER D 644 21.63 5.66 11.86
C SER D 644 20.43 4.73 11.78
N ALA D 645 19.90 4.50 10.58
CA ALA D 645 18.78 3.58 10.42
C ALA D 645 19.18 2.15 10.78
N ARG D 646 20.37 1.73 10.35
CA ARG D 646 20.85 0.40 10.71
C ARG D 646 21.01 0.27 12.22
N GLY D 647 21.64 1.25 12.86
CA GLY D 647 21.78 1.22 14.31
C GLY D 647 20.46 1.25 15.03
N ASP D 648 19.51 2.05 14.54
CA ASP D 648 18.19 2.13 15.15
C ASP D 648 17.44 0.81 15.02
N PHE D 649 17.56 0.14 13.88
CA PHE D 649 16.93 -1.16 13.73
C PHE D 649 17.53 -2.17 14.69
N PHE D 650 18.86 -2.16 14.83
CA PHE D 650 19.46 -3.06 15.81
C PHE D 650 18.98 -2.77 17.22
N ARG D 651 18.89 -1.48 17.56
CA ARG D 651 18.43 -1.10 18.90
C ARG D 651 16.99 -1.53 19.12
N ALA D 652 16.15 -1.42 18.08
CA ALA D 652 14.77 -1.86 18.19
C ALA D 652 14.70 -3.37 18.41
N THR D 653 15.50 -4.14 17.68
CA THR D 653 15.51 -5.59 17.87
C THR D 653 15.99 -5.96 19.26
N SER D 654 17.02 -5.28 19.76
CA SER D 654 17.48 -5.55 21.12
C SER D 654 16.43 -5.20 22.15
N ARG D 655 15.71 -4.09 21.95
CA ARG D 655 14.62 -3.73 22.85
C ARG D 655 13.54 -4.80 22.84
N LEU D 656 13.20 -5.31 21.65
CA LEU D 656 12.18 -6.34 21.56
C LEU D 656 12.62 -7.62 22.25
N THR D 657 13.89 -8.00 22.10
CA THR D 657 14.37 -9.20 22.78
C THR D 657 14.35 -9.02 24.28
N THR D 658 14.71 -7.83 24.77
CA THR D 658 14.62 -7.55 26.20
C THR D 658 13.18 -7.63 26.69
N ASP D 659 12.24 -7.09 25.90
CA ASP D 659 10.82 -7.18 26.27
C ASP D 659 10.36 -8.62 26.32
N PHE D 660 10.79 -9.44 25.35
CA PHE D 660 10.42 -10.85 25.36
C PHE D 660 10.98 -11.56 26.58
N GLY D 661 12.23 -11.27 26.94
CA GLY D 661 12.82 -11.89 28.11
C GLY D 661 12.14 -11.46 29.40
N ASN D 662 11.72 -10.20 29.49
CA ASN D 662 11.07 -9.72 30.69
C ASN D 662 9.64 -10.21 30.82
N ALA D 663 8.95 -10.41 29.69
CA ALA D 663 7.54 -10.77 29.73
C ALA D 663 7.35 -12.17 30.27
N GLU D 664 6.27 -12.35 31.05
CA GLU D 664 5.91 -13.67 31.54
C GLU D 664 5.25 -14.48 30.42
N LYS D 665 5.72 -15.71 30.24
CA LYS D 665 5.21 -16.54 29.16
C LYS D 665 3.73 -16.86 29.32
N THR D 666 3.28 -17.06 30.56
CA THR D 666 1.89 -17.43 30.80
C THR D 666 0.94 -16.26 30.58
N ASP D 667 1.45 -15.02 30.52
CA ASP D 667 0.61 -13.85 30.30
C ASP D 667 0.31 -13.78 28.81
N ARG D 668 -0.92 -14.16 28.44
CA ARG D 668 -1.25 -14.29 27.03
C ARG D 668 -1.37 -12.94 26.34
N PHE D 669 -1.71 -11.89 27.09
CA PHE D 669 -1.93 -10.57 26.50
C PHE D 669 -0.62 -9.93 26.04
N VAL D 670 0.35 -9.82 26.96
CA VAL D 670 1.62 -9.16 26.62
C VAL D 670 2.34 -9.96 25.55
N MET D 671 2.22 -11.29 25.59
CA MET D 671 2.84 -12.10 24.55
C MET D 671 2.14 -11.92 23.23
N LYS D 672 0.82 -11.70 23.25
CA LYS D 672 0.14 -11.36 22.00
C LYS D 672 0.66 -10.05 21.43
N LYS D 673 0.86 -9.05 22.30
CA LYS D 673 1.38 -7.76 21.83
C LYS D 673 2.76 -7.93 21.21
N LEU D 674 3.64 -8.65 21.89
CA LEU D 674 4.99 -8.86 21.38
C LEU D 674 4.98 -9.66 20.08
N ASN D 675 4.11 -10.67 19.99
CA ASN D 675 4.04 -11.46 18.76
C ASN D 675 3.47 -10.66 17.61
N ASP D 676 2.57 -9.71 17.89
CA ASP D 676 2.11 -8.81 16.83
C ASP D 676 3.23 -7.91 16.36
N ARG D 677 4.03 -7.40 17.30
CA ARG D 677 5.20 -6.61 16.92
C ARG D 677 6.14 -7.43 16.04
N VAL D 678 6.31 -8.71 16.34
CA VAL D 678 7.14 -9.58 15.52
C VAL D 678 6.52 -9.82 14.16
N MET D 679 5.19 -9.99 14.11
CA MET D 679 4.52 -10.27 12.86
C MET D 679 4.53 -9.09 11.90
N ARG D 680 4.64 -7.88 12.44
CA ARG D 680 4.70 -6.71 11.56
C ARG D 680 6.07 -6.50 10.94
N VAL D 681 7.09 -7.27 11.36
CA VAL D 681 8.46 -7.00 10.94
C VAL D 681 8.61 -7.15 9.42
N GLU D 682 8.13 -8.27 8.88
CA GLU D 682 8.29 -8.51 7.45
C GLU D 682 7.41 -7.58 6.63
N TYR D 683 6.21 -7.27 7.15
CA TYR D 683 5.32 -6.37 6.43
C TYR D 683 5.89 -4.97 6.34
N HIS D 684 6.62 -4.53 7.37
CA HIS D 684 7.17 -3.18 7.34
C HIS D 684 8.31 -3.02 6.34
N PHE D 685 8.79 -4.10 5.74
CA PHE D 685 9.81 -4.01 4.70
C PHE D 685 9.22 -3.96 3.30
N LEU D 686 7.90 -4.08 3.16
CA LEU D 686 7.27 -3.80 1.89
C LEU D 686 7.28 -2.29 1.65
N SER D 687 7.62 -1.89 0.43
CA SER D 687 7.73 -0.47 0.13
C SER D 687 6.37 0.19 0.18
N PRO D 688 6.15 1.17 1.05
CA PRO D 688 4.87 1.87 1.10
C PRO D 688 4.72 2.99 0.09
N TYR D 689 5.60 3.06 -0.91
CA TYR D 689 5.62 4.18 -1.84
C TYR D 689 5.38 3.76 -3.28
N VAL D 690 5.27 2.48 -3.57
CA VAL D 690 5.04 2.00 -4.93
C VAL D 690 3.65 1.41 -5.02
N SER D 691 3.12 1.37 -6.22
CA SER D 691 1.80 0.80 -6.45
C SER D 691 1.88 -0.71 -6.34
N PRO D 692 1.10 -1.35 -5.46
CA PRO D 692 1.07 -2.81 -5.43
C PRO D 692 0.54 -3.44 -6.70
N LYS D 693 -0.13 -2.67 -7.55
CA LYS D 693 -0.61 -3.20 -8.83
C LYS D 693 0.49 -3.20 -9.87
N GLU D 694 1.17 -2.07 -10.06
CA GLU D 694 2.23 -1.97 -11.05
C GLU D 694 3.52 -2.64 -10.58
N SER D 695 3.79 -2.63 -9.29
CA SER D 695 4.99 -3.23 -8.71
C SER D 695 4.55 -4.18 -7.60
N PRO D 696 4.11 -5.39 -7.95
CA PRO D 696 3.57 -6.30 -6.92
C PRO D 696 4.56 -6.64 -5.84
N PHE D 697 5.84 -6.79 -6.18
CA PHE D 697 6.86 -7.25 -5.25
C PHE D 697 7.49 -6.05 -4.56
N ARG D 698 6.79 -5.59 -3.52
CA ARG D 698 7.14 -4.33 -2.86
C ARG D 698 8.24 -4.51 -1.83
N HIS D 699 8.65 -5.73 -1.52
CA HIS D 699 9.67 -5.95 -0.51
C HIS D 699 10.98 -5.31 -0.94
N VAL D 700 11.56 -4.48 -0.08
CA VAL D 700 12.75 -3.73 -0.47
C VAL D 700 13.97 -4.62 -0.50
N PHE D 701 13.92 -5.77 0.17
CA PHE D 701 15.03 -6.71 0.13
C PHE D 701 14.87 -7.74 -0.97
N TRP D 702 13.68 -8.35 -1.06
CA TRP D 702 13.47 -9.52 -1.91
C TRP D 702 12.53 -9.26 -3.07
N GLY D 703 12.02 -8.04 -3.22
CA GLY D 703 11.12 -7.74 -4.31
C GLY D 703 11.86 -7.45 -5.59
N SER D 704 11.10 -7.04 -6.59
CA SER D 704 11.63 -6.67 -7.90
C SER D 704 11.12 -5.28 -8.26
N GLY D 705 12.04 -4.42 -8.69
CA GLY D 705 11.70 -3.07 -9.07
C GLY D 705 12.73 -2.07 -8.56
N SER D 706 12.55 -0.83 -9.00
CA SER D 706 13.47 0.24 -8.62
C SER D 706 13.38 0.61 -7.15
N HIS D 707 12.35 0.12 -6.45
CA HIS D 707 12.17 0.41 -5.03
C HIS D 707 13.04 -0.45 -4.13
N THR D 708 13.67 -1.49 -4.67
CA THR D 708 14.45 -2.40 -3.85
C THR D 708 15.88 -1.86 -3.67
N LEU D 709 16.52 -2.32 -2.60
CA LEU D 709 17.90 -1.98 -2.30
C LEU D 709 18.87 -2.45 -3.39
N PRO D 710 18.72 -3.68 -3.91
CA PRO D 710 19.58 -4.06 -5.04
C PRO D 710 19.45 -3.15 -6.25
N ALA D 711 18.25 -2.63 -6.52
CA ALA D 711 18.09 -1.67 -7.61
C ALA D 711 18.84 -0.39 -7.34
N LEU D 712 18.81 0.08 -6.09
CA LEU D 712 19.59 1.26 -5.71
C LEU D 712 21.08 1.02 -5.94
N LEU D 713 21.57 -0.16 -5.53
CA LEU D 713 22.98 -0.47 -5.73
C LEU D 713 23.32 -0.57 -7.22
N GLU D 714 22.41 -1.13 -8.02
CA GLU D 714 22.65 -1.23 -9.45
C GLU D 714 22.74 0.15 -10.10
N ASN D 715 21.84 1.06 -9.71
CA ASN D 715 21.88 2.42 -10.24
C ASN D 715 23.18 3.12 -9.85
N LEU D 716 23.59 2.96 -8.59
CA LEU D 716 24.83 3.59 -8.15
C LEU D 716 26.04 3.00 -8.86
N LYS D 717 26.04 1.68 -9.10
CA LYS D 717 27.10 1.06 -9.87
C LYS D 717 27.13 1.58 -11.29
N LEU D 718 25.96 1.82 -11.88
CA LEU D 718 25.90 2.45 -13.19
C LEU D 718 26.56 3.82 -13.16
N ARG D 719 26.36 4.58 -12.09
CA ARG D 719 27.07 5.85 -11.95
C ARG D 719 28.58 5.62 -11.91
N LYS D 720 29.01 4.60 -11.17
CA LYS D 720 30.44 4.34 -11.04
C LYS D 720 31.08 4.02 -12.39
N GLN D 721 30.40 3.21 -13.21
CA GLN D 721 30.94 2.84 -14.51
C GLN D 721 30.93 3.99 -15.51
N ASN D 722 30.26 5.09 -15.21
CA ASN D 722 30.18 6.26 -16.10
C ASN D 722 29.63 5.87 -17.47
N ASN D 723 28.67 4.95 -17.49
CA ASN D 723 28.09 4.49 -18.74
C ASN D 723 27.13 5.51 -19.34
N GLY D 724 26.67 6.48 -18.56
CA GLY D 724 25.68 7.42 -19.00
C GLY D 724 24.24 7.00 -18.75
N ALA D 725 24.03 5.76 -18.31
CA ALA D 725 22.69 5.27 -17.99
C ALA D 725 22.29 5.58 -16.56
N PHE D 726 23.18 6.17 -15.76
CA PHE D 726 22.84 6.54 -14.39
C PHE D 726 21.81 7.64 -14.38
N ASN D 727 20.82 7.51 -13.51
CA ASN D 727 19.75 8.49 -13.36
C ASN D 727 19.93 9.17 -12.00
N GLU D 728 20.30 10.44 -12.02
CA GLU D 728 20.55 11.19 -10.80
C GLU D 728 19.30 11.31 -9.93
N THR D 729 18.20 11.78 -10.53
CA THR D 729 16.97 12.00 -9.78
C THR D 729 16.41 10.68 -9.26
N LEU D 730 16.45 9.64 -10.10
CA LEU D 730 15.96 8.34 -9.66
C LEU D 730 16.77 7.83 -8.48
N PHE D 731 18.09 7.99 -8.52
CA PHE D 731 18.90 7.52 -7.40
C PHE D 731 18.62 8.31 -6.14
N ARG D 732 18.45 9.63 -6.26
CA ARG D 732 18.17 10.43 -5.06
C ARG D 732 16.85 10.00 -4.43
N ASN D 733 15.82 9.78 -5.25
CA ASN D 733 14.56 9.29 -4.73
C ASN D 733 14.70 7.91 -4.13
N GLN D 734 15.48 7.04 -4.78
CA GLN D 734 15.70 5.69 -4.25
C GLN D 734 16.36 5.73 -2.89
N LEU D 735 17.39 6.57 -2.75
CA LEU D 735 18.10 6.68 -1.48
C LEU D 735 17.16 7.19 -0.38
N ALA D 736 16.38 8.23 -0.69
CA ALA D 736 15.44 8.76 0.28
C ALA D 736 14.45 7.69 0.72
N LEU D 737 13.82 7.02 -0.24
CA LEU D 737 12.77 6.06 0.09
C LEU D 737 13.31 4.84 0.81
N ALA D 738 14.48 4.35 0.41
CA ALA D 738 15.08 3.21 1.09
C ALA D 738 15.46 3.57 2.52
N THR D 739 16.09 4.74 2.70
CA THR D 739 16.46 5.17 4.03
C THR D 739 15.24 5.26 4.93
N TRP D 740 14.15 5.86 4.42
CA TRP D 740 13.00 5.99 5.30
C TRP D 740 12.23 4.69 5.47
N THR D 741 12.28 3.77 4.50
CA THR D 741 11.67 2.47 4.72
C THR D 741 12.37 1.74 5.86
N ILE D 742 13.70 1.75 5.85
CA ILE D 742 14.43 1.09 6.94
C ILE D 742 14.18 1.81 8.27
N GLN D 743 14.19 3.15 8.25
CA GLN D 743 13.98 3.89 9.49
C GLN D 743 12.57 3.68 10.03
N GLY D 744 11.56 3.62 9.15
CA GLY D 744 10.21 3.36 9.60
C GLY D 744 10.03 1.96 10.14
N ALA D 745 10.69 0.98 9.53
CA ALA D 745 10.67 -0.37 10.07
C ALA D 745 11.27 -0.38 11.47
N ALA D 746 12.41 0.30 11.64
CA ALA D 746 13.03 0.38 12.96
C ALA D 746 12.10 1.06 13.98
N ASN D 747 11.46 2.15 13.56
CA ASN D 747 10.59 2.90 14.47
C ASN D 747 9.38 2.08 14.88
N ALA D 748 8.78 1.36 13.93
CA ALA D 748 7.64 0.53 14.26
C ALA D 748 8.03 -0.64 15.14
N LEU D 749 9.23 -1.18 14.94
CA LEU D 749 9.69 -2.29 15.79
C LEU D 749 10.05 -1.80 17.19
N SER D 750 10.46 -0.54 17.33
CA SER D 750 10.91 -0.05 18.62
C SER D 750 9.80 -0.05 19.66
N GLY D 751 8.59 0.34 19.27
CA GLY D 751 7.48 0.37 20.19
C GLY D 751 6.46 1.45 19.91
N ASP D 752 6.05 2.17 20.95
CA ASP D 752 5.06 3.23 20.78
C ASP D 752 5.67 4.45 20.11
N VAL D 753 4.81 5.26 19.50
CA VAL D 753 5.28 6.40 18.71
C VAL D 753 5.97 7.43 19.58
N TRP D 754 5.58 7.54 20.85
CA TRP D 754 6.23 8.52 21.71
C TRP D 754 7.57 8.04 22.23
N ASP D 755 7.87 6.75 22.11
CA ASP D 755 9.13 6.21 22.59
C ASP D 755 10.25 6.31 21.58
N ILE D 756 9.96 6.71 20.34
CA ILE D 756 11.00 6.87 19.34
C ILE D 756 11.92 8.00 19.75
N ASP D 757 13.24 7.80 19.57
CA ASP D 757 14.22 8.77 20.04
C ASP D 757 14.05 10.12 19.35
N ASN D 758 13.79 10.12 18.05
CA ASN D 758 13.55 11.35 17.31
C ASN D 758 12.47 11.14 16.25
#